data_2DNQ
#
_entry.id   2DNQ
#
_entity_poly.entity_id   1
_entity_poly.type   'polypeptide(L)'
_entity_poly.pdbx_seq_one_letter_code
;GSSGSSGMVKLFIGNLPREATEQEIRSLFEQYGKVLECDIIKNYGFVHIEDKTAAEDAIRNLHHYKLHGVNINVEASKNK
SKASSGPSSG
;
_entity_poly.pdbx_strand_id   A
#
# COMPACT_ATOMS: atom_id res chain seq x y z
N GLY A 1 14.50 -2.40 2.90
CA GLY A 1 14.86 -3.73 3.37
C GLY A 1 16.21 -4.19 2.83
N SER A 2 16.84 -5.13 3.53
CA SER A 2 18.13 -5.65 3.11
C SER A 2 17.97 -6.95 2.35
N SER A 3 17.38 -7.95 3.00
CA SER A 3 17.17 -9.25 2.38
C SER A 3 16.62 -9.09 0.96
N GLY A 4 15.66 -8.19 0.80
CA GLY A 4 15.07 -7.96 -0.50
C GLY A 4 15.93 -7.08 -1.39
N SER A 5 15.39 -6.67 -2.52
CA SER A 5 16.12 -5.82 -3.46
C SER A 5 15.26 -4.65 -3.92
N SER A 6 14.04 -4.96 -4.33
CA SER A 6 13.11 -3.93 -4.80
C SER A 6 13.01 -2.77 -3.80
N GLY A 7 12.67 -3.12 -2.55
CA GLY A 7 12.56 -2.10 -1.52
C GLY A 7 11.12 -1.81 -1.16
N MET A 8 10.84 -0.57 -0.77
CA MET A 8 9.49 -0.16 -0.40
C MET A 8 8.49 -0.58 -1.45
N VAL A 9 7.22 -0.68 -1.06
CA VAL A 9 6.15 -1.06 -1.98
C VAL A 9 4.95 -0.14 -1.85
N LYS A 10 4.60 0.53 -2.95
CA LYS A 10 3.46 1.43 -2.95
C LYS A 10 2.15 0.67 -2.83
N LEU A 11 1.13 1.32 -2.26
CA LEU A 11 -0.17 0.71 -2.08
C LEU A 11 -1.29 1.65 -2.50
N PHE A 12 -2.26 1.12 -3.23
CA PHE A 12 -3.39 1.91 -3.69
C PHE A 12 -4.61 1.72 -2.81
N ILE A 13 -5.20 2.82 -2.37
CA ILE A 13 -6.38 2.78 -1.50
C ILE A 13 -7.48 3.69 -2.02
N GLY A 14 -8.60 3.10 -2.40
CA GLY A 14 -9.71 3.88 -2.92
C GLY A 14 -10.94 3.78 -2.03
N ASN A 15 -11.96 4.57 -2.34
CA ASN A 15 -13.20 4.57 -1.56
C ASN A 15 -12.95 5.10 -0.15
N LEU A 16 -12.12 6.12 -0.04
CA LEU A 16 -11.79 6.71 1.26
C LEU A 16 -12.86 7.73 1.68
N PRO A 17 -13.16 7.76 2.98
CA PRO A 17 -14.16 8.69 3.53
C PRO A 17 -13.61 10.11 3.70
N ARG A 18 -14.32 10.92 4.47
CA ARG A 18 -13.90 12.30 4.70
C ARG A 18 -13.16 12.42 6.03
N GLU A 19 -13.50 11.56 6.98
CA GLU A 19 -12.86 11.57 8.29
C GLU A 19 -11.45 10.98 8.21
N ALA A 20 -11.22 10.14 7.21
CA ALA A 20 -9.91 9.51 7.01
C ALA A 20 -8.80 10.55 7.02
N THR A 21 -7.72 10.24 7.72
CA THR A 21 -6.58 11.15 7.81
C THR A 21 -5.28 10.43 7.48
N GLU A 22 -4.36 11.15 6.83
CA GLU A 22 -3.07 10.58 6.45
C GLU A 22 -2.54 9.67 7.55
N GLN A 23 -2.81 10.03 8.80
CA GLN A 23 -2.36 9.25 9.95
C GLN A 23 -3.14 7.96 10.06
N GLU A 24 -4.44 8.07 10.35
CA GLU A 24 -5.29 6.91 10.48
C GLU A 24 -4.89 5.81 9.50
N ILE A 25 -4.65 6.21 8.25
CA ILE A 25 -4.26 5.26 7.21
C ILE A 25 -2.86 4.70 7.48
N ARG A 26 -1.90 5.60 7.66
CA ARG A 26 -0.52 5.20 7.93
C ARG A 26 -0.46 4.16 9.05
N SER A 27 -1.00 4.52 10.21
CA SER A 27 -1.00 3.62 11.36
C SER A 27 -1.50 2.24 10.97
N LEU A 28 -2.70 2.20 10.40
CA LEU A 28 -3.30 0.94 9.97
C LEU A 28 -2.26 0.02 9.35
N PHE A 29 -1.31 0.62 8.63
CA PHE A 29 -0.25 -0.15 7.97
C PHE A 29 0.90 -0.40 8.94
N GLU A 30 1.12 0.53 9.86
CA GLU A 30 2.20 0.42 10.83
C GLU A 30 2.03 -0.85 11.67
N GLN A 31 0.84 -1.44 11.60
CA GLN A 31 0.55 -2.66 12.35
C GLN A 31 1.17 -3.89 11.69
N TYR A 32 1.32 -3.82 10.36
CA TYR A 32 1.90 -4.92 9.61
C TYR A 32 3.19 -4.49 8.91
N GLY A 33 3.80 -3.42 9.41
CA GLY A 33 5.02 -2.92 8.83
C GLY A 33 5.11 -1.40 8.85
N LYS A 34 6.28 -0.87 9.15
CA LYS A 34 6.49 0.57 9.20
C LYS A 34 6.14 1.22 7.87
N VAL A 35 5.62 2.44 7.94
CA VAL A 35 5.24 3.17 6.73
C VAL A 35 6.26 4.25 6.41
N LEU A 36 6.42 4.54 5.12
CA LEU A 36 7.36 5.56 4.67
C LEU A 36 6.63 6.82 4.24
N GLU A 37 5.74 6.70 3.26
CA GLU A 37 4.98 7.82 2.75
C GLU A 37 3.48 7.56 2.84
N CYS A 38 2.69 8.62 2.95
CA CYS A 38 1.25 8.49 3.05
C CYS A 38 0.56 9.77 2.56
N ASP A 39 -0.24 9.63 1.51
CA ASP A 39 -0.96 10.77 0.94
C ASP A 39 -2.42 10.43 0.69
N ILE A 40 -3.26 11.46 0.57
CA ILE A 40 -4.68 11.26 0.34
C ILE A 40 -5.23 12.31 -0.61
N ILE A 41 -5.48 11.91 -1.86
CA ILE A 41 -6.01 12.82 -2.86
C ILE A 41 -6.98 12.11 -3.79
N LYS A 42 -7.84 12.89 -4.45
CA LYS A 42 -8.82 12.32 -5.38
C LYS A 42 -9.50 11.09 -4.77
N ASN A 43 -10.07 11.27 -3.58
CA ASN A 43 -10.75 10.17 -2.91
C ASN A 43 -9.90 8.91 -2.91
N TYR A 44 -8.58 9.09 -2.99
CA TYR A 44 -7.66 7.97 -3.01
C TYR A 44 -6.45 8.24 -2.12
N GLY A 45 -5.82 7.18 -1.63
CA GLY A 45 -4.66 7.33 -0.77
C GLY A 45 -3.55 6.36 -1.13
N PHE A 46 -2.31 6.82 -1.02
CA PHE A 46 -1.16 5.98 -1.34
C PHE A 46 -0.32 5.70 -0.09
N VAL A 47 -0.04 4.44 0.16
CA VAL A 47 0.75 4.04 1.33
C VAL A 47 1.96 3.20 0.91
N HIS A 48 3.13 3.57 1.40
CA HIS A 48 4.36 2.86 1.09
C HIS A 48 4.88 2.11 2.31
N ILE A 49 4.96 0.79 2.20
CA ILE A 49 5.45 -0.04 3.30
C ILE A 49 6.94 -0.30 3.17
N GLU A 50 7.55 -0.82 4.23
CA GLU A 50 8.97 -1.12 4.25
C GLU A 50 9.30 -2.23 3.27
N ASP A 51 8.97 -3.47 3.64
CA ASP A 51 9.22 -4.63 2.81
C ASP A 51 7.97 -5.03 2.04
N LYS A 52 8.15 -5.87 1.03
CA LYS A 52 7.03 -6.34 0.21
C LYS A 52 6.13 -7.27 1.00
N THR A 53 6.69 -8.37 1.49
CA THR A 53 5.94 -9.34 2.27
C THR A 53 5.02 -8.65 3.27
N ALA A 54 5.48 -7.52 3.80
CA ALA A 54 4.70 -6.76 4.77
C ALA A 54 3.46 -6.15 4.13
N ALA A 55 3.61 -5.70 2.88
CA ALA A 55 2.51 -5.09 2.15
C ALA A 55 1.32 -6.04 2.08
N GLU A 56 1.55 -7.24 1.58
CA GLU A 56 0.49 -8.24 1.46
C GLU A 56 -0.29 -8.36 2.77
N ASP A 57 0.41 -8.68 3.84
CA ASP A 57 -0.21 -8.84 5.15
C ASP A 57 -1.18 -7.69 5.43
N ALA A 58 -0.68 -6.46 5.32
CA ALA A 58 -1.50 -5.28 5.56
C ALA A 58 -2.71 -5.25 4.63
N ILE A 59 -2.45 -5.20 3.32
CA ILE A 59 -3.51 -5.17 2.33
C ILE A 59 -4.59 -6.19 2.65
N ARG A 60 -4.22 -7.45 2.71
CA ARG A 60 -5.15 -8.52 3.02
C ARG A 60 -6.18 -8.06 4.06
N ASN A 61 -5.74 -7.88 5.29
CA ASN A 61 -6.62 -7.44 6.36
C ASN A 61 -7.25 -6.10 6.03
N LEU A 62 -6.44 -5.05 6.00
CA LEU A 62 -6.92 -3.71 5.69
C LEU A 62 -8.06 -3.75 4.68
N HIS A 63 -7.98 -4.71 3.76
CA HIS A 63 -9.01 -4.88 2.74
C HIS A 63 -10.39 -4.96 3.36
N HIS A 64 -11.30 -4.11 2.92
CA HIS A 64 -12.66 -4.10 3.44
C HIS A 64 -12.67 -3.81 4.93
N TYR A 65 -11.77 -2.94 5.38
CA TYR A 65 -11.68 -2.59 6.79
C TYR A 65 -12.71 -1.52 7.16
N LYS A 66 -13.77 -1.96 7.84
CA LYS A 66 -14.83 -1.04 8.25
C LYS A 66 -14.24 0.19 8.94
N LEU A 67 -14.11 1.28 8.19
CA LEU A 67 -13.57 2.52 8.72
C LEU A 67 -14.60 3.65 8.63
N HIS A 68 -15.09 4.09 9.78
CA HIS A 68 -16.07 5.17 9.83
C HIS A 68 -17.33 4.77 9.09
N GLY A 69 -17.69 3.49 9.17
CA GLY A 69 -18.89 3.00 8.50
C GLY A 69 -18.71 2.92 6.99
N VAL A 70 -17.49 2.63 6.56
CA VAL A 70 -17.19 2.51 5.14
C VAL A 70 -16.30 1.30 4.86
N ASN A 71 -16.40 0.76 3.66
CA ASN A 71 -15.61 -0.40 3.26
C ASN A 71 -14.51 0.01 2.29
N ILE A 72 -13.45 0.60 2.82
CA ILE A 72 -12.31 1.04 2.00
C ILE A 72 -11.77 -0.13 1.17
N ASN A 73 -11.31 0.18 -0.04
CA ASN A 73 -10.76 -0.82 -0.93
C ASN A 73 -9.23 -0.74 -0.97
N VAL A 74 -8.58 -1.89 -0.90
CA VAL A 74 -7.12 -1.94 -0.93
C VAL A 74 -6.63 -2.85 -2.04
N GLU A 75 -5.60 -2.41 -2.75
CA GLU A 75 -5.04 -3.19 -3.85
C GLU A 75 -3.53 -2.97 -3.96
N ALA A 76 -2.79 -4.04 -4.17
CA ALA A 76 -1.34 -3.97 -4.30
C ALA A 76 -0.93 -3.26 -5.58
N SER A 77 -0.76 -1.95 -5.50
CA SER A 77 -0.38 -1.15 -6.66
C SER A 77 0.69 -1.85 -7.48
N LYS A 78 1.86 -2.06 -6.86
CA LYS A 78 2.97 -2.72 -7.53
C LYS A 78 2.82 -4.24 -7.44
N ASN A 79 2.28 -4.83 -8.51
CA ASN A 79 2.08 -6.27 -8.56
C ASN A 79 3.42 -7.00 -8.66
N LYS A 80 3.45 -8.25 -8.20
CA LYS A 80 4.66 -9.05 -8.25
C LYS A 80 5.04 -9.39 -9.69
N SER A 81 6.27 -9.84 -9.88
CA SER A 81 6.76 -10.19 -11.21
C SER A 81 7.52 -11.52 -11.18
N LYS A 82 7.23 -12.39 -12.13
CA LYS A 82 7.89 -13.69 -12.21
C LYS A 82 8.72 -13.79 -13.48
N ALA A 83 9.97 -14.22 -13.33
CA ALA A 83 10.88 -14.36 -14.47
C ALA A 83 10.52 -15.60 -15.29
N SER A 84 10.11 -15.37 -16.54
CA SER A 84 9.74 -16.46 -17.43
C SER A 84 10.96 -17.00 -18.17
N SER A 85 11.61 -16.13 -18.94
CA SER A 85 12.79 -16.51 -19.71
C SER A 85 13.93 -16.93 -18.78
N GLY A 86 14.51 -18.09 -19.07
CA GLY A 86 15.61 -18.59 -18.25
C GLY A 86 15.14 -19.14 -16.93
N PRO A 87 15.82 -20.19 -16.44
CA PRO A 87 15.49 -20.83 -15.17
C PRO A 87 15.95 -20.02 -13.96
N SER A 88 16.53 -18.86 -14.22
CA SER A 88 17.02 -18.00 -13.16
C SER A 88 17.91 -18.77 -12.19
N SER A 89 18.76 -19.63 -12.74
CA SER A 89 19.66 -20.43 -11.92
C SER A 89 20.55 -19.54 -11.05
N GLY A 90 21.17 -18.54 -11.67
CA GLY A 90 22.03 -17.64 -10.94
C GLY A 90 22.59 -16.54 -11.82
N GLY A 1 24.05 2.68 -0.71
CA GLY A 1 23.47 3.66 0.20
C GLY A 1 22.89 3.01 1.43
N SER A 2 22.10 1.97 1.23
CA SER A 2 21.46 1.26 2.35
C SER A 2 22.03 -0.14 2.49
N SER A 3 22.71 -0.38 3.62
CA SER A 3 23.31 -1.69 3.88
C SER A 3 22.41 -2.53 4.79
N GLY A 4 21.40 -3.16 4.18
CA GLY A 4 20.49 -3.98 4.95
C GLY A 4 19.39 -4.60 4.09
N SER A 5 18.23 -3.96 4.09
CA SER A 5 17.10 -4.45 3.30
C SER A 5 16.50 -3.33 2.45
N SER A 6 16.35 -3.59 1.16
CA SER A 6 15.80 -2.61 0.23
C SER A 6 14.68 -3.22 -0.60
N GLY A 7 13.71 -2.39 -0.99
CA GLY A 7 12.60 -2.86 -1.78
C GLY A 7 11.26 -2.42 -1.23
N MET A 8 10.91 -1.17 -1.49
CA MET A 8 9.64 -0.62 -1.01
C MET A 8 8.48 -1.07 -1.90
N VAL A 9 7.26 -0.94 -1.38
CA VAL A 9 6.07 -1.34 -2.12
C VAL A 9 4.94 -0.35 -1.91
N LYS A 10 4.54 0.31 -2.99
CA LYS A 10 3.45 1.30 -2.93
C LYS A 10 2.10 0.61 -2.88
N LEU A 11 1.19 1.16 -2.09
CA LEU A 11 -0.16 0.60 -1.96
C LEU A 11 -1.21 1.59 -2.42
N PHE A 12 -2.18 1.09 -3.18
CA PHE A 12 -3.26 1.94 -3.69
C PHE A 12 -4.53 1.75 -2.88
N ILE A 13 -5.07 2.84 -2.36
CA ILE A 13 -6.29 2.81 -1.56
C ILE A 13 -7.38 3.67 -2.19
N GLY A 14 -8.58 3.10 -2.32
CA GLY A 14 -9.69 3.84 -2.89
C GLY A 14 -10.91 3.84 -1.99
N ASN A 15 -11.91 4.64 -2.35
CA ASN A 15 -13.13 4.74 -1.56
C ASN A 15 -12.83 5.16 -0.13
N LEU A 16 -12.12 6.27 0.02
CA LEU A 16 -11.77 6.79 1.34
C LEU A 16 -12.82 7.79 1.83
N PRO A 17 -13.08 7.77 3.14
CA PRO A 17 -14.05 8.68 3.76
C PRO A 17 -13.49 10.08 3.97
N ARG A 18 -14.32 10.99 4.46
CA ARG A 18 -13.91 12.36 4.69
C ARG A 18 -13.10 12.47 5.98
N GLU A 19 -13.44 11.65 6.97
CA GLU A 19 -12.75 11.66 8.25
C GLU A 19 -11.35 11.06 8.11
N ALA A 20 -11.20 10.16 7.15
CA ALA A 20 -9.91 9.51 6.91
C ALA A 20 -8.78 10.52 6.89
N THR A 21 -7.71 10.23 7.62
CA THR A 21 -6.56 11.11 7.68
C THR A 21 -5.25 10.35 7.46
N GLU A 22 -4.29 11.01 6.82
CA GLU A 22 -3.00 10.39 6.54
C GLU A 22 -2.55 9.52 7.71
N GLN A 23 -2.57 10.10 8.91
CA GLN A 23 -2.17 9.37 10.11
C GLN A 23 -2.94 8.08 10.26
N GLU A 24 -4.26 8.19 10.47
CA GLU A 24 -5.12 7.03 10.63
C GLU A 24 -4.66 5.89 9.72
N ILE A 25 -4.55 6.18 8.43
CA ILE A 25 -4.11 5.18 7.45
C ILE A 25 -2.72 4.67 7.78
N ARG A 26 -1.81 5.57 8.10
CA ARG A 26 -0.44 5.21 8.43
C ARG A 26 -0.41 4.21 9.59
N SER A 27 -0.96 4.62 10.73
CA SER A 27 -1.00 3.76 11.91
C SER A 27 -1.51 2.36 11.55
N LEU A 28 -2.53 2.31 10.71
CA LEU A 28 -3.11 1.03 10.30
C LEU A 28 -2.05 0.14 9.67
N PHE A 29 -1.34 0.67 8.69
CA PHE A 29 -0.29 -0.08 8.01
C PHE A 29 0.92 -0.27 8.91
N GLU A 30 1.09 0.64 9.86
CA GLU A 30 2.21 0.57 10.79
C GLU A 30 2.12 -0.68 11.67
N GLN A 31 0.98 -1.36 11.59
CA GLN A 31 0.76 -2.57 12.38
C GLN A 31 1.36 -3.79 11.67
N TYR A 32 1.34 -3.76 10.34
CA TYR A 32 1.88 -4.86 9.54
C TYR A 32 3.17 -4.44 8.84
N GLY A 33 3.66 -3.26 9.18
CA GLY A 33 4.88 -2.75 8.57
C GLY A 33 5.00 -1.25 8.64
N LYS A 34 6.22 -0.76 8.86
CA LYS A 34 6.46 0.67 8.95
C LYS A 34 6.09 1.37 7.65
N VAL A 35 5.38 2.48 7.76
CA VAL A 35 4.96 3.25 6.59
C VAL A 35 5.91 4.42 6.34
N LEU A 36 6.30 4.59 5.07
CA LEU A 36 7.20 5.67 4.69
C LEU A 36 6.43 6.86 4.16
N GLU A 37 5.70 6.66 3.07
CA GLU A 37 4.91 7.72 2.46
C GLU A 37 3.42 7.50 2.70
N CYS A 38 2.68 8.58 2.88
CA CYS A 38 1.25 8.50 3.12
C CYS A 38 0.54 9.75 2.60
N ASP A 39 -0.18 9.60 1.49
CA ASP A 39 -0.90 10.71 0.90
C ASP A 39 -2.37 10.36 0.68
N ILE A 40 -3.20 11.38 0.54
CA ILE A 40 -4.64 11.18 0.33
C ILE A 40 -5.21 12.23 -0.61
N ILE A 41 -5.48 11.82 -1.85
CA ILE A 41 -6.04 12.74 -2.84
C ILE A 41 -6.98 12.01 -3.79
N LYS A 42 -7.86 12.76 -4.44
CA LYS A 42 -8.81 12.19 -5.38
C LYS A 42 -9.49 10.96 -4.79
N ASN A 43 -10.01 11.10 -3.58
CA ASN A 43 -10.69 10.01 -2.89
C ASN A 43 -9.81 8.75 -2.88
N TYR A 44 -8.50 8.95 -2.93
CA TYR A 44 -7.56 7.85 -2.92
C TYR A 44 -6.35 8.15 -2.04
N GLY A 45 -5.67 7.11 -1.59
CA GLY A 45 -4.50 7.29 -0.74
C GLY A 45 -3.39 6.32 -1.08
N PHE A 46 -2.15 6.80 -1.03
CA PHE A 46 -0.99 5.97 -1.34
C PHE A 46 -0.18 5.68 -0.08
N VAL A 47 0.23 4.42 0.08
CA VAL A 47 1.00 4.01 1.24
C VAL A 47 2.21 3.20 0.83
N HIS A 48 3.40 3.76 1.03
CA HIS A 48 4.64 3.09 0.69
C HIS A 48 5.20 2.33 1.88
N ILE A 49 4.93 1.03 1.94
CA ILE A 49 5.40 0.19 3.03
C ILE A 49 6.89 -0.12 2.88
N GLU A 50 7.54 -0.45 3.99
CA GLU A 50 8.97 -0.78 3.97
C GLU A 50 9.23 -2.00 3.10
N ASP A 51 8.84 -3.17 3.59
CA ASP A 51 9.04 -4.41 2.86
C ASP A 51 7.75 -4.85 2.17
N LYS A 52 7.90 -5.54 1.05
CA LYS A 52 6.74 -6.02 0.29
C LYS A 52 5.88 -6.96 1.14
N THR A 53 6.49 -8.06 1.58
CA THR A 53 5.78 -9.04 2.41
C THR A 53 4.90 -8.35 3.45
N ALA A 54 5.38 -7.24 3.99
CA ALA A 54 4.64 -6.49 4.99
C ALA A 54 3.26 -6.08 4.46
N ALA A 55 3.23 -5.65 3.20
CA ALA A 55 1.99 -5.22 2.57
C ALA A 55 0.97 -6.35 2.56
N GLU A 56 1.25 -7.40 1.79
CA GLU A 56 0.35 -8.54 1.69
C GLU A 56 -0.32 -8.82 3.03
N ASP A 57 0.46 -8.75 4.11
CA ASP A 57 -0.06 -8.99 5.44
C ASP A 57 -1.17 -7.99 5.79
N ALA A 58 -0.90 -6.72 5.54
CA ALA A 58 -1.88 -5.67 5.82
C ALA A 58 -2.98 -5.65 4.77
N ILE A 59 -2.60 -5.50 3.51
CA ILE A 59 -3.56 -5.47 2.41
C ILE A 59 -4.69 -6.45 2.65
N ARG A 60 -4.36 -7.73 2.71
CA ARG A 60 -5.36 -8.78 2.93
C ARG A 60 -6.41 -8.32 3.93
N ASN A 61 -5.99 -8.08 5.16
CA ASN A 61 -6.91 -7.64 6.21
C ASN A 61 -7.53 -6.29 5.85
N LEU A 62 -6.73 -5.24 5.86
CA LEU A 62 -7.20 -3.90 5.54
C LEU A 62 -8.28 -3.96 4.46
N HIS A 63 -8.13 -4.90 3.53
CA HIS A 63 -9.09 -5.06 2.44
C HIS A 63 -10.52 -5.18 2.99
N HIS A 64 -11.41 -4.33 2.50
CA HIS A 64 -12.80 -4.34 2.93
C HIS A 64 -12.90 -4.03 4.43
N TYR A 65 -11.95 -3.25 4.94
CA TYR A 65 -11.93 -2.89 6.35
C TYR A 65 -12.98 -1.83 6.66
N LYS A 66 -13.46 -1.82 7.89
CA LYS A 66 -14.48 -0.86 8.32
C LYS A 66 -13.83 0.38 8.93
N LEU A 67 -13.79 1.47 8.17
CA LEU A 67 -13.20 2.71 8.64
C LEU A 67 -14.24 3.84 8.66
N HIS A 68 -14.93 3.98 9.78
CA HIS A 68 -15.94 5.02 9.93
C HIS A 68 -17.20 4.66 9.15
N GLY A 69 -17.64 3.41 9.28
CA GLY A 69 -18.83 2.96 8.59
C GLY A 69 -18.64 2.94 7.08
N VAL A 70 -17.46 2.55 6.64
CA VAL A 70 -17.15 2.48 5.21
C VAL A 70 -16.32 1.25 4.89
N ASN A 71 -16.48 0.74 3.66
CA ASN A 71 -15.75 -0.44 3.22
C ASN A 71 -14.68 -0.06 2.20
N ILE A 72 -13.59 0.54 2.68
CA ILE A 72 -12.49 0.94 1.80
C ILE A 72 -12.04 -0.22 0.93
N ASN A 73 -11.12 0.07 0.02
CA ASN A 73 -10.59 -0.95 -0.89
C ASN A 73 -9.07 -0.88 -0.96
N VAL A 74 -8.42 -2.03 -0.81
CA VAL A 74 -6.97 -2.10 -0.85
C VAL A 74 -6.50 -2.98 -2.01
N GLU A 75 -5.56 -2.45 -2.79
CA GLU A 75 -5.02 -3.18 -3.93
C GLU A 75 -3.60 -2.72 -4.26
N ALA A 76 -2.72 -3.69 -4.50
CA ALA A 76 -1.33 -3.38 -4.83
C ALA A 76 -1.23 -2.58 -6.11
N SER A 77 -0.89 -1.30 -5.99
CA SER A 77 -0.76 -0.42 -7.14
C SER A 77 0.02 -1.10 -8.26
N LYS A 78 1.25 -1.48 -7.96
CA LYS A 78 2.10 -2.16 -8.94
C LYS A 78 1.45 -3.44 -9.45
N ASN A 79 1.58 -3.69 -10.74
CA ASN A 79 1.01 -4.88 -11.35
C ASN A 79 2.10 -5.86 -11.77
N LYS A 80 1.77 -7.15 -11.73
CA LYS A 80 2.73 -8.19 -12.11
C LYS A 80 2.01 -9.44 -12.59
N SER A 81 2.66 -10.20 -13.46
CA SER A 81 2.09 -11.42 -14.00
C SER A 81 3.04 -12.60 -13.81
N LYS A 82 2.51 -13.69 -13.24
CA LYS A 82 3.31 -14.88 -13.01
C LYS A 82 4.24 -15.16 -14.19
N ALA A 83 3.68 -15.12 -15.39
CA ALA A 83 4.46 -15.36 -16.60
C ALA A 83 4.62 -14.08 -17.42
N SER A 84 5.79 -13.45 -17.30
CA SER A 84 6.06 -12.23 -18.03
C SER A 84 6.56 -12.52 -19.44
N SER A 85 6.47 -11.53 -20.32
CA SER A 85 6.90 -11.69 -21.71
C SER A 85 8.41 -11.90 -21.77
N GLY A 86 8.86 -12.60 -22.81
CA GLY A 86 10.28 -12.85 -22.97
C GLY A 86 10.65 -13.17 -24.41
N PRO A 87 11.77 -13.87 -24.60
CA PRO A 87 12.27 -14.26 -25.92
C PRO A 87 11.49 -15.43 -26.50
N SER A 88 10.77 -15.17 -27.60
CA SER A 88 9.98 -16.21 -28.25
C SER A 88 10.35 -16.32 -29.73
N SER A 89 9.83 -17.34 -30.39
CA SER A 89 10.10 -17.57 -31.80
C SER A 89 9.20 -16.70 -32.68
N GLY A 90 9.70 -15.52 -33.04
CA GLY A 90 8.93 -14.62 -33.88
C GLY A 90 9.64 -13.30 -34.12
N GLY A 1 13.00 -5.71 -3.43
CA GLY A 1 13.62 -5.83 -4.73
C GLY A 1 14.00 -7.26 -5.08
N SER A 2 13.81 -7.62 -6.34
CA SER A 2 14.13 -8.97 -6.80
C SER A 2 15.59 -9.31 -6.53
N SER A 3 15.84 -9.93 -5.38
CA SER A 3 17.19 -10.30 -4.98
C SER A 3 18.15 -9.12 -5.15
N GLY A 4 17.70 -7.94 -4.74
CA GLY A 4 18.52 -6.76 -4.84
C GLY A 4 18.66 -6.02 -3.52
N SER A 5 18.04 -4.86 -3.43
CA SER A 5 18.10 -4.05 -2.21
C SER A 5 16.70 -3.73 -1.71
N SER A 6 16.36 -4.28 -0.54
CA SER A 6 15.03 -4.05 0.05
C SER A 6 14.57 -2.62 -0.19
N GLY A 7 13.56 -2.47 -1.04
CA GLY A 7 13.04 -1.14 -1.34
C GLY A 7 11.72 -0.87 -0.65
N MET A 8 10.75 -0.37 -1.40
CA MET A 8 9.44 -0.07 -0.86
C MET A 8 8.33 -0.62 -1.74
N VAL A 9 7.09 -0.50 -1.29
CA VAL A 9 5.95 -0.99 -2.05
C VAL A 9 4.73 -0.08 -1.85
N LYS A 10 4.37 0.64 -2.90
CA LYS A 10 3.22 1.55 -2.85
C LYS A 10 1.93 0.77 -2.70
N LEU A 11 0.89 1.44 -2.19
CA LEU A 11 -0.41 0.81 -2.01
C LEU A 11 -1.54 1.74 -2.45
N PHE A 12 -2.39 1.25 -3.34
CA PHE A 12 -3.51 2.03 -3.84
C PHE A 12 -4.75 1.82 -2.97
N ILE A 13 -5.24 2.90 -2.37
CA ILE A 13 -6.42 2.83 -1.53
C ILE A 13 -7.53 3.76 -2.04
N GLY A 14 -8.70 3.19 -2.27
CA GLY A 14 -9.82 3.97 -2.76
C GLY A 14 -11.03 3.89 -1.85
N ASN A 15 -12.08 4.63 -2.19
CA ASN A 15 -13.31 4.63 -1.40
C ASN A 15 -13.03 5.11 0.02
N LEU A 16 -12.24 6.18 0.14
CA LEU A 16 -11.90 6.74 1.45
C LEU A 16 -12.93 7.77 1.88
N PRO A 17 -13.25 7.77 3.18
CA PRO A 17 -14.23 8.71 3.75
C PRO A 17 -13.63 10.10 3.99
N ARG A 18 -14.39 10.97 4.63
CA ARG A 18 -13.94 12.32 4.92
C ARG A 18 -13.11 12.35 6.19
N GLU A 19 -13.47 11.52 7.15
CA GLU A 19 -12.76 11.44 8.42
C GLU A 19 -11.36 10.86 8.22
N ALA A 20 -11.21 10.03 7.20
CA ALA A 20 -9.93 9.40 6.91
C ALA A 20 -8.81 10.43 6.87
N THR A 21 -7.67 10.08 7.47
CA THR A 21 -6.53 10.97 7.52
C THR A 21 -5.23 10.23 7.18
N GLU A 22 -4.20 10.99 6.81
CA GLU A 22 -2.92 10.40 6.47
C GLU A 22 -2.34 9.60 7.63
N GLN A 23 -2.58 10.08 8.84
CA GLN A 23 -2.09 9.41 10.04
C GLN A 23 -2.90 8.16 10.34
N GLU A 24 -4.23 8.30 10.32
CA GLU A 24 -5.12 7.17 10.59
C GLU A 24 -4.80 6.00 9.66
N ILE A 25 -4.69 6.28 8.37
CA ILE A 25 -4.40 5.24 7.39
C ILE A 25 -2.98 4.71 7.57
N ARG A 26 -2.01 5.62 7.63
CA ARG A 26 -0.62 5.24 7.79
C ARG A 26 -0.44 4.33 9.01
N SER A 27 -1.14 4.65 10.09
CA SER A 27 -1.06 3.86 11.32
C SER A 27 -1.55 2.44 11.08
N LEU A 28 -2.66 2.31 10.37
CA LEU A 28 -3.23 1.00 10.07
C LEU A 28 -2.19 0.08 9.45
N PHE A 29 -1.20 0.67 8.79
CA PHE A 29 -0.13 -0.09 8.15
C PHE A 29 1.03 -0.31 9.11
N GLU A 30 1.21 0.63 10.04
CA GLU A 30 2.29 0.54 11.01
C GLU A 30 2.13 -0.71 11.88
N GLN A 31 0.97 -1.35 11.78
CA GLN A 31 0.69 -2.56 12.55
C GLN A 31 1.21 -3.80 11.83
N TYR A 32 1.31 -3.70 10.51
CA TYR A 32 1.78 -4.81 9.69
C TYR A 32 3.12 -4.48 9.05
N GLY A 33 3.62 -3.28 9.30
CA GLY A 33 4.89 -2.86 8.74
C GLY A 33 5.05 -1.36 8.72
N LYS A 34 6.28 -0.89 8.86
CA LYS A 34 6.57 0.54 8.85
C LYS A 34 6.15 1.17 7.52
N VAL A 35 5.82 2.45 7.55
CA VAL A 35 5.41 3.17 6.35
C VAL A 35 6.45 4.22 5.96
N LEU A 36 6.46 4.58 4.68
CA LEU A 36 7.39 5.58 4.17
C LEU A 36 6.66 6.84 3.72
N GLU A 37 5.65 6.66 2.86
CA GLU A 37 4.87 7.77 2.35
C GLU A 37 3.38 7.51 2.51
N CYS A 38 2.63 8.55 2.82
CA CYS A 38 1.19 8.44 3.00
C CYS A 38 0.47 9.71 2.54
N ASP A 39 -0.25 9.60 1.43
CA ASP A 39 -0.97 10.74 0.88
C ASP A 39 -2.46 10.42 0.74
N ILE A 40 -3.27 11.46 0.58
CA ILE A 40 -4.71 11.29 0.44
C ILE A 40 -5.31 12.35 -0.48
N ILE A 41 -5.67 11.94 -1.69
CA ILE A 41 -6.25 12.86 -2.66
C ILE A 41 -7.29 12.16 -3.52
N LYS A 42 -8.10 12.95 -4.23
CA LYS A 42 -9.13 12.40 -5.10
C LYS A 42 -9.73 11.13 -4.51
N ASN A 43 -10.21 11.23 -3.27
CA ASN A 43 -10.81 10.09 -2.59
C ASN A 43 -9.94 8.85 -2.72
N TYR A 44 -8.64 9.03 -2.55
CA TYR A 44 -7.69 7.93 -2.66
C TYR A 44 -6.46 8.18 -1.80
N GLY A 45 -5.82 7.10 -1.35
CA GLY A 45 -4.63 7.23 -0.53
C GLY A 45 -3.52 6.30 -0.96
N PHE A 46 -2.28 6.79 -0.93
CA PHE A 46 -1.13 5.99 -1.32
C PHE A 46 -0.22 5.72 -0.13
N VAL A 47 -0.01 4.45 0.17
CA VAL A 47 0.84 4.05 1.29
C VAL A 47 2.01 3.20 0.82
N HIS A 48 3.22 3.58 1.23
CA HIS A 48 4.43 2.85 0.84
C HIS A 48 5.00 2.10 2.04
N ILE A 49 4.74 0.79 2.08
CA ILE A 49 5.24 -0.04 3.17
C ILE A 49 6.74 -0.29 3.04
N GLU A 50 7.35 -0.80 4.10
CA GLU A 50 8.78 -1.08 4.11
C GLU A 50 9.11 -2.25 3.17
N ASP A 51 8.74 -3.45 3.59
CA ASP A 51 9.00 -4.65 2.80
C ASP A 51 7.70 -5.21 2.22
N LYS A 52 7.80 -5.79 1.03
CA LYS A 52 6.62 -6.37 0.37
C LYS A 52 5.92 -7.36 1.28
N THR A 53 6.65 -8.37 1.73
CA THR A 53 6.09 -9.39 2.61
C THR A 53 5.18 -8.77 3.67
N ALA A 54 5.47 -7.52 4.02
CA ALA A 54 4.67 -6.81 5.01
C ALA A 54 3.32 -6.38 4.43
N ALA A 55 3.34 -5.94 3.19
CA ALA A 55 2.12 -5.50 2.52
C ALA A 55 1.07 -6.61 2.49
N GLU A 56 1.48 -7.78 2.00
CA GLU A 56 0.58 -8.92 1.91
C GLU A 56 -0.14 -9.16 3.25
N ASP A 57 0.54 -8.83 4.33
CA ASP A 57 -0.02 -9.00 5.67
C ASP A 57 -1.11 -7.96 5.93
N ALA A 58 -0.80 -6.69 5.69
CA ALA A 58 -1.75 -5.61 5.90
C ALA A 58 -2.82 -5.61 4.82
N ILE A 59 -2.40 -5.38 3.57
CA ILE A 59 -3.32 -5.35 2.45
C ILE A 59 -4.46 -6.36 2.64
N ARG A 60 -4.10 -7.63 2.75
CA ARG A 60 -5.08 -8.69 2.93
C ARG A 60 -6.18 -8.25 3.89
N ASN A 61 -5.80 -7.99 5.14
CA ASN A 61 -6.76 -7.55 6.15
C ASN A 61 -7.34 -6.18 5.81
N LEU A 62 -6.48 -5.17 5.84
CA LEU A 62 -6.90 -3.80 5.53
C LEU A 62 -7.98 -3.80 4.45
N HIS A 63 -7.86 -4.72 3.50
CA HIS A 63 -8.84 -4.82 2.41
C HIS A 63 -10.26 -4.89 2.96
N HIS A 64 -11.10 -3.96 2.51
CA HIS A 64 -12.49 -3.91 2.95
C HIS A 64 -12.57 -3.66 4.45
N TYR A 65 -11.64 -2.85 4.97
CA TYR A 65 -11.60 -2.54 6.39
C TYR A 65 -12.62 -1.46 6.72
N LYS A 66 -13.49 -1.75 7.69
CA LYS A 66 -14.52 -0.80 8.11
C LYS A 66 -13.89 0.46 8.69
N LEU A 67 -13.93 1.54 7.92
CA LEU A 67 -13.37 2.82 8.35
C LEU A 67 -14.44 3.90 8.39
N HIS A 68 -15.12 4.01 9.53
CA HIS A 68 -16.17 5.01 9.69
C HIS A 68 -17.42 4.64 8.89
N GLY A 69 -17.84 3.39 9.02
CA GLY A 69 -19.01 2.93 8.29
C GLY A 69 -18.79 2.88 6.79
N VAL A 70 -17.56 2.56 6.39
CA VAL A 70 -17.23 2.49 4.96
C VAL A 70 -16.35 1.28 4.67
N ASN A 71 -16.42 0.78 3.44
CA ASN A 71 -15.63 -0.37 3.03
C ASN A 71 -14.55 0.04 2.03
N ILE A 72 -13.42 0.50 2.54
CA ILE A 72 -12.32 0.92 1.69
C ILE A 72 -11.82 -0.23 0.81
N ASN A 73 -10.97 0.10 -0.16
CA ASN A 73 -10.43 -0.91 -1.06
C ASN A 73 -8.91 -0.82 -1.13
N VAL A 74 -8.23 -1.84 -0.62
CA VAL A 74 -6.78 -1.88 -0.63
C VAL A 74 -6.25 -2.84 -1.69
N GLU A 75 -5.33 -2.35 -2.51
CA GLU A 75 -4.74 -3.16 -3.58
C GLU A 75 -3.40 -2.60 -4.02
N ALA A 76 -2.44 -3.48 -4.23
CA ALA A 76 -1.11 -3.06 -4.66
C ALA A 76 -1.18 -2.20 -5.92
N SER A 77 -0.24 -1.27 -6.05
CA SER A 77 -0.20 -0.38 -7.20
C SER A 77 0.51 -1.04 -8.37
N LYS A 78 1.80 -1.34 -8.18
CA LYS A 78 2.59 -1.97 -9.22
C LYS A 78 2.14 -3.41 -9.45
N ASN A 79 1.62 -3.69 -10.63
CA ASN A 79 1.15 -5.03 -10.98
C ASN A 79 2.30 -6.02 -11.00
N LYS A 80 2.41 -6.81 -9.94
CA LYS A 80 3.48 -7.80 -9.82
C LYS A 80 3.40 -8.81 -10.97
N SER A 81 4.52 -9.46 -11.27
CA SER A 81 4.57 -10.44 -12.33
C SER A 81 5.25 -11.73 -11.85
N LYS A 82 4.94 -12.84 -12.52
CA LYS A 82 5.51 -14.12 -12.16
C LYS A 82 7.04 -14.06 -12.13
N ALA A 83 7.60 -13.95 -10.93
CA ALA A 83 9.04 -13.88 -10.76
C ALA A 83 9.58 -15.14 -10.09
N SER A 84 10.66 -15.68 -10.63
CA SER A 84 11.27 -16.89 -10.08
C SER A 84 12.29 -16.54 -9.00
N SER A 85 11.94 -15.58 -8.15
CA SER A 85 12.83 -15.14 -7.07
C SER A 85 12.06 -14.97 -5.77
N GLY A 86 12.80 -14.80 -4.67
CA GLY A 86 12.17 -14.62 -3.38
C GLY A 86 13.04 -13.85 -2.41
N PRO A 87 12.79 -12.53 -2.31
CA PRO A 87 13.56 -11.66 -1.41
C PRO A 87 13.79 -12.28 -0.04
N SER A 88 12.73 -12.88 0.51
CA SER A 88 12.82 -13.52 1.83
C SER A 88 12.84 -15.04 1.69
N SER A 89 13.87 -15.66 2.24
CA SER A 89 13.99 -17.11 2.19
C SER A 89 12.90 -17.79 3.01
N GLY A 90 11.79 -18.11 2.35
CA GLY A 90 10.68 -18.76 3.03
C GLY A 90 9.38 -18.62 2.27
N GLY A 1 26.27 -4.85 7.27
CA GLY A 1 25.75 -4.96 5.92
C GLY A 1 26.07 -3.74 5.07
N SER A 2 25.15 -3.38 4.18
CA SER A 2 25.34 -2.24 3.30
C SER A 2 24.31 -1.16 3.59
N SER A 3 24.71 -0.15 4.35
CA SER A 3 23.81 0.95 4.70
C SER A 3 23.01 1.41 3.49
N GLY A 4 21.78 1.86 3.73
CA GLY A 4 20.93 2.32 2.65
C GLY A 4 20.37 1.17 1.84
N SER A 5 19.08 1.26 1.51
CA SER A 5 18.42 0.22 0.73
C SER A 5 17.47 0.83 -0.30
N SER A 6 17.04 0.03 -1.26
CA SER A 6 16.14 0.48 -2.31
C SER A 6 15.23 -0.65 -2.77
N GLY A 7 13.92 -0.47 -2.58
CA GLY A 7 12.98 -1.49 -2.99
C GLY A 7 11.69 -1.42 -2.19
N MET A 8 11.11 -0.24 -2.07
CA MET A 8 9.88 -0.05 -1.33
C MET A 8 8.69 -0.64 -2.08
N VAL A 9 7.49 -0.50 -1.51
CA VAL A 9 6.29 -1.01 -2.14
C VAL A 9 5.11 -0.07 -1.93
N LYS A 10 4.64 0.54 -3.01
CA LYS A 10 3.52 1.47 -2.95
C LYS A 10 2.20 0.71 -2.96
N LEU A 11 1.24 1.18 -2.15
CA LEU A 11 -0.07 0.56 -2.06
C LEU A 11 -1.17 1.55 -2.43
N PHE A 12 -2.07 1.12 -3.32
CA PHE A 12 -3.17 1.97 -3.76
C PHE A 12 -4.41 1.75 -2.88
N ILE A 13 -4.99 2.85 -2.42
CA ILE A 13 -6.18 2.79 -1.57
C ILE A 13 -7.30 3.65 -2.13
N GLY A 14 -8.47 3.04 -2.32
CA GLY A 14 -9.60 3.77 -2.85
C GLY A 14 -10.82 3.67 -1.96
N ASN A 15 -11.83 4.50 -2.22
CA ASN A 15 -13.04 4.50 -1.44
C ASN A 15 -12.77 4.96 0.00
N LEU A 16 -12.13 6.11 0.13
CA LEU A 16 -11.81 6.66 1.45
C LEU A 16 -12.91 7.60 1.93
N PRO A 17 -13.18 7.56 3.25
CA PRO A 17 -14.20 8.40 3.88
C PRO A 17 -13.73 9.83 4.09
N ARG A 18 -14.49 10.60 4.85
CA ARG A 18 -14.15 11.98 5.13
C ARG A 18 -13.39 12.11 6.45
N GLU A 19 -13.69 11.21 7.39
CA GLU A 19 -13.05 11.22 8.69
C GLU A 19 -11.64 10.63 8.60
N ALA A 20 -11.40 9.85 7.56
CA ALA A 20 -10.09 9.23 7.35
C ALA A 20 -8.99 10.29 7.23
N THR A 21 -7.91 10.10 7.98
CA THR A 21 -6.79 11.04 7.96
C THR A 21 -5.49 10.32 7.69
N GLU A 22 -4.58 11.00 6.98
CA GLU A 22 -3.27 10.43 6.65
C GLU A 22 -2.73 9.61 7.82
N GLN A 23 -2.82 10.17 9.03
CA GLN A 23 -2.34 9.49 10.23
C GLN A 23 -3.06 8.16 10.42
N GLU A 24 -4.38 8.22 10.60
CA GLU A 24 -5.18 7.02 10.80
C GLU A 24 -4.77 5.93 9.82
N ILE A 25 -4.82 6.25 8.53
CA ILE A 25 -4.45 5.30 7.49
C ILE A 25 -3.01 4.82 7.65
N ARG A 26 -2.08 5.75 7.56
CA ARG A 26 -0.66 5.43 7.71
C ARG A 26 -0.44 4.45 8.85
N SER A 27 -1.08 4.73 9.99
CA SER A 27 -0.94 3.87 11.16
C SER A 27 -1.42 2.46 10.86
N LEU A 28 -2.63 2.35 10.32
CA LEU A 28 -3.21 1.06 9.99
C LEU A 28 -2.17 0.14 9.33
N PHE A 29 -1.22 0.75 8.63
CA PHE A 29 -0.17 0.01 7.96
C PHE A 29 1.02 -0.22 8.89
N GLU A 30 1.26 0.74 9.76
CA GLU A 30 2.37 0.64 10.72
C GLU A 30 2.22 -0.58 11.60
N GLN A 31 1.03 -1.19 11.57
CA GLN A 31 0.76 -2.37 12.38
C GLN A 31 1.32 -3.63 11.71
N TYR A 32 1.40 -3.60 10.38
CA TYR A 32 1.91 -4.74 9.63
C TYR A 32 3.21 -4.38 8.92
N GLY A 33 3.74 -3.20 9.24
CA GLY A 33 4.98 -2.75 8.62
C GLY A 33 5.13 -1.25 8.65
N LYS A 34 6.34 -0.78 8.92
CA LYS A 34 6.62 0.66 8.97
C LYS A 34 6.26 1.33 7.65
N VAL A 35 5.61 2.49 7.74
CA VAL A 35 5.21 3.23 6.55
C VAL A 35 6.21 4.33 6.23
N LEU A 36 6.38 4.62 4.95
CA LEU A 36 7.31 5.66 4.51
C LEU A 36 6.56 6.85 3.91
N GLU A 37 5.71 6.58 2.93
CA GLU A 37 4.93 7.63 2.28
C GLU A 37 3.43 7.41 2.50
N CYS A 38 2.72 8.50 2.79
CA CYS A 38 1.29 8.43 3.03
C CYS A 38 0.59 9.67 2.50
N ASP A 39 -0.14 9.52 1.39
CA ASP A 39 -0.85 10.64 0.79
C ASP A 39 -2.33 10.30 0.61
N ILE A 40 -3.15 11.33 0.46
CA ILE A 40 -4.59 11.15 0.27
C ILE A 40 -5.16 12.21 -0.65
N ILE A 41 -5.47 11.81 -1.88
CA ILE A 41 -6.03 12.73 -2.86
C ILE A 41 -7.03 12.02 -3.77
N LYS A 42 -7.84 12.80 -4.47
CA LYS A 42 -8.84 12.25 -5.38
C LYS A 42 -9.48 10.99 -4.79
N ASN A 43 -10.01 11.12 -3.56
CA ASN A 43 -10.65 10.00 -2.89
C ASN A 43 -9.79 8.76 -2.97
N TYR A 44 -8.48 8.94 -2.82
CA TYR A 44 -7.54 7.82 -2.87
C TYR A 44 -6.31 8.09 -2.01
N GLY A 45 -5.69 7.03 -1.52
CA GLY A 45 -4.51 7.17 -0.68
C GLY A 45 -3.40 6.21 -1.06
N PHE A 46 -2.16 6.65 -0.91
CA PHE A 46 -1.02 5.81 -1.25
C PHE A 46 -0.15 5.56 -0.02
N VAL A 47 0.25 4.30 0.16
CA VAL A 47 1.08 3.92 1.30
C VAL A 47 2.28 3.09 0.85
N HIS A 48 3.47 3.66 1.01
CA HIS A 48 4.71 2.97 0.62
C HIS A 48 5.29 2.20 1.80
N ILE A 49 4.86 0.95 1.94
CA ILE A 49 5.34 0.10 3.02
C ILE A 49 6.82 -0.22 2.85
N GLU A 50 7.44 -0.71 3.92
CA GLU A 50 8.86 -1.06 3.90
C GLU A 50 9.11 -2.21 2.94
N ASP A 51 8.72 -3.41 3.35
CA ASP A 51 8.91 -4.61 2.53
C ASP A 51 7.58 -5.07 1.95
N LYS A 52 7.64 -5.69 0.77
CA LYS A 52 6.43 -6.19 0.10
C LYS A 52 5.69 -7.16 1.01
N THR A 53 6.37 -8.22 1.43
CA THR A 53 5.76 -9.23 2.29
C THR A 53 4.91 -8.58 3.39
N ALA A 54 5.31 -7.37 3.79
CA ALA A 54 4.58 -6.63 4.82
C ALA A 54 3.21 -6.17 4.32
N ALA A 55 3.19 -5.69 3.07
CA ALA A 55 1.94 -5.23 2.47
C ALA A 55 0.88 -6.31 2.48
N GLU A 56 1.20 -7.45 1.87
CA GLU A 56 0.26 -8.57 1.81
C GLU A 56 -0.39 -8.81 3.17
N ASP A 57 0.41 -8.76 4.22
CA ASP A 57 -0.09 -8.97 5.57
C ASP A 57 -1.20 -7.98 5.91
N ALA A 58 -0.98 -6.71 5.56
CA ALA A 58 -1.95 -5.67 5.82
C ALA A 58 -3.12 -5.76 4.85
N ILE A 59 -2.82 -5.59 3.56
CA ILE A 59 -3.84 -5.65 2.52
C ILE A 59 -4.93 -6.66 2.88
N ARG A 60 -4.52 -7.91 3.07
CA ARG A 60 -5.46 -8.98 3.41
C ARG A 60 -6.52 -8.47 4.39
N ASN A 61 -6.07 -7.86 5.48
CA ASN A 61 -6.98 -7.34 6.48
C ASN A 61 -7.56 -5.99 6.05
N LEU A 62 -6.70 -4.96 6.04
CA LEU A 62 -7.11 -3.63 5.65
C LEU A 62 -8.17 -3.69 4.56
N HIS A 63 -7.86 -4.37 3.47
CA HIS A 63 -8.79 -4.50 2.34
C HIS A 63 -10.20 -4.72 2.84
N HIS A 64 -11.12 -3.83 2.44
CA HIS A 64 -12.51 -3.92 2.85
C HIS A 64 -12.64 -3.79 4.36
N TYR A 65 -11.81 -2.94 4.95
CA TYR A 65 -11.83 -2.73 6.40
C TYR A 65 -12.81 -1.62 6.76
N LYS A 66 -13.75 -1.94 7.64
CA LYS A 66 -14.75 -0.97 8.08
C LYS A 66 -14.09 0.22 8.76
N LEU A 67 -14.12 1.38 8.10
CA LEU A 67 -13.52 2.59 8.65
C LEU A 67 -14.51 3.75 8.61
N HIS A 68 -15.22 3.97 9.71
CA HIS A 68 -16.20 5.04 9.79
C HIS A 68 -17.41 4.74 8.91
N GLY A 69 -17.96 3.54 9.06
CA GLY A 69 -19.12 3.16 8.28
C GLY A 69 -18.84 3.15 6.79
N VAL A 70 -17.63 2.76 6.43
CA VAL A 70 -17.23 2.71 5.02
C VAL A 70 -16.51 1.40 4.70
N ASN A 71 -16.21 1.19 3.42
CA ASN A 71 -15.52 -0.01 2.98
C ASN A 71 -14.34 0.34 2.08
N ILE A 72 -13.22 0.70 2.71
CA ILE A 72 -12.01 1.05 1.97
C ILE A 72 -11.53 -0.11 1.10
N ASN A 73 -10.72 0.21 0.09
CA ASN A 73 -10.20 -0.81 -0.81
C ASN A 73 -8.68 -0.69 -0.95
N VAL A 74 -7.97 -1.73 -0.54
CA VAL A 74 -6.52 -1.75 -0.62
C VAL A 74 -6.03 -2.70 -1.70
N GLU A 75 -5.15 -2.21 -2.57
CA GLU A 75 -4.61 -3.02 -3.65
C GLU A 75 -3.16 -2.65 -3.95
N ALA A 76 -2.35 -3.65 -4.29
CA ALA A 76 -0.95 -3.42 -4.59
C ALA A 76 -0.79 -2.56 -5.83
N SER A 77 -0.63 -1.26 -5.62
CA SER A 77 -0.46 -0.31 -6.73
C SER A 77 0.60 -0.81 -7.71
N LYS A 78 0.15 -1.18 -8.90
CA LYS A 78 1.05 -1.68 -9.94
C LYS A 78 0.66 -1.14 -11.30
N ASN A 79 1.65 -0.94 -12.17
CA ASN A 79 1.41 -0.43 -13.52
C ASN A 79 2.02 -1.35 -14.57
N LYS A 80 1.24 -2.34 -15.01
CA LYS A 80 1.70 -3.29 -16.01
C LYS A 80 3.17 -3.66 -15.78
N SER A 81 3.56 -3.70 -14.51
CA SER A 81 4.94 -4.04 -14.15
C SER A 81 5.16 -5.55 -14.23
N LYS A 82 5.99 -5.97 -15.17
CA LYS A 82 6.28 -7.40 -15.35
C LYS A 82 7.69 -7.72 -14.85
N ALA A 83 7.79 -8.79 -14.07
CA ALA A 83 9.08 -9.22 -13.53
C ALA A 83 9.48 -10.58 -14.07
N SER A 84 10.62 -10.63 -14.77
CA SER A 84 11.10 -11.87 -15.35
C SER A 84 12.16 -12.51 -14.46
N SER A 85 13.09 -11.68 -13.96
CA SER A 85 14.15 -12.17 -13.09
C SER A 85 14.37 -11.21 -11.92
N GLY A 86 14.55 -11.79 -10.73
CA GLY A 86 14.76 -10.98 -9.54
C GLY A 86 15.43 -11.76 -8.43
N PRO A 87 16.26 -11.06 -7.64
CA PRO A 87 16.99 -11.67 -6.52
C PRO A 87 16.10 -11.87 -5.30
N SER A 88 16.22 -13.03 -4.66
CA SER A 88 15.43 -13.33 -3.48
C SER A 88 16.28 -13.24 -2.21
N SER A 89 16.02 -12.23 -1.40
CA SER A 89 16.76 -12.03 -0.16
C SER A 89 15.81 -11.85 1.03
N GLY A 90 14.97 -10.83 0.95
CA GLY A 90 14.03 -10.57 2.02
C GLY A 90 12.64 -11.13 1.73
N GLY A 1 11.79 -0.90 -18.31
CA GLY A 1 11.84 -1.67 -17.08
C GLY A 1 12.50 -0.89 -15.95
N SER A 2 12.07 -1.17 -14.72
CA SER A 2 12.62 -0.50 -13.55
C SER A 2 13.18 -1.50 -12.56
N SER A 3 14.49 -1.42 -12.32
CA SER A 3 15.17 -2.32 -11.41
C SER A 3 14.86 -1.95 -9.95
N GLY A 4 14.80 -2.96 -9.09
CA GLY A 4 14.52 -2.72 -7.69
C GLY A 4 13.82 -3.89 -7.03
N SER A 5 14.60 -4.87 -6.58
CA SER A 5 14.05 -6.05 -5.94
C SER A 5 13.69 -5.76 -4.48
N SER A 6 14.61 -5.13 -3.76
CA SER A 6 14.39 -4.81 -2.36
C SER A 6 14.00 -3.34 -2.20
N GLY A 7 13.10 -2.89 -3.08
CA GLY A 7 12.64 -1.52 -3.02
C GLY A 7 11.29 -1.37 -2.37
N MET A 8 11.02 -0.20 -1.79
CA MET A 8 9.75 0.05 -1.13
C MET A 8 8.58 -0.46 -1.98
N VAL A 9 7.40 -0.53 -1.37
CA VAL A 9 6.21 -0.99 -2.07
C VAL A 9 5.02 -0.07 -1.81
N LYS A 10 4.50 0.53 -2.87
CA LYS A 10 3.36 1.44 -2.77
C LYS A 10 2.05 0.67 -2.74
N LEU A 11 1.04 1.25 -2.11
CA LEU A 11 -0.27 0.62 -2.00
C LEU A 11 -1.37 1.56 -2.47
N PHE A 12 -2.28 1.05 -3.29
CA PHE A 12 -3.39 1.85 -3.81
C PHE A 12 -4.64 1.68 -2.95
N ILE A 13 -5.11 2.78 -2.38
CA ILE A 13 -6.29 2.75 -1.54
C ILE A 13 -7.39 3.66 -2.09
N GLY A 14 -8.57 3.09 -2.30
CA GLY A 14 -9.68 3.85 -2.83
C GLY A 14 -10.90 3.81 -1.92
N ASN A 15 -11.94 4.53 -2.31
CA ASN A 15 -13.17 4.56 -1.53
C ASN A 15 -12.89 5.05 -0.10
N LEU A 16 -12.12 6.11 0.02
CA LEU A 16 -11.78 6.68 1.32
C LEU A 16 -12.81 7.72 1.75
N PRO A 17 -13.11 7.74 3.06
CA PRO A 17 -14.07 8.69 3.63
C PRO A 17 -13.50 10.08 3.79
N ARG A 18 -14.23 10.96 4.47
CA ARG A 18 -13.79 12.33 4.69
C ARG A 18 -13.02 12.44 6.01
N GLU A 19 -13.36 11.57 6.96
CA GLU A 19 -12.70 11.58 8.26
C GLU A 19 -11.32 10.94 8.18
N ALA A 20 -11.13 10.10 7.17
CA ALA A 20 -9.85 9.42 6.97
C ALA A 20 -8.70 10.42 6.96
N THR A 21 -7.64 10.10 7.71
CA THR A 21 -6.48 10.97 7.79
C THR A 21 -5.20 10.20 7.52
N GLU A 22 -4.18 10.89 6.99
CA GLU A 22 -2.91 10.26 6.69
C GLU A 22 -2.43 9.40 7.86
N GLN A 23 -2.59 9.93 9.06
CA GLN A 23 -2.17 9.21 10.26
C GLN A 23 -2.98 7.94 10.45
N GLU A 24 -4.30 8.09 10.53
CA GLU A 24 -5.20 6.95 10.71
C GLU A 24 -4.83 5.82 9.74
N ILE A 25 -4.62 6.18 8.47
CA ILE A 25 -4.27 5.20 7.46
C ILE A 25 -2.86 4.66 7.68
N ARG A 26 -1.88 5.55 7.66
CA ARG A 26 -0.48 5.16 7.86
C ARG A 26 -0.37 4.16 9.00
N SER A 27 -0.92 4.51 10.15
CA SER A 27 -0.87 3.64 11.32
C SER A 27 -1.35 2.24 10.98
N LEU A 28 -2.58 2.14 10.47
CA LEU A 28 -3.16 0.86 10.09
C LEU A 28 -2.11 -0.04 9.45
N PHE A 29 -1.30 0.53 8.57
CA PHE A 29 -0.25 -0.22 7.89
C PHE A 29 0.97 -0.40 8.80
N GLU A 30 1.18 0.55 9.70
CA GLU A 30 2.31 0.49 10.62
C GLU A 30 2.24 -0.77 11.48
N GLN A 31 1.05 -1.34 11.59
CA GLN A 31 0.84 -2.54 12.39
C GLN A 31 1.43 -3.77 11.68
N TYR A 32 1.64 -3.64 10.38
CA TYR A 32 2.19 -4.73 9.58
C TYR A 32 3.46 -4.30 8.86
N GLY A 33 4.03 -3.18 9.30
CA GLY A 33 5.24 -2.67 8.69
C GLY A 33 5.29 -1.17 8.64
N LYS A 34 6.43 -0.59 9.00
CA LYS A 34 6.60 0.85 9.01
C LYS A 34 6.18 1.46 7.67
N VAL A 35 5.74 2.71 7.69
CA VAL A 35 5.31 3.40 6.48
C VAL A 35 6.31 4.47 6.09
N LEU A 36 6.61 4.55 4.78
CA LEU A 36 7.55 5.53 4.27
C LEU A 36 6.83 6.82 3.89
N GLU A 37 5.86 6.71 3.00
CA GLU A 37 5.09 7.87 2.55
C GLU A 37 3.59 7.58 2.61
N CYS A 38 2.81 8.61 2.90
CA CYS A 38 1.36 8.47 2.99
C CYS A 38 0.67 9.73 2.49
N ASP A 39 -0.19 9.57 1.48
CA ASP A 39 -0.92 10.69 0.90
C ASP A 39 -2.39 10.35 0.73
N ILE A 40 -3.22 11.37 0.59
CA ILE A 40 -4.65 11.18 0.41
C ILE A 40 -5.25 12.25 -0.49
N ILE A 41 -5.63 11.87 -1.70
CA ILE A 41 -6.22 12.80 -2.65
C ILE A 41 -7.24 12.10 -3.55
N LYS A 42 -8.02 12.89 -4.27
CA LYS A 42 -9.04 12.36 -5.17
C LYS A 42 -9.65 11.08 -4.60
N ASN A 43 -10.16 11.16 -3.38
CA ASN A 43 -10.77 10.01 -2.72
C ASN A 43 -9.88 8.78 -2.85
N TYR A 44 -8.59 8.95 -2.61
CA TYR A 44 -7.63 7.85 -2.71
C TYR A 44 -6.41 8.12 -1.83
N GLY A 45 -5.79 7.03 -1.36
CA GLY A 45 -4.62 7.16 -0.52
C GLY A 45 -3.51 6.23 -0.93
N PHE A 46 -2.27 6.73 -0.91
CA PHE A 46 -1.11 5.93 -1.29
C PHE A 46 -0.23 5.65 -0.08
N VAL A 47 0.06 4.38 0.15
CA VAL A 47 0.90 3.97 1.28
C VAL A 47 2.11 3.18 0.80
N HIS A 48 3.30 3.67 1.13
CA HIS A 48 4.54 3.01 0.74
C HIS A 48 5.16 2.28 1.93
N ILE A 49 4.83 0.99 2.06
CA ILE A 49 5.36 0.18 3.16
C ILE A 49 6.84 -0.09 2.97
N GLU A 50 7.50 -0.53 4.04
CA GLU A 50 8.93 -0.83 3.99
C GLU A 50 9.20 -2.01 3.06
N ASP A 51 8.76 -3.20 3.47
CA ASP A 51 8.96 -4.40 2.67
C ASP A 51 7.65 -4.86 2.06
N LYS A 52 7.74 -5.52 0.91
CA LYS A 52 6.56 -6.02 0.22
C LYS A 52 5.76 -6.96 1.10
N THR A 53 6.36 -8.10 1.44
CA THR A 53 5.71 -9.09 2.30
C THR A 53 4.96 -8.41 3.45
N ALA A 54 5.49 -7.27 3.89
CA ALA A 54 4.88 -6.54 4.99
C ALA A 54 3.47 -6.07 4.62
N ALA A 55 3.33 -5.57 3.39
CA ALA A 55 2.04 -5.10 2.91
C ALA A 55 1.01 -6.22 2.86
N GLU A 56 1.38 -7.32 2.20
CA GLU A 56 0.49 -8.46 2.07
C GLU A 56 -0.35 -8.64 3.32
N ASP A 57 0.31 -8.84 4.45
CA ASP A 57 -0.38 -9.03 5.72
C ASP A 57 -1.46 -7.97 5.91
N ALA A 58 -1.08 -6.71 5.73
CA ALA A 58 -2.02 -5.60 5.88
C ALA A 58 -3.08 -5.64 4.79
N ILE A 59 -2.65 -5.46 3.55
CA ILE A 59 -3.56 -5.46 2.41
C ILE A 59 -4.72 -6.44 2.64
N ARG A 60 -4.39 -7.72 2.69
CA ARG A 60 -5.40 -8.76 2.90
C ARG A 60 -6.46 -8.29 3.90
N ASN A 61 -6.00 -7.88 5.08
CA ASN A 61 -6.91 -7.42 6.12
C ASN A 61 -7.55 -6.09 5.72
N LEU A 62 -6.77 -5.01 5.76
CA LEU A 62 -7.27 -3.68 5.42
C LEU A 62 -8.35 -3.78 4.35
N HIS A 63 -8.15 -4.66 3.38
CA HIS A 63 -9.11 -4.85 2.30
C HIS A 63 -10.51 -5.06 2.85
N HIS A 64 -11.46 -4.25 2.40
CA HIS A 64 -12.84 -4.36 2.85
C HIS A 64 -12.95 -4.09 4.36
N TYR A 65 -12.12 -3.17 4.84
CA TYR A 65 -12.12 -2.81 6.25
C TYR A 65 -13.16 -1.74 6.56
N LYS A 66 -13.74 -1.80 7.75
CA LYS A 66 -14.74 -0.83 8.17
C LYS A 66 -14.08 0.39 8.81
N LEU A 67 -14.03 1.50 8.06
CA LEU A 67 -13.43 2.73 8.56
C LEU A 67 -14.45 3.87 8.55
N HIS A 68 -15.18 4.01 9.65
CA HIS A 68 -16.18 5.06 9.77
C HIS A 68 -17.42 4.72 8.94
N GLY A 69 -17.89 3.48 9.06
CA GLY A 69 -19.06 3.07 8.32
C GLY A 69 -18.81 3.01 6.83
N VAL A 70 -17.59 2.69 6.44
CA VAL A 70 -17.22 2.61 5.03
C VAL A 70 -16.36 1.39 4.76
N ASN A 71 -16.49 0.83 3.56
CA ASN A 71 -15.73 -0.35 3.17
C ASN A 71 -14.63 0.02 2.18
N ILE A 72 -13.51 0.51 2.70
CA ILE A 72 -12.38 0.91 1.87
C ILE A 72 -11.81 -0.29 1.12
N ASN A 73 -11.07 -0.01 0.04
CA ASN A 73 -10.47 -1.07 -0.76
C ASN A 73 -8.96 -0.88 -0.86
N VAL A 74 -8.23 -1.96 -0.63
CA VAL A 74 -6.76 -1.93 -0.70
C VAL A 74 -6.24 -2.76 -1.85
N GLU A 75 -5.39 -2.16 -2.68
CA GLU A 75 -4.82 -2.86 -3.82
C GLU A 75 -3.30 -2.71 -3.84
N ALA A 76 -2.61 -3.80 -4.17
CA ALA A 76 -1.16 -3.81 -4.23
C ALA A 76 -0.66 -3.08 -5.47
N SER A 77 -0.34 -1.80 -5.33
CA SER A 77 0.14 -1.00 -6.44
C SER A 77 1.28 -1.71 -7.18
N LYS A 78 1.19 -1.75 -8.49
CA LYS A 78 2.21 -2.39 -9.31
C LYS A 78 2.22 -1.82 -10.73
N ASN A 79 3.26 -1.06 -11.05
CA ASN A 79 3.38 -0.45 -12.37
C ASN A 79 3.58 -1.52 -13.44
N LYS A 80 3.02 -1.28 -14.62
CA LYS A 80 3.13 -2.22 -15.73
C LYS A 80 3.19 -1.48 -17.06
N SER A 81 3.54 -2.20 -18.12
CA SER A 81 3.64 -1.61 -19.45
C SER A 81 3.69 -2.70 -20.52
N LYS A 82 2.89 -2.53 -21.57
CA LYS A 82 2.84 -3.49 -22.66
C LYS A 82 2.88 -2.79 -24.01
N ALA A 83 3.28 -3.52 -25.05
CA ALA A 83 3.36 -2.96 -26.39
C ALA A 83 3.43 -4.07 -27.44
N SER A 84 2.64 -3.94 -28.49
CA SER A 84 2.62 -4.92 -29.56
C SER A 84 3.61 -4.56 -30.66
N SER A 85 4.75 -5.23 -30.66
CA SER A 85 5.79 -4.98 -31.66
C SER A 85 6.49 -6.28 -32.05
N GLY A 86 7.38 -6.18 -33.05
CA GLY A 86 8.10 -7.35 -33.50
C GLY A 86 8.56 -7.23 -34.94
N PRO A 87 9.58 -6.40 -35.17
CA PRO A 87 10.13 -6.17 -36.51
C PRO A 87 11.02 -7.32 -36.97
N SER A 88 11.33 -7.34 -38.27
CA SER A 88 12.17 -8.40 -38.84
C SER A 88 13.64 -8.03 -38.71
N SER A 89 14.50 -9.05 -38.67
CA SER A 89 15.93 -8.85 -38.55
C SER A 89 16.69 -9.68 -39.58
N GLY A 90 17.30 -9.01 -40.55
CA GLY A 90 18.05 -9.71 -41.57
C GLY A 90 19.33 -8.97 -41.95
N GLY A 1 12.90 -13.10 -13.64
CA GLY A 1 12.69 -11.99 -14.54
C GLY A 1 11.99 -10.82 -13.87
N SER A 2 12.55 -10.36 -12.76
CA SER A 2 11.99 -9.25 -12.01
C SER A 2 13.08 -8.31 -11.50
N SER A 3 12.81 -7.02 -11.53
CA SER A 3 13.77 -6.02 -11.08
C SER A 3 14.10 -6.23 -9.61
N GLY A 4 15.37 -6.51 -9.32
CA GLY A 4 15.80 -6.74 -7.95
C GLY A 4 15.85 -5.45 -7.15
N SER A 5 16.17 -5.56 -5.87
CA SER A 5 16.24 -4.40 -4.99
C SER A 5 14.92 -3.63 -5.00
N SER A 6 13.82 -4.33 -4.80
CA SER A 6 12.51 -3.71 -4.81
C SER A 6 12.45 -2.56 -3.81
N GLY A 7 12.81 -2.83 -2.57
CA GLY A 7 12.80 -1.80 -1.54
C GLY A 7 11.42 -1.61 -0.94
N MET A 8 10.81 -0.47 -1.24
CA MET A 8 9.48 -0.15 -0.72
C MET A 8 8.39 -0.54 -1.72
N VAL A 9 7.15 -0.55 -1.26
CA VAL A 9 6.02 -0.89 -2.13
C VAL A 9 4.84 0.03 -1.89
N LYS A 10 4.33 0.63 -2.95
CA LYS A 10 3.20 1.54 -2.86
C LYS A 10 1.88 0.76 -2.85
N LEU A 11 0.91 1.27 -2.10
CA LEU A 11 -0.40 0.64 -2.01
C LEU A 11 -1.51 1.60 -2.40
N PHE A 12 -2.33 1.18 -3.35
CA PHE A 12 -3.44 2.00 -3.83
C PHE A 12 -4.69 1.78 -2.98
N ILE A 13 -5.21 2.85 -2.39
CA ILE A 13 -6.40 2.78 -1.56
C ILE A 13 -7.51 3.67 -2.10
N GLY A 14 -8.66 3.07 -2.38
CA GLY A 14 -9.78 3.84 -2.89
C GLY A 14 -10.98 3.80 -1.97
N ASN A 15 -12.02 4.56 -2.32
CA ASN A 15 -13.23 4.60 -1.52
C ASN A 15 -12.92 5.07 -0.10
N LEU A 16 -12.20 6.18 0.01
CA LEU A 16 -11.82 6.73 1.31
C LEU A 16 -12.78 7.83 1.72
N PRO A 17 -13.15 7.85 3.01
CA PRO A 17 -14.07 8.86 3.57
C PRO A 17 -13.37 10.19 3.84
N ARG A 18 -14.11 11.15 4.38
CA ARG A 18 -13.57 12.46 4.69
C ARG A 18 -12.88 12.45 6.06
N GLU A 19 -13.35 11.60 6.94
CA GLU A 19 -12.79 11.49 8.28
C GLU A 19 -11.36 10.94 8.23
N ALA A 20 -11.13 10.02 7.30
CA ALA A 20 -9.82 9.41 7.14
C ALA A 20 -8.73 10.47 7.09
N THR A 21 -7.59 10.18 7.72
CA THR A 21 -6.47 11.12 7.74
C THR A 21 -5.16 10.41 7.40
N GLU A 22 -4.23 11.16 6.81
CA GLU A 22 -2.94 10.61 6.44
C GLU A 22 -2.38 9.73 7.54
N GLN A 23 -2.56 10.15 8.79
CA GLN A 23 -2.08 9.39 9.93
C GLN A 23 -2.86 8.09 10.10
N GLU A 24 -4.15 8.22 10.38
CA GLU A 24 -5.01 7.05 10.57
C GLU A 24 -4.64 5.95 9.60
N ILE A 25 -4.64 6.28 8.30
CA ILE A 25 -4.31 5.30 7.27
C ILE A 25 -2.90 4.76 7.47
N ARG A 26 -1.95 5.66 7.68
CA ARG A 26 -0.56 5.26 7.88
C ARG A 26 -0.44 4.24 9.00
N SER A 27 -0.91 4.60 10.19
CA SER A 27 -0.86 3.71 11.34
C SER A 27 -1.33 2.31 10.96
N LEU A 28 -2.53 2.22 10.41
CA LEU A 28 -3.10 0.94 10.01
C LEU A 28 -2.03 0.02 9.43
N PHE A 29 -1.17 0.60 8.58
CA PHE A 29 -0.09 -0.17 7.96
C PHE A 29 1.09 -0.33 8.91
N GLU A 30 1.31 0.69 9.75
CA GLU A 30 2.40 0.66 10.71
C GLU A 30 2.33 -0.59 11.59
N GLN A 31 1.14 -1.18 11.67
CA GLN A 31 0.93 -2.37 12.48
C GLN A 31 1.47 -3.61 11.76
N TYR A 32 1.56 -3.54 10.44
CA TYR A 32 2.05 -4.64 9.64
C TYR A 32 3.35 -4.26 8.92
N GLY A 33 3.85 -3.07 9.22
CA GLY A 33 5.08 -2.61 8.60
C GLY A 33 5.20 -1.11 8.60
N LYS A 34 6.38 -0.60 8.98
CA LYS A 34 6.61 0.83 9.02
C LYS A 34 6.31 1.47 7.68
N VAL A 35 5.52 2.54 7.71
CA VAL A 35 5.15 3.26 6.49
C VAL A 35 6.17 4.35 6.16
N LEU A 36 6.54 4.43 4.89
CA LEU A 36 7.51 5.43 4.45
C LEU A 36 6.81 6.72 4.04
N GLU A 37 5.70 6.59 3.32
CA GLU A 37 4.94 7.74 2.87
C GLU A 37 3.44 7.44 2.87
N CYS A 38 2.64 8.46 3.14
CA CYS A 38 1.19 8.31 3.18
C CYS A 38 0.49 9.57 2.68
N ASP A 39 -0.17 9.47 1.53
CA ASP A 39 -0.87 10.60 0.94
C ASP A 39 -2.35 10.28 0.76
N ILE A 40 -3.16 11.32 0.58
CA ILE A 40 -4.59 11.15 0.39
C ILE A 40 -5.15 12.21 -0.55
N ILE A 41 -5.44 11.81 -1.78
CA ILE A 41 -5.99 12.73 -2.78
C ILE A 41 -6.99 12.03 -3.68
N LYS A 42 -7.81 12.82 -4.37
CA LYS A 42 -8.82 12.28 -5.28
C LYS A 42 -9.51 11.07 -4.66
N ASN A 43 -9.94 11.21 -3.42
CA ASN A 43 -10.62 10.13 -2.72
C ASN A 43 -9.79 8.85 -2.75
N TYR A 44 -8.47 9.00 -2.71
CA TYR A 44 -7.56 7.87 -2.74
C TYR A 44 -6.33 8.12 -1.87
N GLY A 45 -5.73 7.05 -1.38
CA GLY A 45 -4.56 7.17 -0.55
C GLY A 45 -3.45 6.20 -0.93
N PHE A 46 -2.21 6.65 -0.86
CA PHE A 46 -1.07 5.81 -1.21
C PHE A 46 -0.21 5.52 0.02
N VAL A 47 0.09 4.24 0.24
CA VAL A 47 0.91 3.83 1.38
C VAL A 47 2.14 3.07 0.91
N HIS A 48 3.32 3.62 1.22
CA HIS A 48 4.57 2.99 0.85
C HIS A 48 5.16 2.18 2.01
N ILE A 49 4.79 0.91 2.08
CA ILE A 49 5.28 0.04 3.14
C ILE A 49 6.77 -0.25 2.98
N GLU A 50 7.43 -0.56 4.09
CA GLU A 50 8.85 -0.86 4.08
C GLU A 50 9.15 -2.02 3.13
N ASP A 51 8.68 -3.21 3.51
CA ASP A 51 8.90 -4.41 2.70
C ASP A 51 7.59 -4.86 2.04
N LYS A 52 7.71 -5.45 0.86
CA LYS A 52 6.55 -5.92 0.12
C LYS A 52 5.76 -6.94 0.95
N THR A 53 6.45 -7.94 1.47
CA THR A 53 5.81 -8.98 2.27
C THR A 53 5.04 -8.36 3.43
N ALA A 54 5.49 -7.21 3.90
CA ALA A 54 4.83 -6.52 5.01
C ALA A 54 3.44 -6.05 4.60
N ALA A 55 3.26 -5.78 3.32
CA ALA A 55 1.98 -5.33 2.79
C ALA A 55 0.95 -6.44 2.81
N GLU A 56 1.29 -7.56 2.18
CA GLU A 56 0.39 -8.72 2.12
C GLU A 56 -0.43 -8.83 3.40
N ASP A 57 0.25 -8.89 4.54
CA ASP A 57 -0.41 -9.00 5.83
C ASP A 57 -1.42 -7.87 6.02
N ALA A 58 -0.99 -6.65 5.73
CA ALA A 58 -1.85 -5.48 5.87
C ALA A 58 -2.94 -5.47 4.81
N ILE A 59 -2.53 -5.32 3.55
CA ILE A 59 -3.48 -5.31 2.45
C ILE A 59 -4.67 -6.22 2.72
N ARG A 60 -4.40 -7.52 2.77
CA ARG A 60 -5.45 -8.51 3.02
C ARG A 60 -6.47 -7.97 4.02
N ASN A 61 -6.09 -7.93 5.29
CA ASN A 61 -6.98 -7.43 6.33
C ASN A 61 -7.59 -6.10 5.94
N LEU A 62 -6.77 -5.06 5.91
CA LEU A 62 -7.24 -3.73 5.53
C LEU A 62 -8.24 -3.80 4.39
N HIS A 63 -8.10 -4.81 3.54
CA HIS A 63 -8.99 -4.99 2.41
C HIS A 63 -10.45 -5.07 2.87
N HIS A 64 -11.28 -4.18 2.33
CA HIS A 64 -12.70 -4.15 2.69
C HIS A 64 -12.87 -3.95 4.20
N TYR A 65 -11.95 -3.21 4.80
CA TYR A 65 -12.00 -2.93 6.23
C TYR A 65 -13.11 -1.93 6.55
N LYS A 66 -13.93 -2.26 7.54
CA LYS A 66 -15.02 -1.39 7.96
C LYS A 66 -14.51 -0.23 8.81
N LEU A 67 -14.15 0.86 8.16
CA LEU A 67 -13.65 2.04 8.86
C LEU A 67 -14.64 3.18 8.79
N HIS A 68 -14.89 3.81 9.93
CA HIS A 68 -15.83 4.94 10.01
C HIS A 68 -17.15 4.56 9.36
N GLY A 69 -17.46 3.27 9.34
CA GLY A 69 -18.70 2.82 8.75
C GLY A 69 -18.68 2.88 7.23
N VAL A 70 -17.52 2.60 6.65
CA VAL A 70 -17.37 2.63 5.20
C VAL A 70 -16.49 1.47 4.72
N ASN A 71 -16.69 1.06 3.47
CA ASN A 71 -15.92 -0.04 2.89
C ASN A 71 -14.81 0.49 1.99
N ILE A 72 -13.57 0.24 2.39
CA ILE A 72 -12.41 0.69 1.62
C ILE A 72 -11.83 -0.44 0.79
N ASN A 73 -11.13 -0.10 -0.29
CA ASN A 73 -10.51 -1.09 -1.16
C ASN A 73 -8.99 -0.97 -1.13
N VAL A 74 -8.32 -2.06 -0.80
CA VAL A 74 -6.86 -2.07 -0.74
C VAL A 74 -6.27 -2.98 -1.81
N GLU A 75 -5.51 -2.39 -2.72
CA GLU A 75 -4.89 -3.16 -3.80
C GLU A 75 -3.52 -2.59 -4.16
N ALA A 76 -2.53 -3.47 -4.23
CA ALA A 76 -1.17 -3.06 -4.57
C ALA A 76 -1.12 -2.32 -5.90
N SER A 77 -0.36 -1.23 -5.95
CA SER A 77 -0.24 -0.44 -7.17
C SER A 77 0.48 -1.24 -8.26
N LYS A 78 -0.13 -1.28 -9.45
CA LYS A 78 0.44 -2.00 -10.57
C LYS A 78 0.17 -1.27 -11.88
N ASN A 79 1.23 -0.82 -12.54
CA ASN A 79 1.11 -0.11 -13.80
C ASN A 79 2.47 0.07 -14.47
N LYS A 80 2.47 0.11 -15.80
CA LYS A 80 3.69 0.27 -16.56
C LYS A 80 3.47 1.15 -17.79
N SER A 81 4.54 1.42 -18.53
CA SER A 81 4.45 2.25 -19.72
C SER A 81 4.34 1.38 -20.98
N LYS A 82 3.11 1.21 -21.45
CA LYS A 82 2.84 0.41 -22.64
C LYS A 82 3.02 1.25 -23.90
N ALA A 83 4.11 2.01 -23.96
CA ALA A 83 4.39 2.86 -25.12
C ALA A 83 4.69 2.01 -26.36
N SER A 84 3.72 1.95 -27.27
CA SER A 84 3.88 1.17 -28.50
C SER A 84 3.51 2.01 -29.71
N SER A 85 4.53 2.46 -30.44
CA SER A 85 4.31 3.28 -31.63
C SER A 85 5.21 2.82 -32.77
N GLY A 86 4.61 2.42 -33.87
CA GLY A 86 5.36 1.96 -35.03
C GLY A 86 5.96 0.59 -34.81
N PRO A 87 6.83 0.16 -35.74
CA PRO A 87 7.49 -1.14 -35.67
C PRO A 87 8.03 -1.45 -34.28
N SER A 88 8.09 -2.74 -33.95
CA SER A 88 8.58 -3.17 -32.64
C SER A 88 9.98 -3.79 -32.77
N SER A 89 10.90 -3.32 -31.94
CA SER A 89 12.27 -3.84 -31.96
C SER A 89 12.52 -4.75 -30.77
N GLY A 90 13.70 -5.35 -30.73
CA GLY A 90 14.05 -6.25 -29.64
C GLY A 90 14.15 -7.69 -30.09
N GLY A 1 10.46 -2.97 -14.68
CA GLY A 1 11.35 -3.69 -15.57
C GLY A 1 12.68 -2.99 -15.74
N SER A 2 13.58 -3.19 -14.80
CA SER A 2 14.90 -2.57 -14.85
C SER A 2 14.78 -1.04 -14.92
N SER A 3 13.86 -0.49 -14.14
CA SER A 3 13.64 0.95 -14.11
C SER A 3 14.65 1.64 -13.20
N GLY A 4 14.79 1.10 -11.99
CA GLY A 4 15.72 1.68 -11.03
C GLY A 4 16.18 0.68 -9.99
N SER A 5 15.62 0.78 -8.79
CA SER A 5 15.98 -0.13 -7.70
C SER A 5 14.75 -0.50 -6.88
N SER A 6 14.77 -1.69 -6.29
CA SER A 6 13.66 -2.17 -5.48
C SER A 6 13.83 -1.72 -4.03
N GLY A 7 12.73 -1.75 -3.29
CA GLY A 7 12.76 -1.35 -1.89
C GLY A 7 11.38 -1.31 -1.26
N MET A 8 10.77 -0.12 -1.27
CA MET A 8 9.45 0.06 -0.69
C MET A 8 8.38 -0.53 -1.60
N VAL A 9 7.13 -0.41 -1.19
CA VAL A 9 6.00 -0.93 -1.96
C VAL A 9 4.79 -0.02 -1.86
N LYS A 10 4.39 0.57 -2.98
CA LYS A 10 3.24 1.46 -3.00
C LYS A 10 1.94 0.69 -2.77
N LEU A 11 0.96 1.37 -2.21
CA LEU A 11 -0.33 0.74 -1.94
C LEU A 11 -1.48 1.64 -2.40
N PHE A 12 -2.21 1.17 -3.41
CA PHE A 12 -3.34 1.93 -3.95
C PHE A 12 -4.60 1.70 -3.12
N ILE A 13 -5.08 2.77 -2.48
CA ILE A 13 -6.27 2.69 -1.65
C ILE A 13 -7.37 3.61 -2.17
N GLY A 14 -8.53 3.03 -2.48
CA GLY A 14 -9.64 3.81 -2.98
C GLY A 14 -10.88 3.68 -2.12
N ASN A 15 -11.84 4.57 -2.33
CA ASN A 15 -13.08 4.55 -1.57
C ASN A 15 -12.85 5.02 -0.13
N LEU A 16 -12.03 6.06 0.02
CA LEU A 16 -11.71 6.59 1.34
C LEU A 16 -12.77 7.61 1.77
N PRO A 17 -13.08 7.62 3.09
CA PRO A 17 -14.07 8.53 3.65
C PRO A 17 -13.53 9.95 3.82
N ARG A 18 -14.35 10.84 4.36
CA ARG A 18 -13.95 12.22 4.58
C ARG A 18 -13.16 12.37 5.88
N GLU A 19 -13.41 11.46 6.82
CA GLU A 19 -12.72 11.49 8.11
C GLU A 19 -11.32 10.90 7.98
N ALA A 20 -11.13 10.05 6.98
CA ALA A 20 -9.84 9.42 6.75
C ALA A 20 -8.72 10.46 6.72
N THR A 21 -7.69 10.24 7.54
CA THR A 21 -6.56 11.15 7.61
C THR A 21 -5.24 10.41 7.38
N GLU A 22 -4.27 11.11 6.80
CA GLU A 22 -2.97 10.52 6.52
C GLU A 22 -2.51 9.64 7.68
N GLN A 23 -2.57 10.18 8.89
CA GLN A 23 -2.17 9.44 10.08
C GLN A 23 -3.00 8.18 10.24
N GLU A 24 -4.30 8.36 10.49
CA GLU A 24 -5.21 7.23 10.68
C GLU A 24 -4.81 6.06 9.78
N ILE A 25 -4.65 6.34 8.49
CA ILE A 25 -4.26 5.31 7.53
C ILE A 25 -2.81 4.89 7.72
N ARG A 26 -1.96 5.87 8.03
CA ARG A 26 -0.54 5.61 8.24
C ARG A 26 -0.33 4.57 9.35
N SER A 27 -1.02 4.77 10.47
CA SER A 27 -0.91 3.86 11.60
C SER A 27 -1.38 2.46 11.22
N LEU A 28 -2.52 2.38 10.56
CA LEU A 28 -3.08 1.10 10.15
C LEU A 28 -2.00 0.21 9.53
N PHE A 29 -1.19 0.80 8.67
CA PHE A 29 -0.11 0.06 8.00
C PHE A 29 1.07 -0.13 8.95
N GLU A 30 1.23 0.79 9.89
CA GLU A 30 2.32 0.71 10.85
C GLU A 30 2.17 -0.51 11.75
N GLN A 31 1.00 -1.14 11.69
CA GLN A 31 0.74 -2.33 12.50
C GLN A 31 1.31 -3.57 11.84
N TYR A 32 1.37 -3.56 10.50
CA TYR A 32 1.90 -4.69 9.76
C TYR A 32 3.22 -4.32 9.07
N GLY A 33 3.73 -3.15 9.40
CA GLY A 33 4.98 -2.69 8.81
C GLY A 33 5.11 -1.18 8.82
N LYS A 34 6.33 -0.71 9.07
CA LYS A 34 6.59 0.73 9.11
C LYS A 34 6.22 1.39 7.79
N VAL A 35 5.68 2.60 7.87
CA VAL A 35 5.28 3.34 6.68
C VAL A 35 6.32 4.40 6.33
N LEU A 36 6.52 4.63 5.02
CA LEU A 36 7.47 5.62 4.56
C LEU A 36 6.75 6.90 4.13
N GLU A 37 5.82 6.77 3.19
CA GLU A 37 5.07 7.91 2.70
C GLU A 37 3.58 7.60 2.62
N CYS A 38 2.74 8.60 2.84
CA CYS A 38 1.29 8.43 2.80
C CYS A 38 0.61 9.71 2.34
N ASP A 39 -0.09 9.64 1.22
CA ASP A 39 -0.80 10.79 0.68
C ASP A 39 -2.25 10.44 0.33
N ILE A 40 -3.18 11.21 0.85
CA ILE A 40 -4.59 10.98 0.60
C ILE A 40 -5.20 12.08 -0.27
N ILE A 41 -5.48 11.75 -1.51
CA ILE A 41 -6.06 12.71 -2.45
C ILE A 41 -7.05 12.04 -3.39
N LYS A 42 -7.92 12.84 -4.00
CA LYS A 42 -8.92 12.32 -4.93
C LYS A 42 -9.59 11.08 -4.36
N ASN A 43 -10.11 11.20 -3.14
CA ASN A 43 -10.78 10.08 -2.49
C ASN A 43 -9.92 8.82 -2.55
N TYR A 44 -8.61 9.00 -2.65
CA TYR A 44 -7.68 7.88 -2.71
C TYR A 44 -6.46 8.13 -1.83
N GLY A 45 -5.80 7.05 -1.43
CA GLY A 45 -4.63 7.18 -0.58
C GLY A 45 -3.52 6.22 -1.00
N PHE A 46 -2.30 6.74 -1.09
CA PHE A 46 -1.15 5.93 -1.47
C PHE A 46 -0.21 5.71 -0.28
N VAL A 47 -0.03 4.45 0.09
CA VAL A 47 0.84 4.11 1.22
C VAL A 47 2.03 3.26 0.76
N HIS A 48 3.23 3.68 1.13
CA HIS A 48 4.44 2.95 0.76
C HIS A 48 5.01 2.20 1.95
N ILE A 49 4.68 0.92 2.06
CA ILE A 49 5.18 0.10 3.17
C ILE A 49 6.67 -0.17 3.03
N GLU A 50 7.27 -0.68 4.11
CA GLU A 50 8.69 -0.98 4.10
C GLU A 50 9.00 -2.18 3.20
N ASP A 51 8.65 -3.37 3.67
CA ASP A 51 8.88 -4.59 2.91
C ASP A 51 7.59 -5.06 2.22
N LYS A 52 7.73 -5.55 1.00
CA LYS A 52 6.59 -6.04 0.24
C LYS A 52 5.80 -7.07 1.04
N THR A 53 6.44 -8.18 1.38
CA THR A 53 5.80 -9.23 2.14
C THR A 53 4.85 -8.66 3.19
N ALA A 54 5.23 -7.53 3.77
CA ALA A 54 4.41 -6.87 4.78
C ALA A 54 3.05 -6.46 4.21
N ALA A 55 3.08 -5.86 3.02
CA ALA A 55 1.86 -5.41 2.36
C ALA A 55 0.83 -6.53 2.31
N GLU A 56 1.26 -7.70 1.84
CA GLU A 56 0.37 -8.86 1.74
C GLU A 56 -0.35 -9.10 3.06
N ASP A 57 0.38 -8.98 4.16
CA ASP A 57 -0.19 -9.19 5.49
C ASP A 57 -1.28 -8.16 5.78
N ALA A 58 -0.93 -6.88 5.62
CA ALA A 58 -1.87 -5.79 5.88
C ALA A 58 -2.96 -5.77 4.82
N ILE A 59 -2.58 -5.50 3.58
CA ILE A 59 -3.53 -5.44 2.48
C ILE A 59 -4.64 -6.47 2.65
N ARG A 60 -4.24 -7.75 2.73
CA ARG A 60 -5.21 -8.82 2.89
C ARG A 60 -6.28 -8.46 3.92
N ASN A 61 -5.83 -8.00 5.08
CA ASN A 61 -6.74 -7.61 6.15
C ASN A 61 -7.43 -6.29 5.83
N LEU A 62 -6.65 -5.22 5.84
CA LEU A 62 -7.18 -3.88 5.55
C LEU A 62 -8.28 -3.95 4.50
N HIS A 63 -8.07 -4.76 3.46
CA HIS A 63 -9.05 -4.92 2.40
C HIS A 63 -10.46 -5.01 2.97
N HIS A 64 -11.32 -4.07 2.58
CA HIS A 64 -12.70 -4.05 3.05
C HIS A 64 -12.75 -3.86 4.56
N TYR A 65 -11.81 -3.09 5.08
CA TYR A 65 -11.74 -2.82 6.51
C TYR A 65 -12.69 -1.70 6.91
N LYS A 66 -13.66 -2.02 7.77
CA LYS A 66 -14.63 -1.04 8.23
C LYS A 66 -13.94 0.16 8.87
N LEU A 67 -14.01 1.30 8.19
CA LEU A 67 -13.39 2.53 8.69
C LEU A 67 -14.38 3.69 8.65
N HIS A 68 -15.11 3.88 9.74
CA HIS A 68 -16.08 4.96 9.82
C HIS A 68 -17.33 4.64 8.99
N GLY A 69 -17.83 3.42 9.13
CA GLY A 69 -19.00 3.00 8.39
C GLY A 69 -18.75 2.95 6.89
N VAL A 70 -17.53 2.64 6.51
CA VAL A 70 -17.15 2.56 5.11
C VAL A 70 -16.26 1.34 4.84
N ASN A 71 -16.23 0.89 3.59
CA ASN A 71 -15.42 -0.25 3.20
C ASN A 71 -14.35 0.16 2.20
N ILE A 72 -13.18 0.51 2.70
CA ILE A 72 -12.07 0.92 1.84
C ILE A 72 -11.55 -0.26 1.02
N ASN A 73 -11.10 0.03 -0.20
CA ASN A 73 -10.58 -1.00 -1.08
C ASN A 73 -9.06 -0.90 -1.19
N VAL A 74 -8.37 -1.96 -0.76
CA VAL A 74 -6.92 -1.99 -0.81
C VAL A 74 -6.42 -2.87 -1.95
N GLU A 75 -5.46 -2.36 -2.71
CA GLU A 75 -4.90 -3.10 -3.84
C GLU A 75 -3.53 -2.55 -4.22
N ALA A 76 -2.57 -3.45 -4.40
CA ALA A 76 -1.21 -3.06 -4.76
C ALA A 76 -1.21 -2.23 -6.04
N SER A 77 -0.21 -1.38 -6.18
CA SER A 77 -0.09 -0.52 -7.36
C SER A 77 1.10 -0.93 -8.21
N LYS A 78 0.81 -1.55 -9.36
CA LYS A 78 1.85 -2.00 -10.26
C LYS A 78 1.26 -2.48 -11.58
N ASN A 79 1.80 -1.98 -12.70
CA ASN A 79 1.32 -2.37 -14.01
C ASN A 79 0.89 -3.83 -14.04
N LYS A 80 1.85 -4.73 -13.85
CA LYS A 80 1.57 -6.15 -13.85
C LYS A 80 1.27 -6.65 -12.44
N SER A 81 0.35 -7.60 -12.32
CA SER A 81 -0.02 -8.15 -11.02
C SER A 81 0.42 -9.61 -10.91
N LYS A 82 1.36 -9.86 -10.02
CA LYS A 82 1.88 -11.21 -9.81
C LYS A 82 0.97 -11.99 -8.86
N ALA A 83 0.07 -12.77 -9.42
CA ALA A 83 -0.85 -13.58 -8.62
C ALA A 83 -0.82 -15.03 -9.05
N SER A 84 0.17 -15.77 -8.57
CA SER A 84 0.32 -17.18 -8.91
C SER A 84 0.59 -17.35 -10.40
N SER A 85 1.47 -16.50 -10.94
CA SER A 85 1.82 -16.57 -12.36
C SER A 85 3.31 -16.30 -12.55
N GLY A 86 4.05 -17.35 -12.88
CA GLY A 86 5.48 -17.21 -13.10
C GLY A 86 6.16 -18.53 -13.41
N PRO A 87 7.19 -18.50 -14.25
CA PRO A 87 7.94 -19.68 -14.65
C PRO A 87 8.92 -20.15 -13.56
N SER A 88 8.39 -20.38 -12.37
CA SER A 88 9.22 -20.81 -11.25
C SER A 88 9.76 -22.22 -11.48
N SER A 89 9.09 -22.96 -12.37
CA SER A 89 9.49 -24.33 -12.69
C SER A 89 10.25 -24.38 -14.01
N GLY A 90 11.49 -24.86 -13.95
CA GLY A 90 12.30 -24.95 -15.16
C GLY A 90 13.49 -25.87 -14.98
N GLY A 1 16.02 -9.96 -14.93
CA GLY A 1 16.95 -9.48 -13.94
C GLY A 1 16.29 -8.61 -12.89
N SER A 2 16.78 -8.70 -11.65
CA SER A 2 16.22 -7.91 -10.56
C SER A 2 17.12 -6.72 -10.23
N SER A 3 16.55 -5.52 -10.29
CA SER A 3 17.29 -4.31 -10.01
C SER A 3 16.73 -3.61 -8.76
N GLY A 4 17.37 -3.87 -7.63
CA GLY A 4 16.93 -3.27 -6.37
C GLY A 4 16.34 -4.28 -5.42
N SER A 5 17.09 -5.33 -5.13
CA SER A 5 16.62 -6.38 -4.22
C SER A 5 15.79 -5.79 -3.10
N SER A 6 16.28 -4.69 -2.51
CA SER A 6 15.57 -4.04 -1.42
C SER A 6 14.91 -2.75 -1.89
N GLY A 7 13.59 -2.79 -2.03
CA GLY A 7 12.86 -1.61 -2.47
C GLY A 7 11.53 -1.46 -1.77
N MET A 8 10.99 -0.24 -1.78
CA MET A 8 9.72 0.05 -1.13
C MET A 8 8.55 -0.47 -1.98
N VAL A 9 7.36 -0.50 -1.38
CA VAL A 9 6.17 -0.97 -2.08
C VAL A 9 4.99 -0.06 -1.82
N LYS A 10 4.49 0.59 -2.88
CA LYS A 10 3.35 1.49 -2.77
C LYS A 10 2.04 0.71 -2.71
N LEU A 11 1.03 1.32 -2.12
CA LEU A 11 -0.29 0.69 -1.99
C LEU A 11 -1.39 1.64 -2.43
N PHE A 12 -2.34 1.11 -3.20
CA PHE A 12 -3.47 1.92 -3.69
C PHE A 12 -4.69 1.74 -2.80
N ILE A 13 -5.20 2.86 -2.28
CA ILE A 13 -6.38 2.83 -1.42
C ILE A 13 -7.48 3.72 -1.96
N GLY A 14 -8.58 3.11 -2.40
CA GLY A 14 -9.69 3.87 -2.93
C GLY A 14 -10.90 3.85 -2.01
N ASN A 15 -11.95 4.55 -2.41
CA ASN A 15 -13.18 4.61 -1.61
C ASN A 15 -12.86 5.07 -0.19
N LEU A 16 -12.16 6.19 -0.07
CA LEU A 16 -11.80 6.72 1.23
C LEU A 16 -12.84 7.75 1.70
N PRO A 17 -13.10 7.75 3.01
CA PRO A 17 -14.07 8.68 3.62
C PRO A 17 -13.49 10.07 3.81
N ARG A 18 -14.34 11.01 4.24
CA ARG A 18 -13.92 12.38 4.47
C ARG A 18 -13.14 12.50 5.77
N GLU A 19 -13.55 11.72 6.78
CA GLU A 19 -12.89 11.75 8.08
C GLU A 19 -11.50 11.12 7.98
N ALA A 20 -11.33 10.18 7.07
CA ALA A 20 -10.05 9.50 6.88
C ALA A 20 -8.90 10.50 6.90
N THR A 21 -7.82 10.13 7.58
CA THR A 21 -6.65 10.98 7.69
C THR A 21 -5.38 10.23 7.34
N GLU A 22 -4.37 10.94 6.86
CA GLU A 22 -3.09 10.33 6.50
C GLU A 22 -2.54 9.50 7.65
N GLN A 23 -2.78 9.95 8.87
CA GLN A 23 -2.31 9.25 10.06
C GLN A 23 -3.10 7.96 10.28
N GLU A 24 -4.42 8.08 10.21
CA GLU A 24 -5.29 6.92 10.41
C GLU A 24 -4.92 5.79 9.45
N ILE A 25 -4.67 6.14 8.20
CA ILE A 25 -4.31 5.16 7.18
C ILE A 25 -2.91 4.61 7.44
N ARG A 26 -1.96 5.50 7.72
CA ARG A 26 -0.59 5.10 7.98
C ARG A 26 -0.53 4.03 9.06
N SER A 27 -0.99 4.38 10.27
CA SER A 27 -0.98 3.45 11.39
C SER A 27 -1.50 2.09 10.96
N LEU A 28 -2.70 2.06 10.39
CA LEU A 28 -3.30 0.81 9.93
C LEU A 28 -2.25 -0.11 9.32
N PHE A 29 -1.23 0.47 8.71
CA PHE A 29 -0.16 -0.29 8.09
C PHE A 29 0.98 -0.52 9.06
N GLU A 30 1.23 0.46 9.92
CA GLU A 30 2.30 0.37 10.91
C GLU A 30 2.17 -0.92 11.73
N GLN A 31 1.00 -1.53 11.66
CA GLN A 31 0.75 -2.78 12.39
C GLN A 31 1.38 -3.97 11.67
N TYR A 32 1.43 -3.89 10.34
CA TYR A 32 2.00 -4.96 9.54
C TYR A 32 3.24 -4.48 8.79
N GLY A 33 3.86 -3.42 9.30
CA GLY A 33 5.05 -2.88 8.66
C GLY A 33 5.12 -1.37 8.77
N LYS A 34 6.32 -0.86 9.01
CA LYS A 34 6.53 0.59 9.14
C LYS A 34 6.18 1.31 7.85
N VAL A 35 5.47 2.42 7.97
CA VAL A 35 5.07 3.20 6.81
C VAL A 35 6.07 4.33 6.53
N LEU A 36 6.33 4.58 5.26
CA LEU A 36 7.26 5.63 4.86
C LEU A 36 6.51 6.86 4.36
N GLU A 37 5.67 6.66 3.35
CA GLU A 37 4.89 7.75 2.78
C GLU A 37 3.39 7.47 2.87
N CYS A 38 2.60 8.53 3.03
CA CYS A 38 1.15 8.38 3.13
C CYS A 38 0.45 9.66 2.67
N ASP A 39 -0.23 9.57 1.53
CA ASP A 39 -0.94 10.71 0.99
C ASP A 39 -2.40 10.37 0.71
N ILE A 40 -3.23 11.40 0.55
CA ILE A 40 -4.65 11.20 0.29
C ILE A 40 -5.19 12.26 -0.65
N ILE A 41 -5.42 11.87 -1.90
CA ILE A 41 -5.94 12.79 -2.91
C ILE A 41 -6.87 12.07 -3.88
N LYS A 42 -7.74 12.85 -4.53
CA LYS A 42 -8.69 12.29 -5.49
C LYS A 42 -9.43 11.10 -4.89
N ASN A 43 -9.85 11.25 -3.64
CA ASN A 43 -10.59 10.19 -2.95
C ASN A 43 -9.75 8.90 -2.91
N TYR A 44 -8.44 9.05 -2.93
CA TYR A 44 -7.53 7.91 -2.90
C TYR A 44 -6.32 8.20 -2.02
N GLY A 45 -5.66 7.14 -1.55
CA GLY A 45 -4.49 7.31 -0.72
C GLY A 45 -3.38 6.33 -1.07
N PHE A 46 -2.15 6.80 -1.04
CA PHE A 46 -1.00 5.96 -1.36
C PHE A 46 -0.17 5.68 -0.11
N VAL A 47 0.13 4.40 0.12
CA VAL A 47 0.92 3.99 1.27
C VAL A 47 2.17 3.23 0.84
N HIS A 48 3.33 3.79 1.17
CA HIS A 48 4.61 3.16 0.82
C HIS A 48 5.17 2.39 2.01
N ILE A 49 4.86 1.09 2.07
CA ILE A 49 5.34 0.24 3.16
C ILE A 49 6.83 -0.01 3.03
N GLU A 50 7.44 -0.49 4.12
CA GLU A 50 8.87 -0.78 4.12
C GLU A 50 9.20 -1.94 3.18
N ASP A 51 8.81 -3.15 3.59
CA ASP A 51 9.07 -4.33 2.79
C ASP A 51 7.80 -4.78 2.06
N LYS A 52 7.98 -5.40 0.90
CA LYS A 52 6.85 -5.89 0.11
C LYS A 52 5.98 -6.84 0.91
N THR A 53 6.54 -7.99 1.26
CA THR A 53 5.82 -9.00 2.03
C THR A 53 4.94 -8.35 3.09
N ALA A 54 5.47 -7.32 3.75
CA ALA A 54 4.73 -6.60 4.79
C ALA A 54 3.37 -6.14 4.27
N ALA A 55 3.37 -5.58 3.07
CA ALA A 55 2.14 -5.08 2.45
C ALA A 55 1.08 -6.18 2.41
N GLU A 56 1.33 -7.22 1.61
CA GLU A 56 0.40 -8.32 1.48
C GLU A 56 -0.28 -8.63 2.81
N ASP A 57 0.53 -8.77 3.86
CA ASP A 57 0.01 -9.06 5.19
C ASP A 57 -1.12 -8.11 5.56
N ALA A 58 -0.83 -6.81 5.52
CA ALA A 58 -1.81 -5.79 5.85
C ALA A 58 -2.94 -5.76 4.81
N ILE A 59 -2.57 -5.55 3.55
CA ILE A 59 -3.55 -5.51 2.46
C ILE A 59 -4.68 -6.48 2.71
N ARG A 60 -4.35 -7.77 2.77
CA ARG A 60 -5.35 -8.82 3.00
C ARG A 60 -6.36 -8.37 4.05
N ASN A 61 -5.87 -8.04 5.23
CA ASN A 61 -6.74 -7.59 6.32
C ASN A 61 -7.36 -6.24 6.00
N LEU A 62 -6.53 -5.20 6.02
CA LEU A 62 -7.00 -3.85 5.74
C LEU A 62 -8.13 -3.87 4.72
N HIS A 63 -8.02 -4.74 3.73
CA HIS A 63 -9.03 -4.86 2.68
C HIS A 63 -10.43 -4.86 3.29
N HIS A 64 -11.23 -3.87 2.91
CA HIS A 64 -12.59 -3.74 3.42
C HIS A 64 -12.60 -3.52 4.92
N TYR A 65 -11.61 -2.78 5.41
CA TYR A 65 -11.49 -2.49 6.83
C TYR A 65 -12.48 -1.40 7.25
N LYS A 66 -13.53 -1.81 7.95
CA LYS A 66 -14.56 -0.87 8.40
C LYS A 66 -13.92 0.38 9.00
N LEU A 67 -13.92 1.46 8.21
CA LEU A 67 -13.35 2.72 8.66
C LEU A 67 -14.38 3.85 8.60
N HIS A 68 -15.08 4.06 9.71
CA HIS A 68 -16.09 5.10 9.78
C HIS A 68 -17.35 4.69 9.01
N GLY A 69 -17.82 3.48 9.26
CA GLY A 69 -19.01 2.99 8.59
C GLY A 69 -18.83 2.91 7.08
N VAL A 70 -17.60 2.64 6.66
CA VAL A 70 -17.29 2.54 5.24
C VAL A 70 -16.41 1.33 4.95
N ASN A 71 -16.43 0.87 3.70
CA ASN A 71 -15.62 -0.28 3.30
C ASN A 71 -14.58 0.13 2.27
N ILE A 72 -13.40 0.52 2.74
CA ILE A 72 -12.32 0.93 1.86
C ILE A 72 -11.81 -0.24 1.02
N ASN A 73 -11.19 0.07 -0.10
CA ASN A 73 -10.67 -0.96 -1.00
C ASN A 73 -9.14 -0.89 -1.06
N VAL A 74 -8.47 -1.96 -0.63
CA VAL A 74 -7.03 -2.02 -0.65
C VAL A 74 -6.52 -2.97 -1.73
N GLU A 75 -5.59 -2.49 -2.54
CA GLU A 75 -5.03 -3.30 -3.62
C GLU A 75 -3.59 -2.89 -3.92
N ALA A 76 -2.74 -3.87 -4.20
CA ALA A 76 -1.34 -3.60 -4.50
C ALA A 76 -1.21 -2.76 -5.76
N SER A 77 -0.85 -1.49 -5.58
CA SER A 77 -0.68 -0.58 -6.71
C SER A 77 0.22 -1.19 -7.78
N LYS A 78 -0.33 -1.38 -8.97
CA LYS A 78 0.42 -1.95 -10.08
C LYS A 78 1.45 -0.95 -10.61
N ASN A 79 2.50 -1.47 -11.24
CA ASN A 79 3.55 -0.63 -11.80
C ASN A 79 4.46 -1.44 -12.71
N LYS A 80 5.11 -0.74 -13.65
CA LYS A 80 6.01 -1.39 -14.59
C LYS A 80 7.43 -0.81 -14.48
N SER A 81 8.37 -1.66 -14.11
CA SER A 81 9.76 -1.23 -13.97
C SER A 81 10.47 -1.19 -15.32
N LYS A 82 11.30 -0.18 -15.52
CA LYS A 82 12.03 -0.02 -16.77
C LYS A 82 13.26 0.86 -16.57
N ALA A 83 14.23 0.71 -17.47
CA ALA A 83 15.46 1.49 -17.40
C ALA A 83 16.30 1.32 -18.66
N SER A 84 16.75 2.44 -19.22
CA SER A 84 17.56 2.42 -20.43
C SER A 84 19.04 2.37 -20.10
N SER A 85 19.41 1.53 -19.12
CA SER A 85 20.79 1.39 -18.71
C SER A 85 21.17 -0.08 -18.56
N GLY A 86 22.43 -0.33 -18.25
CA GLY A 86 22.90 -1.70 -18.09
C GLY A 86 24.41 -1.81 -18.16
N PRO A 87 25.08 -1.51 -17.03
CA PRO A 87 26.54 -1.56 -16.94
C PRO A 87 27.06 -3.00 -16.82
N SER A 88 28.38 -3.13 -16.68
CA SER A 88 29.00 -4.44 -16.56
C SER A 88 29.35 -4.75 -15.11
N SER A 89 28.48 -5.50 -14.44
CA SER A 89 28.69 -5.87 -13.05
C SER A 89 29.94 -6.72 -12.89
N GLY A 90 30.74 -6.42 -11.88
CA GLY A 90 31.96 -7.16 -11.63
C GLY A 90 32.47 -7.00 -10.22
N GLY A 1 10.68 7.01 -17.58
CA GLY A 1 10.94 6.82 -16.16
C GLY A 1 10.84 5.38 -15.74
N SER A 2 11.79 4.56 -16.17
CA SER A 2 11.78 3.14 -15.83
C SER A 2 12.02 2.93 -14.34
N SER A 3 11.56 1.80 -13.82
CA SER A 3 11.72 1.48 -12.40
C SER A 3 11.90 -0.01 -12.20
N GLY A 4 12.53 -0.38 -11.08
CA GLY A 4 12.76 -1.79 -10.78
C GLY A 4 13.81 -1.98 -9.70
N SER A 5 13.44 -1.68 -8.47
CA SER A 5 14.34 -1.82 -7.34
C SER A 5 13.64 -2.44 -6.13
N SER A 6 14.35 -3.30 -5.42
CA SER A 6 13.78 -3.97 -4.25
C SER A 6 13.88 -3.07 -3.02
N GLY A 7 12.72 -2.74 -2.44
CA GLY A 7 12.69 -1.90 -1.26
C GLY A 7 11.29 -1.54 -0.84
N MET A 8 10.94 -0.26 -0.91
CA MET A 8 9.62 0.21 -0.53
C MET A 8 8.57 -0.29 -1.51
N VAL A 9 7.34 -0.45 -1.03
CA VAL A 9 6.24 -0.92 -1.87
C VAL A 9 5.03 -0.01 -1.74
N LYS A 10 4.63 0.60 -2.85
CA LYS A 10 3.49 1.50 -2.87
C LYS A 10 2.19 0.72 -2.71
N LEU A 11 1.17 1.38 -2.16
CA LEU A 11 -0.13 0.76 -1.95
C LEU A 11 -1.26 1.68 -2.37
N PHE A 12 -2.11 1.21 -3.26
CA PHE A 12 -3.23 1.99 -3.75
C PHE A 12 -4.49 1.74 -2.90
N ILE A 13 -5.07 2.81 -2.38
CA ILE A 13 -6.26 2.70 -1.56
C ILE A 13 -7.37 3.63 -2.07
N GLY A 14 -8.50 3.04 -2.45
CA GLY A 14 -9.61 3.83 -2.95
C GLY A 14 -10.84 3.71 -2.08
N ASN A 15 -11.85 4.52 -2.37
CA ASN A 15 -13.09 4.51 -1.59
C ASN A 15 -12.86 5.02 -0.17
N LEU A 16 -12.10 6.10 -0.06
CA LEU A 16 -11.79 6.69 1.24
C LEU A 16 -12.84 7.74 1.62
N PRO A 17 -13.18 7.80 2.91
CA PRO A 17 -14.16 8.75 3.43
C PRO A 17 -13.57 10.14 3.63
N ARG A 18 -14.28 10.99 4.37
CA ARG A 18 -13.82 12.35 4.62
C ARG A 18 -13.07 12.42 5.94
N GLU A 19 -13.41 11.55 6.88
CA GLU A 19 -12.76 11.53 8.18
C GLU A 19 -11.37 10.92 8.08
N ALA A 20 -11.18 10.06 7.08
CA ALA A 20 -9.89 9.41 6.87
C ALA A 20 -8.75 10.44 6.78
N THR A 21 -7.66 10.16 7.47
CA THR A 21 -6.51 11.05 7.48
C THR A 21 -5.21 10.28 7.22
N GLU A 22 -4.18 11.00 6.80
CA GLU A 22 -2.89 10.39 6.51
C GLU A 22 -2.42 9.55 7.69
N GLN A 23 -2.75 9.98 8.90
CA GLN A 23 -2.36 9.26 10.10
C GLN A 23 -3.16 7.97 10.26
N GLU A 24 -4.44 8.12 10.59
CA GLU A 24 -5.32 6.96 10.75
C GLU A 24 -4.96 5.85 9.77
N ILE A 25 -4.77 6.21 8.52
CA ILE A 25 -4.42 5.25 7.48
C ILE A 25 -2.97 4.77 7.65
N ARG A 26 -2.06 5.72 7.81
CA ARG A 26 -0.65 5.40 7.98
C ARG A 26 -0.45 4.36 9.07
N SER A 27 -1.10 4.58 10.21
CA SER A 27 -0.99 3.66 11.35
C SER A 27 -1.49 2.28 10.96
N LEU A 28 -2.69 2.22 10.38
CA LEU A 28 -3.28 0.95 9.96
C LEU A 28 -2.24 0.06 9.30
N PHE A 29 -1.20 0.67 8.74
CA PHE A 29 -0.13 -0.06 8.08
C PHE A 29 1.03 -0.31 9.04
N GLU A 30 1.27 0.64 9.93
CA GLU A 30 2.36 0.51 10.89
C GLU A 30 2.22 -0.75 11.72
N GLN A 31 1.02 -1.32 11.71
CA GLN A 31 0.74 -2.55 12.46
C GLN A 31 1.29 -3.77 11.73
N TYR A 32 1.40 -3.67 10.41
CA TYR A 32 1.90 -4.75 9.59
C TYR A 32 3.15 -4.33 8.82
N GLY A 33 3.84 -3.32 9.34
CA GLY A 33 5.04 -2.84 8.68
C GLY A 33 5.14 -1.32 8.72
N LYS A 34 6.37 -0.82 8.87
CA LYS A 34 6.61 0.61 8.93
C LYS A 34 6.27 1.27 7.58
N VAL A 35 5.66 2.44 7.64
CA VAL A 35 5.28 3.17 6.44
C VAL A 35 6.29 4.27 6.12
N LEU A 36 6.50 4.53 4.84
CA LEU A 36 7.43 5.55 4.39
C LEU A 36 6.69 6.81 3.94
N GLU A 37 5.73 6.64 3.05
CA GLU A 37 4.95 7.75 2.54
C GLU A 37 3.45 7.47 2.66
N CYS A 38 2.67 8.53 2.87
CA CYS A 38 1.23 8.40 2.99
C CYS A 38 0.53 9.69 2.57
N ASP A 39 -0.14 9.65 1.42
CA ASP A 39 -0.85 10.81 0.90
C ASP A 39 -2.28 10.44 0.51
N ILE A 40 -3.24 11.23 0.97
CA ILE A 40 -4.64 10.99 0.66
C ILE A 40 -5.21 12.09 -0.22
N ILE A 41 -5.44 11.77 -1.49
CA ILE A 41 -5.99 12.73 -2.44
C ILE A 41 -6.94 12.05 -3.43
N LYS A 42 -7.81 12.85 -4.05
CA LYS A 42 -8.76 12.32 -5.02
C LYS A 42 -9.43 11.06 -4.49
N ASN A 43 -10.02 11.15 -3.31
CA ASN A 43 -10.71 10.02 -2.70
C ASN A 43 -9.82 8.77 -2.74
N TYR A 44 -8.52 8.98 -2.81
CA TYR A 44 -7.57 7.87 -2.85
C TYR A 44 -6.38 8.13 -1.92
N GLY A 45 -5.72 7.05 -1.51
CA GLY A 45 -4.58 7.18 -0.61
C GLY A 45 -3.45 6.24 -0.99
N PHE A 46 -2.24 6.78 -1.07
CA PHE A 46 -1.07 5.98 -1.42
C PHE A 46 -0.20 5.72 -0.18
N VAL A 47 0.05 4.44 0.10
CA VAL A 47 0.87 4.07 1.24
C VAL A 47 2.07 3.22 0.81
N HIS A 48 3.27 3.72 1.10
CA HIS A 48 4.49 3.00 0.74
C HIS A 48 5.07 2.26 1.94
N ILE A 49 4.74 0.98 2.06
CA ILE A 49 5.23 0.17 3.16
C ILE A 49 6.71 -0.13 3.02
N GLU A 50 7.31 -0.65 4.08
CA GLU A 50 8.74 -0.98 4.07
C GLU A 50 9.03 -2.09 3.07
N ASP A 51 8.67 -3.31 3.42
CA ASP A 51 8.89 -4.46 2.55
C ASP A 51 7.57 -5.00 2.00
N LYS A 52 7.62 -5.57 0.80
CA LYS A 52 6.43 -6.12 0.16
C LYS A 52 5.70 -7.07 1.10
N THR A 53 6.44 -8.03 1.66
CA THR A 53 5.87 -9.00 2.58
C THR A 53 5.01 -8.33 3.64
N ALA A 54 5.47 -7.18 4.12
CA ALA A 54 4.74 -6.43 5.14
C ALA A 54 3.41 -5.93 4.59
N ALA A 55 3.35 -5.71 3.28
CA ALA A 55 2.12 -5.24 2.65
C ALA A 55 1.07 -6.34 2.58
N GLU A 56 1.38 -7.40 1.84
CA GLU A 56 0.46 -8.53 1.70
C GLU A 56 -0.21 -8.86 3.03
N ASP A 57 0.54 -8.70 4.12
CA ASP A 57 0.02 -8.98 5.45
C ASP A 57 -1.11 -8.01 5.80
N ALA A 58 -0.84 -6.72 5.65
CA ALA A 58 -1.82 -5.69 5.95
C ALA A 58 -2.91 -5.64 4.88
N ILE A 59 -2.51 -5.37 3.65
CA ILE A 59 -3.45 -5.30 2.53
C ILE A 59 -4.57 -6.31 2.69
N ARG A 60 -4.21 -7.59 2.72
CA ARG A 60 -5.19 -8.65 2.87
C ARG A 60 -6.26 -8.27 3.89
N ASN A 61 -5.83 -8.00 5.11
CA ASN A 61 -6.75 -7.63 6.19
C ASN A 61 -7.45 -6.31 5.86
N LEU A 62 -6.70 -5.21 5.94
CA LEU A 62 -7.25 -3.89 5.65
C LEU A 62 -8.31 -3.97 4.56
N HIS A 63 -8.08 -4.81 3.56
CA HIS A 63 -9.01 -4.97 2.46
C HIS A 63 -10.44 -5.11 2.98
N HIS A 64 -11.32 -4.22 2.51
CA HIS A 64 -12.72 -4.24 2.94
C HIS A 64 -12.84 -3.97 4.43
N TYR A 65 -11.97 -3.10 4.94
CA TYR A 65 -11.98 -2.76 6.36
C TYR A 65 -13.06 -1.72 6.67
N LYS A 66 -13.61 -1.79 7.88
CA LYS A 66 -14.64 -0.86 8.30
C LYS A 66 -14.04 0.38 8.95
N LEU A 67 -13.96 1.46 8.20
CA LEU A 67 -13.40 2.71 8.71
C LEU A 67 -14.43 3.84 8.63
N HIS A 68 -15.06 4.13 9.76
CA HIS A 68 -16.06 5.20 9.82
C HIS A 68 -17.33 4.78 9.08
N GLY A 69 -17.72 3.51 9.23
CA GLY A 69 -18.92 3.02 8.59
C GLY A 69 -18.75 2.92 7.08
N VAL A 70 -17.53 2.63 6.63
CA VAL A 70 -17.25 2.50 5.21
C VAL A 70 -16.33 1.32 4.93
N ASN A 71 -16.48 0.72 3.76
CA ASN A 71 -15.66 -0.42 3.37
C ASN A 71 -14.63 -0.02 2.31
N ILE A 72 -13.51 0.53 2.76
CA ILE A 72 -12.46 0.96 1.85
C ILE A 72 -11.96 -0.21 0.99
N ASN A 73 -11.10 0.09 0.02
CA ASN A 73 -10.56 -0.93 -0.86
C ASN A 73 -9.04 -0.83 -0.95
N VAL A 74 -8.36 -1.95 -0.72
CA VAL A 74 -6.90 -1.99 -0.76
C VAL A 74 -6.42 -2.88 -1.90
N GLU A 75 -5.50 -2.33 -2.71
CA GLU A 75 -4.95 -3.09 -3.83
C GLU A 75 -3.53 -2.63 -4.15
N ALA A 76 -2.65 -3.59 -4.41
CA ALA A 76 -1.26 -3.30 -4.72
C ALA A 76 -1.14 -2.50 -6.01
N SER A 77 -0.10 -1.69 -6.12
CA SER A 77 0.12 -0.88 -7.31
C SER A 77 1.21 -1.49 -8.19
N LYS A 78 2.42 -1.57 -7.65
CA LYS A 78 3.55 -2.13 -8.38
C LYS A 78 3.50 -3.66 -8.36
N ASN A 79 2.66 -4.23 -9.22
CA ASN A 79 2.53 -5.68 -9.30
C ASN A 79 3.32 -6.24 -10.48
N LYS A 80 4.22 -7.17 -10.20
CA LYS A 80 5.04 -7.79 -11.23
C LYS A 80 4.97 -9.31 -11.14
N SER A 81 4.55 -9.94 -12.24
CA SER A 81 4.44 -11.39 -12.29
C SER A 81 5.82 -12.04 -12.19
N LYS A 82 5.96 -12.95 -11.23
CA LYS A 82 7.22 -13.65 -11.03
C LYS A 82 7.52 -14.59 -12.20
N ALA A 83 8.65 -14.36 -12.86
CA ALA A 83 9.05 -15.20 -14.00
C ALA A 83 10.47 -15.72 -13.81
N SER A 84 10.88 -16.60 -14.72
CA SER A 84 12.22 -17.18 -14.66
C SER A 84 13.21 -16.36 -15.50
N SER A 85 14.26 -15.87 -14.85
CA SER A 85 15.26 -15.07 -15.53
C SER A 85 16.67 -15.51 -15.13
N GLY A 86 17.53 -15.69 -16.12
CA GLY A 86 18.90 -16.11 -15.86
C GLY A 86 19.92 -15.27 -16.60
N PRO A 87 20.05 -14.00 -16.20
CA PRO A 87 21.01 -13.07 -16.82
C PRO A 87 22.38 -13.69 -17.04
N SER A 88 23.24 -12.98 -17.75
CA SER A 88 24.59 -13.47 -18.03
C SER A 88 25.63 -12.60 -17.33
N SER A 89 26.63 -13.25 -16.73
CA SER A 89 27.69 -12.54 -16.03
C SER A 89 29.07 -13.00 -16.51
N GLY A 90 30.04 -12.10 -16.46
CA GLY A 90 31.39 -12.44 -16.89
C GLY A 90 32.35 -12.54 -15.73
N GLY A 1 16.39 -8.11 -18.21
CA GLY A 1 16.24 -6.95 -17.34
C GLY A 1 17.56 -6.25 -17.08
N SER A 2 17.50 -4.95 -16.83
CA SER A 2 18.70 -4.16 -16.57
C SER A 2 18.97 -4.06 -15.08
N SER A 3 17.99 -3.56 -14.34
CA SER A 3 18.12 -3.40 -12.90
C SER A 3 16.77 -3.56 -12.21
N GLY A 4 16.74 -4.38 -11.15
CA GLY A 4 15.51 -4.60 -10.43
C GLY A 4 15.47 -3.86 -9.10
N SER A 5 14.88 -2.67 -9.11
CA SER A 5 14.79 -1.85 -7.92
C SER A 5 13.85 -2.51 -6.89
N SER A 6 14.45 -3.22 -5.94
CA SER A 6 13.67 -3.90 -4.90
C SER A 6 13.81 -3.19 -3.57
N GLY A 7 12.75 -2.51 -3.14
CA GLY A 7 12.77 -1.79 -1.88
C GLY A 7 11.39 -1.61 -1.29
N MET A 8 10.87 -0.39 -1.36
CA MET A 8 9.54 -0.09 -0.82
C MET A 8 8.46 -0.52 -1.79
N VAL A 9 7.22 -0.58 -1.31
CA VAL A 9 6.09 -0.98 -2.14
C VAL A 9 4.90 -0.04 -1.94
N LYS A 10 4.43 0.54 -3.04
CA LYS A 10 3.30 1.46 -3.00
C LYS A 10 1.99 0.70 -2.82
N LEU A 11 0.98 1.39 -2.32
CA LEU A 11 -0.34 0.79 -2.10
C LEU A 11 -1.44 1.71 -2.57
N PHE A 12 -2.35 1.19 -3.39
CA PHE A 12 -3.46 1.97 -3.91
C PHE A 12 -4.71 1.75 -3.07
N ILE A 13 -5.19 2.82 -2.44
CA ILE A 13 -6.39 2.75 -1.60
C ILE A 13 -7.48 3.66 -2.14
N GLY A 14 -8.62 3.08 -2.48
CA GLY A 14 -9.74 3.86 -2.99
C GLY A 14 -10.95 3.81 -2.09
N ASN A 15 -12.01 4.52 -2.47
CA ASN A 15 -13.23 4.54 -1.68
C ASN A 15 -12.95 4.97 -0.25
N LEU A 16 -12.25 6.09 -0.10
CA LEU A 16 -11.90 6.61 1.22
C LEU A 16 -12.90 7.67 1.66
N PRO A 17 -13.19 7.72 2.97
CA PRO A 17 -14.12 8.69 3.54
C PRO A 17 -13.50 10.07 3.70
N ARG A 18 -14.22 10.97 4.37
CA ARG A 18 -13.74 12.32 4.58
C ARG A 18 -13.17 12.48 5.99
N GLU A 19 -13.24 11.40 6.77
CA GLU A 19 -12.72 11.43 8.13
C GLU A 19 -11.30 10.88 8.19
N ALA A 20 -10.99 9.95 7.29
CA ALA A 20 -9.66 9.35 7.24
C ALA A 20 -8.58 10.41 7.15
N THR A 21 -7.48 10.18 7.88
CA THR A 21 -6.37 11.13 7.89
C THR A 21 -5.05 10.42 7.64
N GLU A 22 -4.09 11.14 7.08
CA GLU A 22 -2.77 10.57 6.79
C GLU A 22 -2.33 9.65 7.91
N GLN A 23 -2.41 10.13 9.15
CA GLN A 23 -2.02 9.34 10.30
C GLN A 23 -2.83 8.05 10.40
N GLU A 24 -4.12 8.20 10.68
CA GLU A 24 -5.01 7.05 10.79
C GLU A 24 -4.62 5.96 9.81
N ILE A 25 -4.60 6.30 8.53
CA ILE A 25 -4.24 5.34 7.49
C ILE A 25 -2.82 4.81 7.70
N ARG A 26 -1.91 5.70 8.07
CA ARG A 26 -0.52 5.31 8.31
C ARG A 26 -0.44 4.26 9.41
N SER A 27 -0.92 4.61 10.60
CA SER A 27 -0.89 3.70 11.74
C SER A 27 -1.35 2.30 11.32
N LEU A 28 -2.55 2.22 10.75
CA LEU A 28 -3.10 0.96 10.31
C LEU A 28 -2.03 0.06 9.72
N PHE A 29 -1.23 0.62 8.81
CA PHE A 29 -0.15 -0.13 8.17
C PHE A 29 1.00 -0.37 9.13
N GLU A 30 1.30 0.64 9.95
CA GLU A 30 2.39 0.55 10.92
C GLU A 30 2.25 -0.72 11.75
N GLN A 31 1.06 -1.30 11.74
CA GLN A 31 0.81 -2.53 12.50
C GLN A 31 1.40 -3.74 11.79
N TYR A 32 1.39 -3.70 10.46
CA TYR A 32 1.91 -4.81 9.66
C TYR A 32 3.13 -4.35 8.85
N GLY A 33 3.84 -3.36 9.38
CA GLY A 33 5.01 -2.86 8.69
C GLY A 33 5.10 -1.34 8.72
N LYS A 34 6.28 -0.82 8.97
CA LYS A 34 6.49 0.62 9.02
C LYS A 34 6.08 1.29 7.71
N VAL A 35 5.58 2.52 7.80
CA VAL A 35 5.15 3.26 6.62
C VAL A 35 6.19 4.30 6.22
N LEU A 36 6.30 4.54 4.92
CA LEU A 36 7.26 5.51 4.39
C LEU A 36 6.55 6.79 3.97
N GLU A 37 5.58 6.65 3.08
CA GLU A 37 4.82 7.81 2.59
C GLU A 37 3.32 7.52 2.62
N CYS A 38 2.54 8.59 2.68
CA CYS A 38 1.08 8.46 2.72
C CYS A 38 0.41 9.73 2.19
N ASP A 39 -0.12 9.64 0.98
CA ASP A 39 -0.79 10.78 0.36
C ASP A 39 -2.25 10.45 0.05
N ILE A 40 -3.16 11.20 0.68
CA ILE A 40 -4.59 10.98 0.48
C ILE A 40 -5.19 12.08 -0.40
N ILE A 41 -5.50 11.73 -1.64
CA ILE A 41 -6.08 12.69 -2.58
C ILE A 41 -7.06 12.01 -3.53
N LYS A 42 -7.88 12.80 -4.19
CA LYS A 42 -8.87 12.27 -5.14
C LYS A 42 -9.51 11.00 -4.59
N ASN A 43 -10.08 11.09 -3.40
CA ASN A 43 -10.73 9.95 -2.77
C ASN A 43 -9.84 8.71 -2.86
N TYR A 44 -8.53 8.92 -2.78
CA TYR A 44 -7.58 7.82 -2.84
C TYR A 44 -6.39 8.07 -1.93
N GLY A 45 -5.71 7.00 -1.53
CA GLY A 45 -4.56 7.13 -0.66
C GLY A 45 -3.41 6.22 -1.07
N PHE A 46 -2.23 6.80 -1.22
CA PHE A 46 -1.06 6.03 -1.61
C PHE A 46 -0.15 5.77 -0.40
N VAL A 47 -0.09 4.52 0.02
CA VAL A 47 0.74 4.14 1.16
C VAL A 47 1.91 3.27 0.72
N HIS A 48 3.12 3.68 1.12
CA HIS A 48 4.33 2.94 0.77
C HIS A 48 4.89 2.21 1.98
N ILE A 49 4.68 0.89 2.02
CA ILE A 49 5.16 0.09 3.13
C ILE A 49 6.66 -0.16 3.02
N GLU A 50 7.25 -0.67 4.10
CA GLU A 50 8.69 -0.95 4.11
C GLU A 50 9.02 -2.14 3.23
N ASP A 51 8.71 -3.34 3.71
CA ASP A 51 8.97 -4.56 2.96
C ASP A 51 7.72 -5.02 2.22
N LYS A 52 7.93 -5.56 1.02
CA LYS A 52 6.82 -6.04 0.20
C LYS A 52 5.94 -7.00 0.99
N THR A 53 6.55 -8.06 1.52
CA THR A 53 5.82 -9.06 2.30
C THR A 53 4.95 -8.40 3.35
N ALA A 54 5.44 -7.30 3.93
CA ALA A 54 4.70 -6.57 4.95
C ALA A 54 3.37 -6.06 4.41
N ALA A 55 3.35 -5.76 3.12
CA ALA A 55 2.13 -5.26 2.47
C ALA A 55 1.01 -6.29 2.55
N GLU A 56 1.19 -7.41 1.85
CA GLU A 56 0.18 -8.46 1.84
C GLU A 56 -0.46 -8.62 3.21
N ASP A 57 0.38 -8.71 4.24
CA ASP A 57 -0.11 -8.86 5.61
C ASP A 57 -1.18 -7.82 5.93
N ALA A 58 -0.83 -6.55 5.73
CA ALA A 58 -1.76 -5.45 6.00
C ALA A 58 -2.86 -5.41 4.95
N ILE A 59 -2.48 -5.23 3.69
CA ILE A 59 -3.44 -5.17 2.60
C ILE A 59 -4.61 -6.12 2.83
N ARG A 60 -4.30 -7.41 2.92
CA ARG A 60 -5.30 -8.44 3.14
C ARG A 60 -6.38 -7.93 4.11
N ASN A 61 -5.99 -7.76 5.37
CA ASN A 61 -6.92 -7.28 6.39
C ASN A 61 -7.56 -5.96 5.97
N LEU A 62 -6.77 -4.89 6.02
CA LEU A 62 -7.26 -3.56 5.65
C LEU A 62 -8.27 -3.67 4.51
N HIS A 63 -8.08 -4.63 3.62
CA HIS A 63 -8.97 -4.83 2.49
C HIS A 63 -10.42 -4.94 2.96
N HIS A 64 -11.29 -4.12 2.37
CA HIS A 64 -12.70 -4.12 2.72
C HIS A 64 -12.89 -3.94 4.22
N TYR A 65 -11.97 -3.20 4.84
CA TYR A 65 -12.03 -2.96 6.27
C TYR A 65 -13.10 -1.93 6.60
N LYS A 66 -13.99 -2.29 7.53
CA LYS A 66 -15.07 -1.41 7.94
C LYS A 66 -14.54 -0.24 8.78
N LEU A 67 -14.10 0.82 8.09
CA LEU A 67 -13.57 1.99 8.77
C LEU A 67 -14.56 3.16 8.69
N HIS A 68 -14.68 3.89 9.80
CA HIS A 68 -15.59 5.03 9.87
C HIS A 68 -16.93 4.69 9.22
N GLY A 69 -17.34 3.42 9.34
CA GLY A 69 -18.60 3.00 8.76
C GLY A 69 -18.58 3.00 7.25
N VAL A 70 -17.43 2.66 6.66
CA VAL A 70 -17.29 2.64 5.22
C VAL A 70 -16.46 1.44 4.77
N ASN A 71 -16.52 1.13 3.47
CA ASN A 71 -15.77 0.01 2.92
C ASN A 71 -14.66 0.50 1.98
N ILE A 72 -13.43 0.40 2.45
CA ILE A 72 -12.28 0.83 1.66
C ILE A 72 -11.71 -0.32 0.85
N ASN A 73 -11.11 -0.01 -0.29
CA ASN A 73 -10.51 -1.02 -1.16
C ASN A 73 -9.00 -0.89 -1.20
N VAL A 74 -8.31 -1.98 -0.90
CA VAL A 74 -6.85 -1.99 -0.90
C VAL A 74 -6.31 -2.93 -1.97
N GLU A 75 -5.47 -2.39 -2.86
CA GLU A 75 -4.88 -3.18 -3.93
C GLU A 75 -3.43 -2.77 -4.17
N ALA A 76 -2.61 -3.74 -4.55
CA ALA A 76 -1.20 -3.49 -4.80
C ALA A 76 -1.01 -2.68 -6.08
N SER A 77 -0.18 -1.65 -6.01
CA SER A 77 0.09 -0.79 -7.16
C SER A 77 0.99 -1.49 -8.16
N LYS A 78 0.40 -2.27 -9.06
CA LYS A 78 1.16 -2.99 -10.07
C LYS A 78 1.15 -2.22 -11.39
N ASN A 79 2.17 -2.48 -12.22
CA ASN A 79 2.28 -1.82 -13.51
C ASN A 79 2.39 -2.85 -14.63
N LYS A 80 1.39 -2.89 -15.50
CA LYS A 80 1.37 -3.82 -16.61
C LYS A 80 2.50 -3.51 -17.59
N SER A 81 2.77 -4.44 -18.50
CA SER A 81 3.82 -4.27 -19.50
C SER A 81 3.53 -5.09 -20.74
N LYS A 82 3.94 -4.58 -21.90
CA LYS A 82 3.73 -5.27 -23.16
C LYS A 82 5.06 -5.69 -23.78
N ALA A 83 5.17 -6.96 -24.13
CA ALA A 83 6.38 -7.49 -24.73
C ALA A 83 6.33 -7.40 -26.25
N SER A 84 5.27 -7.95 -26.83
CA SER A 84 5.10 -7.93 -28.28
C SER A 84 3.62 -8.06 -28.66
N SER A 85 3.05 -6.95 -29.14
CA SER A 85 1.64 -6.93 -29.53
C SER A 85 1.38 -7.92 -30.66
N GLY A 86 0.16 -8.43 -30.73
CA GLY A 86 -0.21 -9.37 -31.77
C GLY A 86 0.49 -10.71 -31.60
N PRO A 87 -0.22 -11.67 -31.00
CA PRO A 87 0.31 -13.02 -30.76
C PRO A 87 1.06 -13.58 -31.98
N SER A 88 2.23 -14.14 -31.74
CA SER A 88 3.05 -14.70 -32.81
C SER A 88 2.92 -16.23 -32.84
N SER A 89 3.28 -16.82 -33.98
CA SER A 89 3.21 -18.26 -34.15
C SER A 89 4.28 -18.75 -35.12
N GLY A 90 4.33 -20.06 -35.31
CA GLY A 90 5.31 -20.64 -36.22
C GLY A 90 5.14 -22.14 -36.38
N GLY A 1 22.12 -8.37 -14.44
CA GLY A 1 22.56 -8.34 -13.05
C GLY A 1 21.45 -7.94 -12.10
N SER A 2 21.04 -6.68 -12.16
CA SER A 2 19.99 -6.16 -11.29
C SER A 2 18.67 -6.06 -12.05
N SER A 3 17.74 -6.95 -11.73
CA SER A 3 16.43 -6.97 -12.38
C SER A 3 15.69 -5.65 -12.13
N GLY A 4 15.58 -5.26 -10.87
CA GLY A 4 14.90 -4.03 -10.52
C GLY A 4 14.54 -3.95 -9.06
N SER A 5 15.51 -4.20 -8.20
CA SER A 5 15.28 -4.16 -6.75
C SER A 5 15.03 -2.75 -6.28
N SER A 6 13.94 -2.56 -5.54
CA SER A 6 13.57 -1.25 -5.02
C SER A 6 13.36 -1.30 -3.52
N GLY A 7 12.59 -2.28 -3.06
CA GLY A 7 12.32 -2.42 -1.64
C GLY A 7 10.92 -2.01 -1.27
N MET A 8 10.72 -0.70 -1.07
CA MET A 8 9.40 -0.18 -0.71
C MET A 8 8.33 -0.71 -1.66
N VAL A 9 7.07 -0.45 -1.31
CA VAL A 9 5.95 -0.89 -2.13
C VAL A 9 4.73 0.01 -1.94
N LYS A 10 4.34 0.71 -3.00
CA LYS A 10 3.20 1.60 -2.95
C LYS A 10 1.90 0.81 -2.88
N LEU A 11 0.92 1.35 -2.16
CA LEU A 11 -0.37 0.69 -2.01
C LEU A 11 -1.50 1.63 -2.41
N PHE A 12 -2.34 1.19 -3.34
CA PHE A 12 -3.47 1.98 -3.82
C PHE A 12 -4.68 1.79 -2.91
N ILE A 13 -5.16 2.90 -2.36
CA ILE A 13 -6.33 2.86 -1.47
C ILE A 13 -7.45 3.74 -1.99
N GLY A 14 -8.55 3.13 -2.41
CA GLY A 14 -9.67 3.88 -2.92
C GLY A 14 -10.89 3.79 -2.03
N ASN A 15 -11.89 4.62 -2.29
CA ASN A 15 -13.12 4.63 -1.50
C ASN A 15 -12.82 5.08 -0.06
N LEU A 16 -12.07 6.16 0.07
CA LEU A 16 -11.72 6.69 1.39
C LEU A 16 -12.76 7.70 1.86
N PRO A 17 -13.06 7.68 3.17
CA PRO A 17 -14.03 8.59 3.76
C PRO A 17 -13.47 10.00 3.98
N ARG A 18 -14.27 10.86 4.58
CA ARG A 18 -13.84 12.23 4.84
C ARG A 18 -13.04 12.33 6.14
N GLU A 19 -13.36 11.44 7.08
CA GLU A 19 -12.67 11.43 8.37
C GLU A 19 -11.26 10.85 8.22
N ALA A 20 -11.06 10.03 7.21
CA ALA A 20 -9.76 9.41 6.95
C ALA A 20 -8.65 10.47 6.97
N THR A 21 -7.57 10.17 7.69
CA THR A 21 -6.45 11.08 7.78
C THR A 21 -5.13 10.36 7.54
N GLU A 22 -4.21 11.01 6.84
CA GLU A 22 -2.90 10.43 6.55
C GLU A 22 -2.43 9.56 7.71
N GLN A 23 -2.66 10.03 8.93
CA GLN A 23 -2.25 9.29 10.12
C GLN A 23 -3.07 8.02 10.28
N GLU A 24 -4.37 8.17 10.51
CA GLU A 24 -5.26 7.03 10.68
C GLU A 24 -4.89 5.91 9.70
N ILE A 25 -4.85 6.24 8.42
CA ILE A 25 -4.52 5.27 7.40
C ILE A 25 -3.10 4.72 7.59
N ARG A 26 -2.16 5.61 7.88
CA ARG A 26 -0.78 5.23 8.09
C ARG A 26 -0.66 4.19 9.20
N SER A 27 -1.10 4.56 10.40
CA SER A 27 -1.05 3.67 11.54
C SER A 27 -1.55 2.27 11.18
N LEU A 28 -2.71 2.22 10.53
CA LEU A 28 -3.30 0.95 10.12
C LEU A 28 -2.26 0.06 9.45
N PHE A 29 -1.31 0.67 8.75
CA PHE A 29 -0.26 -0.06 8.07
C PHE A 29 0.92 -0.31 9.01
N GLU A 30 1.19 0.65 9.89
CA GLU A 30 2.29 0.54 10.84
C GLU A 30 2.16 -0.73 11.67
N GLN A 31 0.97 -1.35 11.63
CA GLN A 31 0.71 -2.56 12.39
C GLN A 31 1.37 -3.77 11.72
N TYR A 32 1.50 -3.71 10.40
CA TYR A 32 2.10 -4.79 9.64
C TYR A 32 3.35 -4.31 8.89
N GLY A 33 4.01 -3.30 9.46
CA GLY A 33 5.21 -2.76 8.83
C GLY A 33 5.20 -1.25 8.79
N LYS A 34 6.38 -0.66 8.93
CA LYS A 34 6.52 0.79 8.92
C LYS A 34 5.94 1.37 7.63
N VAL A 35 5.74 2.69 7.61
CA VAL A 35 5.18 3.37 6.44
C VAL A 35 6.10 4.49 5.98
N LEU A 36 6.56 4.41 4.73
CA LEU A 36 7.44 5.42 4.17
C LEU A 36 6.66 6.69 3.82
N GLU A 37 5.79 6.58 2.82
CA GLU A 37 4.98 7.71 2.38
C GLU A 37 3.50 7.44 2.61
N CYS A 38 2.71 8.51 2.68
CA CYS A 38 1.27 8.40 2.89
C CYS A 38 0.55 9.66 2.48
N ASP A 39 -0.15 9.61 1.35
CA ASP A 39 -0.88 10.77 0.85
C ASP A 39 -2.36 10.43 0.65
N ILE A 40 -3.18 11.45 0.50
CA ILE A 40 -4.61 11.27 0.31
C ILE A 40 -5.19 12.33 -0.63
N ILE A 41 -5.46 11.94 -1.87
CA ILE A 41 -6.02 12.86 -2.85
C ILE A 41 -6.98 12.13 -3.79
N LYS A 42 -7.91 12.89 -4.37
CA LYS A 42 -8.89 12.33 -5.29
C LYS A 42 -9.59 11.14 -4.66
N ASN A 43 -9.98 11.27 -3.39
CA ASN A 43 -10.66 10.19 -2.69
C ASN A 43 -9.82 8.93 -2.68
N TYR A 44 -8.50 9.09 -2.79
CA TYR A 44 -7.59 7.96 -2.80
C TYR A 44 -6.33 8.26 -1.98
N GLY A 45 -5.65 7.21 -1.55
CA GLY A 45 -4.44 7.38 -0.77
C GLY A 45 -3.34 6.43 -1.18
N PHE A 46 -2.10 6.90 -1.12
CA PHE A 46 -0.95 6.09 -1.49
C PHE A 46 -0.06 5.82 -0.28
N VAL A 47 0.03 4.54 0.10
CA VAL A 47 0.85 4.14 1.24
C VAL A 47 1.98 3.22 0.81
N HIS A 48 3.22 3.66 1.02
CA HIS A 48 4.39 2.87 0.65
C HIS A 48 4.98 2.18 1.88
N ILE A 49 4.74 0.89 2.00
CA ILE A 49 5.25 0.11 3.12
C ILE A 49 6.75 -0.16 2.96
N GLU A 50 7.38 -0.61 4.05
CA GLU A 50 8.81 -0.91 4.03
C GLU A 50 9.10 -2.09 3.11
N ASP A 51 8.78 -3.30 3.57
CA ASP A 51 9.00 -4.50 2.79
C ASP A 51 7.70 -5.03 2.20
N LYS A 52 7.78 -5.58 1.00
CA LYS A 52 6.60 -6.12 0.32
C LYS A 52 5.85 -7.10 1.23
N THR A 53 6.52 -8.19 1.58
CA THR A 53 5.92 -9.20 2.44
C THR A 53 5.08 -8.57 3.55
N ALA A 54 5.50 -7.37 3.98
CA ALA A 54 4.79 -6.66 5.03
C ALA A 54 3.42 -6.21 4.55
N ALA A 55 3.37 -5.62 3.36
CA ALA A 55 2.12 -5.14 2.78
C ALA A 55 1.07 -6.25 2.74
N GLU A 56 1.48 -7.42 2.25
CA GLU A 56 0.58 -8.56 2.15
C GLU A 56 -0.35 -8.63 3.35
N ASP A 57 0.23 -8.87 4.52
CA ASP A 57 -0.55 -8.96 5.76
C ASP A 57 -1.59 -7.85 5.82
N ALA A 58 -1.12 -6.61 5.93
CA ALA A 58 -2.01 -5.46 6.01
C ALA A 58 -3.09 -5.53 4.93
N ILE A 59 -2.67 -5.47 3.67
CA ILE A 59 -3.60 -5.53 2.54
C ILE A 59 -4.69 -6.57 2.79
N ARG A 60 -4.27 -7.82 2.97
CA ARG A 60 -5.21 -8.91 3.21
C ARG A 60 -6.35 -8.46 4.12
N ASN A 61 -5.99 -7.87 5.26
CA ASN A 61 -6.98 -7.40 6.22
C ASN A 61 -7.60 -6.07 5.76
N LEU A 62 -6.78 -5.03 5.77
CA LEU A 62 -7.25 -3.71 5.35
C LEU A 62 -8.32 -3.82 4.27
N HIS A 63 -8.07 -4.69 3.29
CA HIS A 63 -9.02 -4.90 2.20
C HIS A 63 -10.44 -5.04 2.73
N HIS A 64 -11.33 -4.17 2.26
CA HIS A 64 -12.73 -4.19 2.69
C HIS A 64 -12.83 -4.00 4.20
N TYR A 65 -11.98 -3.15 4.74
CA TYR A 65 -11.97 -2.88 6.18
C TYR A 65 -13.03 -1.84 6.54
N LYS A 66 -13.56 -1.94 7.75
CA LYS A 66 -14.57 -1.00 8.22
C LYS A 66 -13.94 0.19 8.91
N LEU A 67 -13.82 1.30 8.18
CA LEU A 67 -13.23 2.51 8.73
C LEU A 67 -14.23 3.66 8.73
N HIS A 68 -14.97 3.79 9.82
CA HIS A 68 -15.97 4.84 9.95
C HIS A 68 -17.21 4.53 9.11
N GLY A 69 -17.68 3.29 9.21
CA GLY A 69 -18.86 2.89 8.45
C GLY A 69 -18.61 2.89 6.96
N VAL A 70 -17.39 2.52 6.56
CA VAL A 70 -17.03 2.48 5.15
C VAL A 70 -16.19 1.24 4.83
N ASN A 71 -16.34 0.74 3.61
CA ASN A 71 -15.60 -0.44 3.18
C ASN A 71 -14.50 -0.07 2.19
N ILE A 72 -13.42 0.51 2.71
CA ILE A 72 -12.30 0.92 1.87
C ILE A 72 -11.78 -0.25 1.04
N ASN A 73 -11.12 0.07 -0.07
CA ASN A 73 -10.56 -0.95 -0.94
C ASN A 73 -9.04 -0.84 -1.02
N VAL A 74 -8.36 -1.96 -0.78
CA VAL A 74 -6.90 -1.99 -0.82
C VAL A 74 -6.41 -2.90 -1.94
N GLU A 75 -5.46 -2.39 -2.73
CA GLU A 75 -4.90 -3.15 -3.83
C GLU A 75 -3.53 -2.62 -4.23
N ALA A 76 -2.56 -3.51 -4.33
CA ALA A 76 -1.20 -3.13 -4.70
C ALA A 76 -1.20 -2.32 -6.00
N SER A 77 -0.28 -1.36 -6.09
CA SER A 77 -0.18 -0.51 -7.27
C SER A 77 1.04 -0.89 -8.10
N LYS A 78 1.28 -2.18 -8.24
CA LYS A 78 2.42 -2.69 -9.01
C LYS A 78 2.09 -4.05 -9.61
N ASN A 79 2.35 -4.17 -10.92
CA ASN A 79 2.09 -5.42 -11.62
C ASN A 79 3.39 -6.19 -11.88
N LYS A 80 3.75 -7.04 -10.92
CA LYS A 80 4.97 -7.84 -11.04
C LYS A 80 4.71 -9.30 -10.65
N SER A 81 5.28 -10.22 -11.41
CA SER A 81 5.11 -11.64 -11.14
C SER A 81 6.26 -12.45 -11.75
N LYS A 82 6.40 -13.69 -11.30
CA LYS A 82 7.45 -14.57 -11.80
C LYS A 82 6.85 -15.76 -12.55
N ALA A 83 5.98 -16.49 -11.88
CA ALA A 83 5.33 -17.65 -12.48
C ALA A 83 3.86 -17.36 -12.80
N SER A 84 3.33 -18.07 -13.79
CA SER A 84 1.94 -17.89 -14.19
C SER A 84 1.02 -18.83 -13.43
N SER A 85 1.40 -20.10 -13.37
CA SER A 85 0.60 -21.10 -12.66
C SER A 85 1.37 -21.66 -11.47
N GLY A 86 0.68 -21.80 -10.34
CA GLY A 86 1.31 -22.32 -9.15
C GLY A 86 1.17 -23.82 -9.02
N PRO A 87 2.21 -24.48 -8.46
CA PRO A 87 2.22 -25.93 -8.28
C PRO A 87 0.91 -26.46 -7.70
N SER A 88 0.29 -25.66 -6.84
CA SER A 88 -0.97 -26.05 -6.22
C SER A 88 -0.87 -27.44 -5.60
N SER A 89 0.21 -27.68 -4.85
CA SER A 89 0.43 -28.97 -4.22
C SER A 89 -0.86 -29.50 -3.59
N GLY A 90 -1.45 -28.69 -2.71
CA GLY A 90 -2.69 -29.10 -2.06
C GLY A 90 -3.83 -29.27 -3.04
N GLY A 1 11.14 -12.73 -17.65
CA GLY A 1 10.66 -13.72 -16.71
C GLY A 1 9.99 -13.11 -15.50
N SER A 2 10.18 -13.74 -14.34
CA SER A 2 9.59 -13.25 -13.10
C SER A 2 10.17 -11.88 -12.72
N SER A 3 9.30 -10.97 -12.28
CA SER A 3 9.73 -9.64 -11.90
C SER A 3 10.24 -9.62 -10.46
N GLY A 4 10.85 -8.52 -10.07
CA GLY A 4 11.37 -8.40 -8.72
C GLY A 4 11.96 -7.02 -8.45
N SER A 5 11.97 -6.63 -7.17
CA SER A 5 12.50 -5.34 -6.78
C SER A 5 12.77 -5.29 -5.27
N SER A 6 13.61 -4.34 -4.86
CA SER A 6 13.95 -4.20 -3.45
C SER A 6 13.76 -2.76 -2.99
N GLY A 7 12.98 -2.57 -1.93
CA GLY A 7 12.73 -1.24 -1.40
C GLY A 7 11.32 -1.07 -0.92
N MET A 8 10.81 0.16 -0.99
CA MET A 8 9.45 0.45 -0.54
C MET A 8 8.43 -0.17 -1.48
N VAL A 9 7.16 -0.14 -1.08
CA VAL A 9 6.09 -0.71 -1.88
C VAL A 9 4.84 0.16 -1.82
N LYS A 10 4.55 0.85 -2.92
CA LYS A 10 3.38 1.72 -2.99
C LYS A 10 2.10 0.92 -2.86
N LEU A 11 1.12 1.49 -2.16
CA LEU A 11 -0.17 0.83 -1.97
C LEU A 11 -1.32 1.72 -2.42
N PHE A 12 -2.21 1.17 -3.24
CA PHE A 12 -3.35 1.90 -3.74
C PHE A 12 -4.57 1.70 -2.85
N ILE A 13 -5.14 2.80 -2.37
CA ILE A 13 -6.31 2.74 -1.50
C ILE A 13 -7.43 3.63 -2.03
N GLY A 14 -8.51 3.00 -2.48
CA GLY A 14 -9.64 3.76 -3.00
C GLY A 14 -10.85 3.67 -2.10
N ASN A 15 -11.85 4.51 -2.38
CA ASN A 15 -13.07 4.55 -1.59
C ASN A 15 -12.78 4.97 -0.15
N LEU A 16 -12.11 6.12 -0.01
CA LEU A 16 -11.77 6.65 1.30
C LEU A 16 -12.80 7.67 1.76
N PRO A 17 -13.09 7.68 3.07
CA PRO A 17 -14.05 8.60 3.67
C PRO A 17 -13.47 10.00 3.86
N ARG A 18 -14.28 10.90 4.42
CA ARG A 18 -13.85 12.27 4.66
C ARG A 18 -13.09 12.37 5.98
N GLU A 19 -13.42 11.50 6.93
CA GLU A 19 -12.77 11.49 8.23
C GLU A 19 -11.35 10.94 8.12
N ALA A 20 -11.15 10.02 7.18
CA ALA A 20 -9.83 9.42 6.98
C ALA A 20 -8.73 10.48 7.01
N THR A 21 -7.64 10.16 7.70
CA THR A 21 -6.51 11.08 7.81
C THR A 21 -5.20 10.37 7.55
N GLU A 22 -4.27 11.07 6.91
CA GLU A 22 -2.96 10.51 6.60
C GLU A 22 -2.46 9.61 7.74
N GLN A 23 -2.62 10.10 8.96
CA GLN A 23 -2.19 9.35 10.14
C GLN A 23 -2.97 8.04 10.26
N GLU A 24 -4.28 8.17 10.49
CA GLU A 24 -5.13 7.00 10.64
C GLU A 24 -4.69 5.87 9.70
N ILE A 25 -4.44 6.22 8.44
CA ILE A 25 -4.00 5.25 7.45
C ILE A 25 -2.58 4.76 7.75
N ARG A 26 -1.66 5.70 7.89
CA ARG A 26 -0.26 5.35 8.17
C ARG A 26 -0.18 4.33 9.31
N SER A 27 -0.92 4.58 10.38
CA SER A 27 -0.93 3.69 11.53
C SER A 27 -1.42 2.31 11.14
N LEU A 28 -2.62 2.25 10.58
CA LEU A 28 -3.21 0.98 10.16
C LEU A 28 -2.18 0.10 9.47
N PHE A 29 -1.24 0.73 8.77
CA PHE A 29 -0.19 0.00 8.07
C PHE A 29 1.02 -0.21 8.98
N GLU A 30 1.20 0.68 9.94
CA GLU A 30 2.32 0.59 10.87
C GLU A 30 2.22 -0.67 11.72
N GLN A 31 1.05 -1.31 11.68
CA GLN A 31 0.82 -2.52 12.46
C GLN A 31 1.35 -3.75 11.71
N TYR A 32 1.51 -3.61 10.40
CA TYR A 32 2.00 -4.71 9.57
C TYR A 32 3.29 -4.33 8.87
N GLY A 33 3.86 -3.19 9.27
CA GLY A 33 5.10 -2.74 8.68
C GLY A 33 5.23 -1.22 8.70
N LYS A 34 6.46 -0.74 8.89
CA LYS A 34 6.72 0.69 8.94
C LYS A 34 6.29 1.36 7.65
N VAL A 35 5.74 2.57 7.76
CA VAL A 35 5.29 3.33 6.59
C VAL A 35 6.32 4.39 6.20
N LEU A 36 6.48 4.58 4.89
CA LEU A 36 7.43 5.57 4.38
C LEU A 36 6.70 6.84 3.94
N GLU A 37 5.66 6.66 3.13
CA GLU A 37 4.88 7.79 2.64
C GLU A 37 3.39 7.52 2.75
N CYS A 38 2.60 8.58 2.90
CA CYS A 38 1.16 8.46 3.03
C CYS A 38 0.46 9.73 2.57
N ASP A 39 -0.28 9.63 1.47
CA ASP A 39 -1.00 10.78 0.93
C ASP A 39 -2.47 10.45 0.72
N ILE A 40 -3.29 11.48 0.56
CA ILE A 40 -4.72 11.30 0.34
C ILE A 40 -5.27 12.34 -0.62
N ILE A 41 -5.55 11.92 -1.85
CA ILE A 41 -6.07 12.82 -2.87
C ILE A 41 -7.07 12.10 -3.78
N LYS A 42 -7.99 12.86 -4.36
CA LYS A 42 -9.00 12.30 -5.24
C LYS A 42 -9.69 11.10 -4.59
N ASN A 43 -10.13 11.28 -3.35
CA ASN A 43 -10.81 10.22 -2.62
C ASN A 43 -9.99 8.94 -2.62
N TYR A 44 -8.68 9.09 -2.66
CA TYR A 44 -7.77 7.96 -2.67
C TYR A 44 -6.49 8.26 -1.88
N GLY A 45 -5.85 7.21 -1.39
CA GLY A 45 -4.63 7.38 -0.62
C GLY A 45 -3.55 6.40 -1.02
N PHE A 46 -2.30 6.84 -0.94
CA PHE A 46 -1.17 5.99 -1.30
C PHE A 46 -0.27 5.75 -0.10
N VAL A 47 -0.08 4.48 0.26
CA VAL A 47 0.76 4.10 1.39
C VAL A 47 1.93 3.24 0.94
N HIS A 48 3.14 3.70 1.23
CA HIS A 48 4.35 2.97 0.86
C HIS A 48 4.92 2.24 2.07
N ILE A 49 4.72 0.92 2.11
CA ILE A 49 5.22 0.10 3.20
C ILE A 49 6.72 -0.18 3.04
N GLU A 50 7.37 -0.54 4.14
CA GLU A 50 8.79 -0.84 4.12
C GLU A 50 9.11 -1.89 3.06
N ASP A 51 8.77 -3.14 3.37
CA ASP A 51 9.03 -4.25 2.45
C ASP A 51 7.73 -4.71 1.78
N LYS A 52 7.84 -5.73 0.94
CA LYS A 52 6.68 -6.26 0.23
C LYS A 52 5.90 -7.22 1.12
N THR A 53 6.51 -8.36 1.45
CA THR A 53 5.88 -9.37 2.29
C THR A 53 5.02 -8.71 3.37
N ALA A 54 5.45 -7.53 3.82
CA ALA A 54 4.72 -6.80 4.85
C ALA A 54 3.34 -6.38 4.37
N ALA A 55 3.29 -5.79 3.18
CA ALA A 55 2.03 -5.34 2.60
C ALA A 55 0.99 -6.45 2.62
N GLU A 56 1.35 -7.60 2.06
CA GLU A 56 0.44 -8.74 2.01
C GLU A 56 -0.43 -8.79 3.26
N ASP A 57 0.20 -9.09 4.39
CA ASP A 57 -0.52 -9.17 5.67
C ASP A 57 -1.51 -8.03 5.80
N ALA A 58 -1.01 -6.80 5.72
CA ALA A 58 -1.86 -5.62 5.83
C ALA A 58 -2.95 -5.62 4.77
N ILE A 59 -2.56 -5.44 3.52
CA ILE A 59 -3.52 -5.42 2.41
C ILE A 59 -4.67 -6.39 2.67
N ARG A 60 -4.35 -7.69 2.71
CA ARG A 60 -5.35 -8.71 2.95
C ARG A 60 -6.37 -8.25 3.98
N ASN A 61 -5.92 -8.06 5.21
CA ASN A 61 -6.80 -7.62 6.29
C ASN A 61 -7.44 -6.27 5.95
N LEU A 62 -6.62 -5.22 5.98
CA LEU A 62 -7.09 -3.88 5.67
C LEU A 62 -8.19 -3.90 4.61
N HIS A 63 -8.06 -4.84 3.68
CA HIS A 63 -9.04 -4.98 2.61
C HIS A 63 -10.46 -4.99 3.17
N HIS A 64 -11.31 -4.14 2.62
CA HIS A 64 -12.70 -4.05 3.06
C HIS A 64 -12.78 -3.81 4.56
N TYR A 65 -11.79 -3.08 5.09
CA TYR A 65 -11.74 -2.78 6.52
C TYR A 65 -12.71 -1.66 6.86
N LYS A 66 -13.75 -2.00 7.63
CA LYS A 66 -14.75 -1.02 8.03
C LYS A 66 -14.10 0.16 8.75
N LEU A 67 -14.03 1.29 8.06
CA LEU A 67 -13.43 2.49 8.63
C LEU A 67 -14.40 3.67 8.55
N HIS A 68 -15.09 3.93 9.65
CA HIS A 68 -16.05 5.03 9.71
C HIS A 68 -17.30 4.70 8.91
N GLY A 69 -17.76 3.45 9.02
CA GLY A 69 -18.95 3.03 8.30
C GLY A 69 -18.74 3.02 6.80
N VAL A 70 -17.52 2.71 6.38
CA VAL A 70 -17.19 2.67 4.96
C VAL A 70 -16.37 1.41 4.62
N ASN A 71 -16.41 1.01 3.36
CA ASN A 71 -15.67 -0.16 2.91
C ASN A 71 -14.52 0.23 2.00
N ILE A 72 -13.38 0.54 2.59
CA ILE A 72 -12.20 0.94 1.82
C ILE A 72 -11.67 -0.24 1.00
N ASN A 73 -11.12 0.08 -0.17
CA ASN A 73 -10.57 -0.95 -1.05
C ASN A 73 -9.04 -0.88 -1.06
N VAL A 74 -8.40 -2.03 -0.86
CA VAL A 74 -6.94 -2.10 -0.87
C VAL A 74 -6.43 -2.94 -2.03
N GLU A 75 -5.56 -2.36 -2.84
CA GLU A 75 -5.00 -3.05 -3.99
C GLU A 75 -3.52 -2.73 -4.16
N ALA A 76 -2.70 -3.75 -4.34
CA ALA A 76 -1.26 -3.57 -4.52
C ALA A 76 -0.95 -2.86 -5.83
N SER A 77 0.04 -1.99 -5.81
CA SER A 77 0.43 -1.24 -7.00
C SER A 77 1.05 -2.17 -8.05
N LYS A 78 0.73 -1.91 -9.31
CA LYS A 78 1.24 -2.71 -10.41
C LYS A 78 1.87 -1.83 -11.49
N ASN A 79 3.19 -1.84 -11.56
CA ASN A 79 3.91 -1.04 -12.55
C ASN A 79 5.06 -1.84 -13.16
N LYS A 80 5.10 -1.88 -14.49
CA LYS A 80 6.13 -2.61 -15.20
C LYS A 80 6.83 -1.71 -16.21
N SER A 81 8.11 -1.44 -15.98
CA SER A 81 8.90 -0.59 -16.87
C SER A 81 10.15 -1.31 -17.35
N LYS A 82 10.01 -2.59 -17.69
CA LYS A 82 11.12 -3.39 -18.16
C LYS A 82 11.77 -2.75 -19.39
N ALA A 83 12.99 -3.16 -19.69
CA ALA A 83 13.71 -2.63 -20.84
C ALA A 83 14.87 -3.55 -21.24
N SER A 84 14.75 -4.17 -22.40
CA SER A 84 15.79 -5.08 -22.89
C SER A 84 15.56 -5.41 -24.37
N SER A 85 16.50 -5.00 -25.20
CA SER A 85 16.42 -5.25 -26.64
C SER A 85 16.57 -6.74 -26.95
N GLY A 86 15.44 -7.44 -27.06
CA GLY A 86 15.47 -8.86 -27.35
C GLY A 86 15.31 -9.70 -26.11
N PRO A 87 14.62 -10.85 -26.25
CA PRO A 87 14.39 -11.77 -25.14
C PRO A 87 15.61 -12.63 -24.82
N SER A 88 15.51 -13.42 -23.76
CA SER A 88 16.61 -14.29 -23.34
C SER A 88 16.36 -15.73 -23.79
N SER A 89 17.45 -16.48 -23.97
CA SER A 89 17.35 -17.87 -24.40
C SER A 89 17.39 -18.81 -23.19
N GLY A 90 18.38 -18.61 -22.34
CA GLY A 90 18.52 -19.45 -21.16
C GLY A 90 19.95 -19.56 -20.69
N GLY A 1 20.52 -15.63 8.97
CA GLY A 1 20.08 -14.43 8.29
C GLY A 1 19.89 -14.65 6.80
N SER A 2 18.75 -15.24 6.44
CA SER A 2 18.45 -15.51 5.03
C SER A 2 17.35 -14.57 4.52
N SER A 3 17.47 -13.29 4.87
CA SER A 3 16.49 -12.30 4.46
C SER A 3 17.17 -10.99 4.08
N GLY A 4 16.48 -10.16 3.31
CA GLY A 4 17.03 -8.90 2.88
C GLY A 4 15.96 -7.87 2.55
N SER A 5 16.39 -6.70 2.11
CA SER A 5 15.46 -5.63 1.77
C SER A 5 15.74 -5.09 0.37
N SER A 6 14.74 -5.17 -0.50
CA SER A 6 14.87 -4.71 -1.87
C SER A 6 14.48 -3.24 -1.99
N GLY A 7 13.29 -2.91 -1.49
CA GLY A 7 12.81 -1.54 -1.55
C GLY A 7 11.46 -1.37 -0.89
N MET A 8 10.70 -0.37 -1.33
CA MET A 8 9.38 -0.10 -0.78
C MET A 8 8.29 -0.52 -1.76
N VAL A 9 7.05 -0.56 -1.28
CA VAL A 9 5.92 -0.94 -2.10
C VAL A 9 4.72 -0.02 -1.86
N LYS A 10 4.21 0.58 -2.92
CA LYS A 10 3.06 1.48 -2.81
C LYS A 10 1.76 0.69 -2.79
N LEU A 11 0.75 1.26 -2.13
CA LEU A 11 -0.55 0.61 -2.02
C LEU A 11 -1.67 1.58 -2.36
N PHE A 12 -2.48 1.24 -3.36
CA PHE A 12 -3.59 2.08 -3.78
C PHE A 12 -4.80 1.87 -2.88
N ILE A 13 -5.29 2.96 -2.30
CA ILE A 13 -6.45 2.90 -1.42
C ILE A 13 -7.59 3.76 -1.95
N GLY A 14 -8.65 3.09 -2.41
CA GLY A 14 -9.79 3.81 -2.95
C GLY A 14 -10.98 3.78 -2.00
N ASN A 15 -11.98 4.62 -2.29
CA ASN A 15 -13.17 4.69 -1.46
C ASN A 15 -12.83 5.20 -0.05
N LEU A 16 -12.18 6.35 0.01
CA LEU A 16 -11.79 6.94 1.29
C LEU A 16 -12.86 7.93 1.76
N PRO A 17 -13.13 7.90 3.08
CA PRO A 17 -14.12 8.79 3.69
C PRO A 17 -13.58 10.19 3.93
N ARG A 18 -14.35 11.00 4.65
CA ARG A 18 -13.95 12.37 4.94
C ARG A 18 -13.19 12.44 6.26
N GLU A 19 -13.55 11.57 7.20
CA GLU A 19 -12.90 11.53 8.51
C GLU A 19 -11.50 10.94 8.40
N ALA A 20 -11.29 10.09 7.40
CA ALA A 20 -9.99 9.46 7.20
C ALA A 20 -8.88 10.50 7.20
N THR A 21 -7.78 10.17 7.87
CA THR A 21 -6.63 11.08 7.96
C THR A 21 -5.32 10.33 7.74
N GLU A 22 -4.38 10.98 7.08
CA GLU A 22 -3.08 10.37 6.81
C GLU A 22 -2.61 9.53 7.99
N GLN A 23 -2.71 10.11 9.19
CA GLN A 23 -2.29 9.42 10.40
C GLN A 23 -3.05 8.11 10.57
N GLU A 24 -4.37 8.19 10.57
CA GLU A 24 -5.22 7.01 10.72
C GLU A 24 -4.78 5.91 9.75
N ILE A 25 -4.55 6.29 8.51
CA ILE A 25 -4.13 5.33 7.49
C ILE A 25 -2.72 4.80 7.78
N ARG A 26 -1.73 5.67 7.68
CA ARG A 26 -0.35 5.30 7.92
C ARG A 26 -0.26 4.30 9.08
N SER A 27 -0.94 4.61 10.17
CA SER A 27 -0.94 3.75 11.36
C SER A 27 -1.45 2.36 11.01
N LEU A 28 -2.65 2.30 10.45
CA LEU A 28 -3.26 1.02 10.07
C LEU A 28 -2.21 0.09 9.46
N PHE A 29 -1.32 0.66 8.66
CA PHE A 29 -0.27 -0.12 8.01
C PHE A 29 0.88 -0.40 8.97
N GLU A 30 1.20 0.59 9.80
CA GLU A 30 2.27 0.46 10.77
C GLU A 30 2.12 -0.84 11.57
N GLN A 31 0.90 -1.36 11.63
CA GLN A 31 0.63 -2.59 12.37
C GLN A 31 1.24 -3.79 11.65
N TYR A 32 1.27 -3.74 10.33
CA TYR A 32 1.82 -4.82 9.53
C TYR A 32 3.06 -4.37 8.77
N GLY A 33 3.77 -3.40 9.34
CA GLY A 33 4.97 -2.88 8.70
C GLY A 33 5.03 -1.36 8.71
N LYS A 34 6.18 -0.82 9.08
CA LYS A 34 6.37 0.62 9.14
C LYS A 34 6.00 1.27 7.80
N VAL A 35 5.52 2.51 7.85
CA VAL A 35 5.14 3.23 6.65
C VAL A 35 6.22 4.21 6.23
N LEU A 36 6.33 4.46 4.93
CA LEU A 36 7.33 5.39 4.40
C LEU A 36 6.66 6.67 3.90
N GLU A 37 5.60 6.52 3.11
CA GLU A 37 4.89 7.66 2.56
C GLU A 37 3.38 7.46 2.68
N CYS A 38 2.66 8.57 2.88
CA CYS A 38 1.20 8.52 3.01
C CYS A 38 0.56 9.76 2.41
N ASP A 39 -0.16 9.57 1.30
CA ASP A 39 -0.82 10.67 0.62
C ASP A 39 -2.30 10.38 0.44
N ILE A 40 -3.08 11.43 0.21
CA ILE A 40 -4.52 11.28 0.01
C ILE A 40 -5.06 12.33 -0.96
N ILE A 41 -5.37 11.90 -2.18
CA ILE A 41 -5.89 12.81 -3.19
C ILE A 41 -6.90 12.09 -4.10
N LYS A 42 -7.71 12.88 -4.79
CA LYS A 42 -8.71 12.32 -5.70
C LYS A 42 -9.39 11.10 -5.08
N ASN A 43 -9.93 11.27 -3.88
CA ASN A 43 -10.61 10.19 -3.19
C ASN A 43 -9.77 8.91 -3.23
N TYR A 44 -8.49 9.04 -2.91
CA TYR A 44 -7.58 7.91 -2.92
C TYR A 44 -6.32 8.22 -2.11
N GLY A 45 -5.67 7.17 -1.61
CA GLY A 45 -4.46 7.34 -0.83
C GLY A 45 -3.38 6.34 -1.19
N PHE A 46 -2.13 6.78 -1.14
CA PHE A 46 -1.01 5.91 -1.48
C PHE A 46 -0.13 5.66 -0.24
N VAL A 47 0.06 4.39 0.09
CA VAL A 47 0.88 4.01 1.24
C VAL A 47 2.09 3.20 0.81
N HIS A 48 3.28 3.70 1.13
CA HIS A 48 4.52 3.02 0.79
C HIS A 48 5.09 2.28 2.00
N ILE A 49 4.80 0.99 2.10
CA ILE A 49 5.28 0.17 3.20
C ILE A 49 6.78 -0.08 3.09
N GLU A 50 7.38 -0.60 4.15
CA GLU A 50 8.80 -0.89 4.17
C GLU A 50 9.13 -2.08 3.26
N ASP A 51 8.80 -3.27 3.74
CA ASP A 51 9.05 -4.49 2.97
C ASP A 51 7.79 -4.96 2.26
N LYS A 52 7.96 -5.57 1.10
CA LYS A 52 6.84 -6.07 0.32
C LYS A 52 5.98 -7.03 1.14
N THR A 53 6.59 -8.11 1.61
CA THR A 53 5.88 -9.10 2.41
C THR A 53 5.01 -8.43 3.47
N ALA A 54 5.48 -7.29 3.99
CA ALA A 54 4.75 -6.55 5.00
C ALA A 54 3.41 -6.07 4.47
N ALA A 55 3.39 -5.66 3.20
CA ALA A 55 2.17 -5.18 2.57
C ALA A 55 1.09 -6.26 2.58
N GLU A 56 1.36 -7.37 1.91
CA GLU A 56 0.40 -8.47 1.84
C GLU A 56 -0.25 -8.71 3.19
N ASP A 57 0.57 -8.84 4.22
CA ASP A 57 0.06 -9.08 5.58
C ASP A 57 -1.06 -8.09 5.91
N ALA A 58 -0.87 -6.83 5.53
CA ALA A 58 -1.87 -5.80 5.80
C ALA A 58 -3.01 -5.89 4.79
N ILE A 59 -2.71 -5.68 3.52
CA ILE A 59 -3.71 -5.73 2.47
C ILE A 59 -4.77 -6.78 2.79
N ARG A 60 -4.36 -8.04 2.84
CA ARG A 60 -5.27 -9.13 3.12
C ARG A 60 -6.35 -8.69 4.12
N ASN A 61 -5.92 -8.15 5.25
CA ASN A 61 -6.84 -7.69 6.28
C ASN A 61 -7.46 -6.36 5.90
N LEU A 62 -6.66 -5.30 5.92
CA LEU A 62 -7.13 -3.97 5.58
C LEU A 62 -8.23 -4.03 4.53
N HIS A 63 -7.95 -4.70 3.42
CA HIS A 63 -8.92 -4.84 2.35
C HIS A 63 -10.34 -5.00 2.91
N HIS A 64 -11.18 -3.98 2.70
CA HIS A 64 -12.54 -4.01 3.18
C HIS A 64 -12.60 -3.78 4.69
N TYR A 65 -11.67 -2.96 5.18
CA TYR A 65 -11.61 -2.66 6.60
C TYR A 65 -12.61 -1.57 6.97
N LYS A 66 -13.57 -1.92 7.83
CA LYS A 66 -14.59 -0.98 8.26
C LYS A 66 -13.95 0.26 8.90
N LEU A 67 -13.86 1.33 8.13
CA LEU A 67 -13.28 2.58 8.61
C LEU A 67 -14.32 3.70 8.62
N HIS A 68 -15.00 3.85 9.75
CA HIS A 68 -16.03 4.89 9.88
C HIS A 68 -17.27 4.53 9.09
N GLY A 69 -17.67 3.26 9.17
CA GLY A 69 -18.85 2.82 8.46
C GLY A 69 -18.65 2.79 6.95
N VAL A 70 -17.43 2.46 6.54
CA VAL A 70 -17.11 2.40 5.12
C VAL A 70 -16.21 1.20 4.81
N ASN A 71 -16.38 0.63 3.62
CA ASN A 71 -15.60 -0.52 3.21
C ASN A 71 -14.49 -0.11 2.23
N ILE A 72 -13.42 0.45 2.76
CA ILE A 72 -12.29 0.89 1.94
C ILE A 72 -11.85 -0.22 0.99
N ASN A 73 -11.03 0.15 0.00
CA ASN A 73 -10.53 -0.81 -0.97
C ASN A 73 -9.01 -0.72 -1.09
N VAL A 74 -8.33 -1.77 -0.65
CA VAL A 74 -6.87 -1.82 -0.72
C VAL A 74 -6.39 -2.74 -1.85
N GLU A 75 -5.54 -2.20 -2.71
CA GLU A 75 -5.01 -2.97 -3.83
C GLU A 75 -3.62 -2.48 -4.22
N ALA A 76 -2.76 -3.41 -4.60
CA ALA A 76 -1.39 -3.08 -5.00
C ALA A 76 -1.38 -2.25 -6.29
N SER A 77 -0.88 -1.02 -6.19
CA SER A 77 -0.82 -0.13 -7.35
C SER A 77 -0.31 -0.88 -8.58
N LYS A 78 0.65 -1.77 -8.37
CA LYS A 78 1.23 -2.55 -9.46
C LYS A 78 1.49 -3.99 -9.02
N ASN A 79 0.83 -4.93 -9.67
CA ASN A 79 1.00 -6.35 -9.35
C ASN A 79 1.93 -7.03 -10.35
N LYS A 80 3.23 -6.97 -10.07
CA LYS A 80 4.22 -7.59 -10.95
C LYS A 80 5.62 -7.50 -10.33
N SER A 81 6.30 -8.64 -10.28
CA SER A 81 7.64 -8.69 -9.71
C SER A 81 8.69 -8.33 -10.75
N LYS A 82 9.70 -7.56 -10.33
CA LYS A 82 10.77 -7.14 -11.22
C LYS A 82 11.68 -8.31 -11.57
N ALA A 83 12.31 -8.89 -10.56
CA ALA A 83 13.21 -10.02 -10.76
C ALA A 83 12.50 -11.34 -10.49
N SER A 84 12.47 -12.21 -11.50
CA SER A 84 11.81 -13.50 -11.37
C SER A 84 12.80 -14.64 -11.61
N SER A 85 12.34 -15.87 -11.43
CA SER A 85 13.19 -17.04 -11.62
C SER A 85 13.74 -17.09 -13.04
N GLY A 86 15.04 -16.80 -13.18
CA GLY A 86 15.67 -16.81 -14.48
C GLY A 86 16.56 -15.60 -14.70
N PRO A 87 17.68 -15.81 -15.42
CA PRO A 87 18.63 -14.75 -15.72
C PRO A 87 18.17 -13.85 -16.86
N SER A 88 18.48 -12.57 -16.77
CA SER A 88 18.09 -11.61 -17.79
C SER A 88 19.12 -11.57 -18.92
N SER A 89 19.02 -12.53 -19.85
CA SER A 89 19.95 -12.61 -20.97
C SER A 89 19.98 -11.29 -21.73
N GLY A 90 18.85 -10.60 -21.80
CA GLY A 90 18.77 -9.34 -22.50
C GLY A 90 17.48 -8.61 -22.23
N GLY A 1 13.89 11.26 -9.22
CA GLY A 1 12.87 10.27 -9.54
C GLY A 1 13.18 9.53 -10.83
N SER A 2 13.55 8.25 -10.70
CA SER A 2 13.87 7.43 -11.86
C SER A 2 13.84 5.95 -11.51
N SER A 3 13.95 5.10 -12.52
CA SER A 3 13.93 3.66 -12.32
C SER A 3 15.19 3.19 -11.59
N GLY A 4 15.02 2.76 -10.35
CA GLY A 4 16.15 2.30 -9.56
C GLY A 4 15.85 2.26 -8.08
N SER A 5 14.64 1.83 -7.73
CA SER A 5 14.23 1.77 -6.33
C SER A 5 13.58 0.42 -6.02
N SER A 6 14.12 -0.27 -5.01
CA SER A 6 13.60 -1.57 -4.62
C SER A 6 13.45 -1.67 -3.11
N GLY A 7 12.93 -2.79 -2.64
CA GLY A 7 12.75 -2.99 -1.21
C GLY A 7 11.35 -2.61 -0.75
N MET A 8 11.05 -1.32 -0.78
CA MET A 8 9.75 -0.82 -0.37
C MET A 8 8.67 -1.20 -1.39
N VAL A 9 7.42 -1.22 -0.94
CA VAL A 9 6.30 -1.56 -1.82
C VAL A 9 5.18 -0.55 -1.68
N LYS A 10 4.58 -0.18 -2.82
CA LYS A 10 3.48 0.78 -2.83
C LYS A 10 2.14 0.08 -2.58
N LEU A 11 1.11 0.86 -2.29
CA LEU A 11 -0.21 0.32 -2.04
C LEU A 11 -1.30 1.31 -2.46
N PHE A 12 -2.21 0.86 -3.32
CA PHE A 12 -3.29 1.72 -3.79
C PHE A 12 -4.53 1.56 -2.92
N ILE A 13 -5.08 2.68 -2.46
CA ILE A 13 -6.26 2.67 -1.61
C ILE A 13 -7.34 3.58 -2.17
N GLY A 14 -8.57 3.08 -2.22
CA GLY A 14 -9.68 3.87 -2.73
C GLY A 14 -10.88 3.85 -1.80
N ASN A 15 -11.94 4.55 -2.19
CA ASN A 15 -13.16 4.62 -1.38
C ASN A 15 -12.83 5.08 0.04
N LEU A 16 -12.15 6.20 0.15
CA LEU A 16 -11.78 6.76 1.45
C LEU A 16 -12.84 7.73 1.95
N PRO A 17 -13.09 7.70 3.27
CA PRO A 17 -14.08 8.58 3.90
C PRO A 17 -13.56 10.01 4.08
N ARG A 18 -14.42 10.89 4.60
CA ARG A 18 -14.04 12.28 4.81
C ARG A 18 -13.32 12.44 6.14
N GLU A 19 -13.59 11.53 7.08
CA GLU A 19 -12.97 11.58 8.39
C GLU A 19 -11.59 10.94 8.37
N ALA A 20 -11.32 10.17 7.31
CA ALA A 20 -10.03 9.50 7.16
C ALA A 20 -8.89 10.50 7.11
N THR A 21 -7.94 10.35 8.02
CA THR A 21 -6.78 11.24 8.08
C THR A 21 -5.50 10.51 7.73
N GLU A 22 -4.51 11.26 7.23
CA GLU A 22 -3.23 10.68 6.85
C GLU A 22 -2.74 9.71 7.92
N GLN A 23 -2.85 10.12 9.19
CA GLN A 23 -2.41 9.30 10.30
C GLN A 23 -3.25 8.02 10.39
N GLU A 24 -4.55 8.18 10.58
CA GLU A 24 -5.45 7.04 10.69
C GLU A 24 -5.04 5.92 9.73
N ILE A 25 -4.80 6.31 8.47
CA ILE A 25 -4.39 5.34 7.45
C ILE A 25 -2.99 4.81 7.72
N ARG A 26 -2.10 5.70 8.17
CA ARG A 26 -0.73 5.31 8.47
C ARG A 26 -0.68 4.28 9.59
N SER A 27 -1.13 4.70 10.78
CA SER A 27 -1.13 3.82 11.94
C SER A 27 -1.51 2.40 11.54
N LEU A 28 -2.54 2.27 10.71
CA LEU A 28 -3.02 0.97 10.26
C LEU A 28 -1.87 0.18 9.62
N PHE A 29 -1.27 0.74 8.58
CA PHE A 29 -0.16 0.08 7.90
C PHE A 29 1.07 -0.03 8.81
N GLU A 30 1.08 0.78 9.86
CA GLU A 30 2.19 0.79 10.81
C GLU A 30 2.11 -0.41 11.75
N GLN A 31 1.10 -1.25 11.54
CA GLN A 31 0.90 -2.44 12.38
C GLN A 31 1.53 -3.66 11.71
N TYR A 32 1.56 -3.66 10.39
CA TYR A 32 2.13 -4.77 9.63
C TYR A 32 3.51 -4.42 9.08
N GLY A 33 3.94 -3.18 9.33
CA GLY A 33 5.23 -2.74 8.86
C GLY A 33 5.38 -1.23 8.91
N LYS A 34 6.62 -0.76 8.88
CA LYS A 34 6.90 0.67 8.91
C LYS A 34 6.43 1.36 7.63
N VAL A 35 5.88 2.55 7.76
CA VAL A 35 5.39 3.30 6.61
C VAL A 35 6.40 4.36 6.18
N LEU A 36 6.54 4.56 4.88
CA LEU A 36 7.46 5.54 4.34
C LEU A 36 6.72 6.75 3.80
N GLU A 37 5.83 6.52 2.84
CA GLU A 37 5.05 7.59 2.23
C GLU A 37 3.56 7.29 2.31
N CYS A 38 2.78 8.31 2.66
CA CYS A 38 1.33 8.16 2.78
C CYS A 38 0.61 9.44 2.38
N ASP A 39 -0.13 9.40 1.28
CA ASP A 39 -0.86 10.56 0.79
C ASP A 39 -2.34 10.23 0.62
N ILE A 40 -3.16 11.26 0.47
CA ILE A 40 -4.59 11.09 0.30
C ILE A 40 -5.17 12.17 -0.61
N ILE A 41 -5.53 11.77 -1.83
CA ILE A 41 -6.11 12.70 -2.79
C ILE A 41 -7.15 12.02 -3.66
N LYS A 42 -7.97 12.82 -4.33
CA LYS A 42 -9.01 12.29 -5.21
C LYS A 42 -9.63 11.03 -4.62
N ASN A 43 -10.12 11.14 -3.39
CA ASN A 43 -10.73 10.00 -2.71
C ASN A 43 -9.87 8.75 -2.84
N TYR A 44 -8.56 8.94 -2.74
CA TYR A 44 -7.62 7.83 -2.84
C TYR A 44 -6.38 8.08 -1.99
N GLY A 45 -5.69 7.00 -1.63
CA GLY A 45 -4.49 7.12 -0.82
C GLY A 45 -3.38 6.20 -1.28
N PHE A 46 -2.14 6.68 -1.21
CA PHE A 46 -0.99 5.89 -1.62
C PHE A 46 -0.06 5.61 -0.44
N VAL A 47 0.08 4.34 -0.09
CA VAL A 47 0.94 3.94 1.01
C VAL A 47 2.14 3.14 0.52
N HIS A 48 3.33 3.55 0.94
CA HIS A 48 4.56 2.86 0.54
C HIS A 48 5.23 2.23 1.75
N ILE A 49 4.91 0.96 2.01
CA ILE A 49 5.48 0.23 3.14
C ILE A 49 6.98 0.03 2.94
N GLU A 50 7.65 -0.38 4.01
CA GLU A 50 9.09 -0.61 3.97
C GLU A 50 9.40 -2.06 3.55
N ASP A 51 8.54 -2.98 3.97
CA ASP A 51 8.72 -4.40 3.64
C ASP A 51 7.61 -4.88 2.72
N LYS A 52 7.98 -5.66 1.71
CA LYS A 52 7.01 -6.18 0.76
C LYS A 52 6.08 -7.19 1.44
N THR A 53 6.64 -8.28 1.93
CA THR A 53 5.87 -9.32 2.60
C THR A 53 4.79 -8.70 3.49
N ALA A 54 5.09 -7.53 4.06
CA ALA A 54 4.15 -6.83 4.93
C ALA A 54 2.91 -6.41 4.16
N ALA A 55 3.11 -5.82 2.99
CA ALA A 55 2.01 -5.35 2.16
C ALA A 55 0.90 -6.41 2.09
N GLU A 56 1.29 -7.65 1.81
CA GLU A 56 0.33 -8.74 1.71
C GLU A 56 -0.47 -8.88 3.01
N ASP A 57 0.23 -8.81 4.14
CA ASP A 57 -0.42 -8.93 5.44
C ASP A 57 -1.45 -7.83 5.63
N ALA A 58 -1.05 -6.59 5.35
CA ALA A 58 -1.94 -5.45 5.50
C ALA A 58 -3.10 -5.53 4.51
N ILE A 59 -2.78 -5.43 3.23
CA ILE A 59 -3.79 -5.48 2.18
C ILE A 59 -4.87 -6.51 2.52
N ARG A 60 -4.48 -7.77 2.61
CA ARG A 60 -5.41 -8.85 2.93
C ARG A 60 -6.41 -8.40 3.98
N ASN A 61 -5.90 -7.88 5.09
CA ASN A 61 -6.75 -7.41 6.18
C ASN A 61 -7.40 -6.07 5.83
N LEU A 62 -6.59 -5.01 5.84
CA LEU A 62 -7.08 -3.67 5.52
C LEU A 62 -8.13 -3.73 4.42
N HIS A 63 -7.73 -4.22 3.26
CA HIS A 63 -8.64 -4.33 2.11
C HIS A 63 -10.06 -4.66 2.58
N HIS A 64 -11.01 -3.83 2.17
CA HIS A 64 -12.41 -4.04 2.55
C HIS A 64 -12.59 -3.93 4.06
N TYR A 65 -11.84 -3.03 4.68
CA TYR A 65 -11.92 -2.83 6.12
C TYR A 65 -12.96 -1.77 6.47
N LYS A 66 -13.49 -1.86 7.68
CA LYS A 66 -14.50 -0.92 8.14
C LYS A 66 -13.86 0.28 8.82
N LEU A 67 -13.75 1.38 8.09
CA LEU A 67 -13.15 2.60 8.63
C LEU A 67 -14.18 3.73 8.69
N HIS A 68 -14.87 3.84 9.82
CA HIS A 68 -15.87 4.88 10.01
C HIS A 68 -17.12 4.58 9.19
N GLY A 69 -17.55 3.32 9.21
CA GLY A 69 -18.74 2.93 8.46
C GLY A 69 -18.50 2.96 6.96
N VAL A 70 -17.31 2.56 6.54
CA VAL A 70 -16.97 2.55 5.12
C VAL A 70 -16.16 1.32 4.77
N ASN A 71 -16.36 0.81 3.55
CA ASN A 71 -15.65 -0.38 3.09
C ASN A 71 -14.51 0.01 2.14
N ILE A 72 -13.46 0.61 2.69
CA ILE A 72 -12.31 1.02 1.89
C ILE A 72 -11.80 -0.12 1.02
N ASN A 73 -11.24 0.22 -0.13
CA ASN A 73 -10.71 -0.78 -1.06
C ASN A 73 -9.19 -0.67 -1.17
N VAL A 74 -8.50 -1.71 -0.74
CA VAL A 74 -7.04 -1.73 -0.79
C VAL A 74 -6.54 -2.77 -1.79
N GLU A 75 -5.64 -2.35 -2.68
CA GLU A 75 -5.08 -3.24 -3.68
C GLU A 75 -3.68 -2.80 -4.09
N ALA A 76 -2.83 -3.76 -4.42
CA ALA A 76 -1.46 -3.47 -4.84
C ALA A 76 -1.44 -2.63 -6.12
N SER A 77 -0.75 -1.50 -6.06
CA SER A 77 -0.66 -0.61 -7.22
C SER A 77 0.17 -1.25 -8.32
N LYS A 78 -0.51 -1.88 -9.26
CA LYS A 78 0.17 -2.54 -10.38
C LYS A 78 1.14 -1.59 -11.06
N ASN A 79 2.15 -2.15 -11.72
CA ASN A 79 3.16 -1.34 -12.41
C ASN A 79 3.96 -2.20 -13.39
N LYS A 80 4.22 -1.65 -14.56
CA LYS A 80 4.98 -2.36 -15.59
C LYS A 80 6.48 -2.21 -15.36
N SER A 81 7.18 -3.34 -15.31
CA SER A 81 8.62 -3.33 -15.09
C SER A 81 9.36 -3.81 -16.35
N LYS A 82 8.92 -3.33 -17.50
CA LYS A 82 9.53 -3.70 -18.77
C LYS A 82 10.77 -2.85 -19.04
N ALA A 83 11.95 -3.44 -18.87
CA ALA A 83 13.20 -2.74 -19.10
C ALA A 83 14.06 -3.47 -20.12
N SER A 84 14.32 -2.82 -21.25
CA SER A 84 15.13 -3.41 -22.31
C SER A 84 16.46 -3.90 -21.76
N SER A 85 17.10 -3.06 -20.96
CA SER A 85 18.39 -3.41 -20.37
C SER A 85 18.73 -2.48 -19.21
N GLY A 86 19.21 -3.06 -18.12
CA GLY A 86 19.57 -2.27 -16.96
C GLY A 86 20.73 -2.87 -16.18
N PRO A 87 21.96 -2.55 -16.59
CA PRO A 87 23.17 -3.05 -15.95
C PRO A 87 23.48 -2.31 -14.64
N SER A 88 23.23 -2.97 -13.52
CA SER A 88 23.48 -2.38 -12.21
C SER A 88 24.68 -3.04 -11.54
N SER A 89 25.57 -2.20 -10.99
CA SER A 89 26.76 -2.70 -10.32
C SER A 89 26.40 -3.74 -9.27
N GLY A 90 27.42 -4.43 -8.75
CA GLY A 90 27.19 -5.44 -7.74
C GLY A 90 26.27 -6.54 -8.21
N GLY A 1 26.63 -6.52 -4.15
CA GLY A 1 26.28 -5.85 -2.90
C GLY A 1 24.79 -5.73 -2.70
N SER A 2 24.19 -4.79 -3.42
CA SER A 2 22.74 -4.56 -3.31
C SER A 2 22.19 -3.97 -4.61
N SER A 3 20.89 -4.08 -4.79
CA SER A 3 20.23 -3.56 -5.99
C SER A 3 19.67 -2.17 -5.74
N GLY A 4 18.58 -2.10 -4.99
CA GLY A 4 17.96 -0.82 -4.68
C GLY A 4 16.46 -0.84 -4.93
N SER A 5 16.07 -1.08 -6.17
CA SER A 5 14.66 -1.11 -6.53
C SER A 5 13.90 -2.11 -5.67
N SER A 6 14.63 -3.05 -5.07
CA SER A 6 14.02 -4.07 -4.22
C SER A 6 14.11 -3.67 -2.75
N GLY A 7 12.97 -3.69 -2.06
CA GLY A 7 12.94 -3.34 -0.66
C GLY A 7 11.56 -2.88 -0.21
N MET A 8 11.23 -1.63 -0.52
CA MET A 8 9.93 -1.09 -0.13
C MET A 8 8.86 -1.43 -1.16
N VAL A 9 7.61 -1.18 -0.81
CA VAL A 9 6.49 -1.47 -1.71
C VAL A 9 5.41 -0.41 -1.61
N LYS A 10 4.75 -0.13 -2.73
CA LYS A 10 3.70 0.87 -2.77
C LYS A 10 2.33 0.21 -2.64
N LEU A 11 1.34 0.98 -2.17
CA LEU A 11 -0.01 0.47 -2.01
C LEU A 11 -1.04 1.51 -2.46
N PHE A 12 -2.08 1.03 -3.14
CA PHE A 12 -3.13 1.92 -3.63
C PHE A 12 -4.43 1.69 -2.87
N ILE A 13 -5.03 2.78 -2.41
CA ILE A 13 -6.28 2.70 -1.65
C ILE A 13 -7.34 3.62 -2.25
N GLY A 14 -8.59 3.20 -2.18
CA GLY A 14 -9.68 3.99 -2.72
C GLY A 14 -10.89 4.01 -1.81
N ASN A 15 -11.98 4.61 -2.28
CA ASN A 15 -13.20 4.70 -1.50
C ASN A 15 -12.91 5.16 -0.07
N LEU A 16 -12.13 6.23 0.05
CA LEU A 16 -11.77 6.76 1.36
C LEU A 16 -12.79 7.79 1.82
N PRO A 17 -13.12 7.77 3.12
CA PRO A 17 -14.09 8.69 3.72
C PRO A 17 -13.49 10.07 3.99
N ARG A 18 -14.33 11.01 4.39
CA ARG A 18 -13.88 12.36 4.68
C ARG A 18 -13.18 12.42 6.04
N GLU A 19 -13.53 11.50 6.92
CA GLU A 19 -12.94 11.45 8.26
C GLU A 19 -11.52 10.89 8.20
N ALA A 20 -11.29 9.96 7.28
CA ALA A 20 -9.97 9.36 7.11
C ALA A 20 -8.87 10.42 7.12
N THR A 21 -7.80 10.15 7.85
CA THR A 21 -6.68 11.08 7.94
C THR A 21 -5.35 10.37 7.67
N GLU A 22 -4.40 11.09 7.08
CA GLU A 22 -3.10 10.53 6.78
C GLU A 22 -2.56 9.73 7.96
N GLN A 23 -2.67 10.30 9.15
CA GLN A 23 -2.20 9.64 10.36
C GLN A 23 -2.94 8.32 10.58
N GLU A 24 -4.23 8.32 10.30
CA GLU A 24 -5.05 7.12 10.48
C GLU A 24 -4.61 6.02 9.52
N ILE A 25 -4.76 6.28 8.22
CA ILE A 25 -4.38 5.30 7.21
C ILE A 25 -2.97 4.77 7.47
N ARG A 26 -2.02 5.68 7.68
CA ARG A 26 -0.64 5.30 7.94
C ARG A 26 -0.56 4.30 9.09
N SER A 27 -0.99 4.74 10.28
CA SER A 27 -0.97 3.88 11.45
C SER A 27 -1.42 2.47 11.11
N LEU A 28 -2.60 2.36 10.51
CA LEU A 28 -3.14 1.06 10.13
C LEU A 28 -2.06 0.17 9.52
N PHE A 29 -1.18 0.77 8.72
CA PHE A 29 -0.10 0.04 8.08
C PHE A 29 1.09 -0.12 9.02
N GLU A 30 1.26 0.85 9.91
CA GLU A 30 2.36 0.83 10.88
C GLU A 30 2.26 -0.39 11.79
N GLN A 31 1.11 -1.07 11.73
CA GLN A 31 0.89 -2.25 12.55
C GLN A 31 1.47 -3.50 11.89
N TYR A 32 1.45 -3.53 10.56
CA TYR A 32 1.97 -4.66 9.82
C TYR A 32 3.30 -4.32 9.16
N GLY A 33 3.73 -3.06 9.32
CA GLY A 33 4.99 -2.63 8.75
C GLY A 33 5.13 -1.12 8.74
N LYS A 34 6.37 -0.64 8.83
CA LYS A 34 6.64 0.79 8.84
C LYS A 34 6.21 1.43 7.51
N VAL A 35 5.76 2.67 7.58
CA VAL A 35 5.33 3.40 6.39
C VAL A 35 6.36 4.46 6.00
N LEU A 36 6.58 4.59 4.69
CA LEU A 36 7.53 5.56 4.18
C LEU A 36 6.82 6.81 3.68
N GLU A 37 5.74 6.61 2.91
CA GLU A 37 4.96 7.72 2.38
C GLU A 37 3.46 7.46 2.53
N CYS A 38 2.73 8.51 2.85
CA CYS A 38 1.28 8.41 3.03
C CYS A 38 0.58 9.66 2.53
N ASP A 39 -0.10 9.53 1.40
CA ASP A 39 -0.83 10.65 0.81
C ASP A 39 -2.31 10.32 0.65
N ILE A 40 -3.12 11.36 0.46
CA ILE A 40 -4.56 11.17 0.30
C ILE A 40 -5.15 12.25 -0.60
N ILE A 41 -5.47 11.87 -1.83
CA ILE A 41 -6.04 12.79 -2.80
C ILE A 41 -7.01 12.08 -3.74
N LYS A 42 -7.87 12.85 -4.39
CA LYS A 42 -8.85 12.30 -5.32
C LYS A 42 -9.51 11.05 -4.74
N ASN A 43 -9.91 11.14 -3.48
CA ASN A 43 -10.55 10.02 -2.80
C ASN A 43 -9.68 8.76 -2.87
N TYR A 44 -8.37 8.97 -2.85
CA TYR A 44 -7.43 7.85 -2.91
C TYR A 44 -6.22 8.12 -2.03
N GLY A 45 -5.60 7.04 -1.54
CA GLY A 45 -4.44 7.18 -0.68
C GLY A 45 -3.30 6.27 -1.11
N PHE A 46 -2.07 6.78 -1.02
CA PHE A 46 -0.90 6.01 -1.40
C PHE A 46 -0.05 5.66 -0.18
N VAL A 47 0.11 4.37 0.08
CA VAL A 47 0.90 3.92 1.22
C VAL A 47 2.11 3.09 0.76
N HIS A 48 3.30 3.57 1.10
CA HIS A 48 4.53 2.88 0.72
C HIS A 48 5.16 2.19 1.94
N ILE A 49 4.89 0.90 2.07
CA ILE A 49 5.43 0.12 3.19
C ILE A 49 6.93 -0.11 3.01
N GLU A 50 7.59 -0.53 4.09
CA GLU A 50 9.01 -0.80 4.07
C GLU A 50 9.29 -2.23 3.61
N ASP A 51 8.51 -3.17 4.14
CA ASP A 51 8.67 -4.57 3.80
C ASP A 51 7.60 -5.02 2.81
N LYS A 52 7.97 -5.90 1.89
CA LYS A 52 7.04 -6.42 0.88
C LYS A 52 6.05 -7.38 1.51
N THR A 53 6.55 -8.47 2.07
CA THR A 53 5.72 -9.48 2.70
C THR A 53 4.61 -8.82 3.53
N ALA A 54 4.91 -7.66 4.10
CA ALA A 54 3.94 -6.94 4.91
C ALA A 54 2.77 -6.45 4.07
N ALA A 55 3.09 -5.81 2.95
CA ALA A 55 2.07 -5.28 2.05
C ALA A 55 0.94 -6.29 1.86
N GLU A 56 1.29 -7.57 1.80
CA GLU A 56 0.31 -8.63 1.62
C GLU A 56 -0.52 -8.82 2.89
N ASP A 57 0.13 -8.70 4.04
CA ASP A 57 -0.54 -8.86 5.32
C ASP A 57 -1.49 -7.69 5.59
N ALA A 58 -0.96 -6.47 5.48
CA ALA A 58 -1.76 -5.28 5.70
C ALA A 58 -2.89 -5.17 4.68
N ILE A 59 -2.55 -5.34 3.41
CA ILE A 59 -3.53 -5.26 2.34
C ILE A 59 -4.64 -6.30 2.53
N ARG A 60 -4.24 -7.57 2.61
CA ARG A 60 -5.19 -8.66 2.78
C ARG A 60 -6.27 -8.27 3.80
N ASN A 61 -5.83 -7.82 4.98
CA ASN A 61 -6.75 -7.43 6.03
C ASN A 61 -7.45 -6.11 5.68
N LEU A 62 -6.70 -5.02 5.71
CA LEU A 62 -7.24 -3.70 5.40
C LEU A 62 -8.34 -3.81 4.35
N HIS A 63 -8.10 -4.62 3.32
CA HIS A 63 -9.06 -4.81 2.25
C HIS A 63 -10.49 -4.90 2.81
N HIS A 64 -11.34 -3.98 2.36
CA HIS A 64 -12.73 -3.95 2.82
C HIS A 64 -12.80 -3.79 4.33
N TYR A 65 -11.86 -3.03 4.88
CA TYR A 65 -11.81 -2.80 6.32
C TYR A 65 -12.91 -1.83 6.76
N LYS A 66 -13.79 -2.30 7.62
CA LYS A 66 -14.89 -1.47 8.12
C LYS A 66 -14.37 -0.29 8.90
N LEU A 67 -13.99 0.77 8.19
CA LEU A 67 -13.47 1.97 8.83
C LEU A 67 -14.52 3.08 8.84
N HIS A 68 -14.68 3.72 10.00
CA HIS A 68 -15.65 4.79 10.16
C HIS A 68 -16.99 4.41 9.53
N GLY A 69 -17.27 3.11 9.50
CA GLY A 69 -18.52 2.63 8.93
C GLY A 69 -18.51 2.65 7.41
N VAL A 70 -17.34 2.41 6.82
CA VAL A 70 -17.20 2.41 5.37
C VAL A 70 -16.37 1.22 4.90
N ASN A 71 -16.58 0.82 3.66
CA ASN A 71 -15.85 -0.30 3.08
C ASN A 71 -14.75 0.18 2.13
N ILE A 72 -13.53 0.28 2.65
CA ILE A 72 -12.40 0.73 1.85
C ILE A 72 -11.83 -0.41 1.01
N ASN A 73 -11.36 -0.07 -0.18
CA ASN A 73 -10.79 -1.06 -1.09
C ASN A 73 -9.28 -0.90 -1.20
N VAL A 74 -8.55 -1.92 -0.77
CA VAL A 74 -7.09 -1.88 -0.82
C VAL A 74 -6.55 -2.77 -1.94
N GLU A 75 -5.72 -2.20 -2.81
CA GLU A 75 -5.15 -2.94 -3.92
C GLU A 75 -3.72 -2.48 -4.20
N ALA A 76 -2.88 -3.41 -4.64
CA ALA A 76 -1.49 -3.10 -4.95
C ALA A 76 -1.37 -2.44 -6.31
N SER A 77 -0.38 -1.55 -6.45
CA SER A 77 -0.17 -0.85 -7.71
C SER A 77 0.51 -1.75 -8.72
N LYS A 78 1.80 -2.03 -8.49
CA LYS A 78 2.56 -2.89 -9.39
C LYS A 78 3.33 -3.95 -8.61
N ASN A 79 3.01 -5.21 -8.86
CA ASN A 79 3.66 -6.32 -8.18
C ASN A 79 4.74 -6.95 -9.07
N LYS A 80 5.86 -6.27 -9.19
CA LYS A 80 6.96 -6.77 -10.01
C LYS A 80 8.27 -6.80 -9.22
N SER A 81 8.83 -7.98 -9.06
CA SER A 81 10.08 -8.15 -8.32
C SER A 81 11.06 -9.04 -9.08
N LYS A 82 12.34 -8.85 -8.81
CA LYS A 82 13.38 -9.64 -9.47
C LYS A 82 14.26 -10.34 -8.45
N ALA A 83 14.54 -9.65 -7.34
CA ALA A 83 15.37 -10.21 -6.29
C ALA A 83 14.60 -11.24 -5.47
N SER A 84 15.31 -11.91 -4.56
CA SER A 84 14.68 -12.93 -3.71
C SER A 84 15.28 -12.90 -2.31
N SER A 85 14.54 -13.45 -1.35
CA SER A 85 14.99 -13.48 0.04
C SER A 85 15.51 -14.87 0.41
N GLY A 86 16.81 -15.08 0.23
CA GLY A 86 17.41 -16.35 0.55
C GLY A 86 18.41 -16.26 1.69
N PRO A 87 19.28 -17.28 1.80
CA PRO A 87 20.30 -17.33 2.85
C PRO A 87 21.50 -16.46 2.52
N SER A 88 21.31 -15.50 1.62
CA SER A 88 22.39 -14.60 1.22
C SER A 88 22.31 -13.29 1.98
N SER A 89 23.47 -12.68 2.24
CA SER A 89 23.53 -11.42 2.96
C SER A 89 22.53 -10.41 2.39
N GLY A 90 21.94 -9.61 3.27
CA GLY A 90 20.96 -8.62 2.84
C GLY A 90 20.08 -9.13 1.72
N GLY A 1 17.65 7.11 -7.97
CA GLY A 1 19.04 7.52 -8.06
C GLY A 1 19.89 6.53 -8.83
N SER A 2 19.43 6.15 -10.01
CA SER A 2 20.15 5.19 -10.84
C SER A 2 20.45 3.91 -10.07
N SER A 3 19.46 3.46 -9.30
CA SER A 3 19.61 2.25 -8.51
C SER A 3 18.80 1.10 -9.10
N GLY A 4 19.44 -0.06 -9.25
CA GLY A 4 18.76 -1.21 -9.80
C GLY A 4 18.37 -2.23 -8.75
N SER A 5 17.29 -1.94 -8.03
CA SER A 5 16.81 -2.83 -6.98
C SER A 5 15.46 -2.37 -6.44
N SER A 6 14.67 -3.32 -5.94
CA SER A 6 13.36 -3.01 -5.40
C SER A 6 13.37 -3.06 -3.88
N GLY A 7 12.65 -2.15 -3.25
CA GLY A 7 12.58 -2.11 -1.80
C GLY A 7 11.18 -1.85 -1.28
N MET A 8 10.81 -0.56 -1.23
CA MET A 8 9.49 -0.18 -0.76
C MET A 8 8.41 -0.67 -1.70
N VAL A 9 7.14 -0.49 -1.30
CA VAL A 9 6.02 -0.91 -2.12
C VAL A 9 4.81 -0.01 -1.88
N LYS A 10 4.32 0.60 -2.96
CA LYS A 10 3.17 1.49 -2.89
C LYS A 10 1.88 0.69 -2.73
N LEU A 11 0.86 1.33 -2.17
CA LEU A 11 -0.43 0.68 -1.98
C LEU A 11 -1.58 1.64 -2.30
N PHE A 12 -2.43 1.24 -3.25
CA PHE A 12 -3.57 2.06 -3.65
C PHE A 12 -4.74 1.85 -2.70
N ILE A 13 -5.32 2.96 -2.23
CA ILE A 13 -6.45 2.89 -1.32
C ILE A 13 -7.60 3.77 -1.82
N GLY A 14 -8.62 3.14 -2.41
CA GLY A 14 -9.76 3.87 -2.91
C GLY A 14 -10.96 3.77 -1.99
N ASN A 15 -11.93 4.67 -2.20
CA ASN A 15 -13.14 4.68 -1.38
C ASN A 15 -12.82 5.11 0.05
N LEU A 16 -12.19 6.28 0.18
CA LEU A 16 -11.83 6.80 1.49
C LEU A 16 -12.90 7.76 2.01
N PRO A 17 -13.17 7.69 3.32
CA PRO A 17 -14.17 8.56 3.96
C PRO A 17 -13.66 9.97 4.21
N ARG A 18 -14.56 10.86 4.60
CA ARG A 18 -14.20 12.25 4.85
C ARG A 18 -13.42 12.38 6.17
N GLU A 19 -13.71 11.48 7.11
CA GLU A 19 -13.04 11.49 8.41
C GLU A 19 -11.64 10.90 8.30
N ALA A 20 -11.43 10.08 7.27
CA ALA A 20 -10.14 9.45 7.05
C ALA A 20 -9.01 10.49 7.04
N THR A 21 -7.89 10.14 7.66
CA THR A 21 -6.74 11.03 7.72
C THR A 21 -5.45 10.30 7.38
N GLU A 22 -4.41 11.07 7.06
CA GLU A 22 -3.11 10.49 6.72
C GLU A 22 -2.61 9.57 7.83
N GLN A 23 -2.69 10.05 9.06
CA GLN A 23 -2.25 9.27 10.21
C GLN A 23 -3.00 7.95 10.30
N GLU A 24 -4.29 8.02 10.59
CA GLU A 24 -5.12 6.82 10.69
C GLU A 24 -4.67 5.75 9.71
N ILE A 25 -4.53 6.16 8.44
CA ILE A 25 -4.10 5.23 7.40
C ILE A 25 -2.70 4.68 7.69
N ARG A 26 -1.70 5.54 7.60
CA ARG A 26 -0.32 5.14 7.85
C ARG A 26 -0.24 4.18 9.02
N SER A 27 -0.90 4.53 10.12
CA SER A 27 -0.91 3.69 11.31
C SER A 27 -1.36 2.28 10.99
N LEU A 28 -2.58 2.17 10.48
CA LEU A 28 -3.15 0.87 10.12
C LEU A 28 -2.08 -0.03 9.50
N PHE A 29 -1.19 0.56 8.71
CA PHE A 29 -0.13 -0.19 8.07
C PHE A 29 1.02 -0.46 9.03
N GLU A 30 1.32 0.53 9.88
CA GLU A 30 2.39 0.41 10.85
C GLU A 30 2.29 -0.91 11.60
N GLN A 31 1.06 -1.34 11.88
CA GLN A 31 0.83 -2.59 12.59
C GLN A 31 1.42 -3.77 11.84
N TYR A 32 1.44 -3.67 10.51
CA TYR A 32 1.98 -4.74 9.68
C TYR A 32 3.20 -4.25 8.89
N GLY A 33 3.93 -3.30 9.49
CA GLY A 33 5.11 -2.78 8.83
C GLY A 33 5.13 -1.26 8.79
N LYS A 34 6.28 -0.66 9.09
CA LYS A 34 6.41 0.79 9.08
C LYS A 34 5.95 1.38 7.76
N VAL A 35 5.67 2.68 7.75
CA VAL A 35 5.21 3.36 6.55
C VAL A 35 6.18 4.47 6.14
N LEU A 36 6.57 4.46 4.88
CA LEU A 36 7.50 5.46 4.36
C LEU A 36 6.75 6.75 4.00
N GLU A 37 5.88 6.66 3.01
CA GLU A 37 5.11 7.82 2.57
C GLU A 37 3.60 7.55 2.66
N CYS A 38 2.82 8.60 2.75
CA CYS A 38 1.37 8.48 2.85
C CYS A 38 0.68 9.73 2.30
N ASP A 39 -0.04 9.56 1.19
CA ASP A 39 -0.75 10.67 0.58
C ASP A 39 -2.23 10.35 0.41
N ILE A 40 -3.04 11.39 0.26
CA ILE A 40 -4.48 11.22 0.09
C ILE A 40 -5.05 12.24 -0.87
N ILE A 41 -5.37 11.81 -2.07
CA ILE A 41 -5.93 12.70 -3.09
C ILE A 41 -6.93 11.96 -3.98
N LYS A 42 -7.80 12.71 -4.62
CA LYS A 42 -8.82 12.14 -5.51
C LYS A 42 -9.51 10.95 -4.84
N ASN A 43 -10.02 11.17 -3.63
CA ASN A 43 -10.71 10.13 -2.89
C ASN A 43 -9.88 8.83 -2.87
N TYR A 44 -8.57 8.99 -2.75
CA TYR A 44 -7.66 7.84 -2.73
C TYR A 44 -6.39 8.17 -1.96
N GLY A 45 -5.73 7.13 -1.46
CA GLY A 45 -4.50 7.33 -0.71
C GLY A 45 -3.44 6.29 -1.06
N PHE A 46 -2.20 6.74 -1.19
CA PHE A 46 -1.09 5.85 -1.52
C PHE A 46 -0.22 5.60 -0.30
N VAL A 47 -0.02 4.32 0.03
CA VAL A 47 0.79 3.94 1.18
C VAL A 47 2.02 3.15 0.74
N HIS A 48 3.20 3.62 1.13
CA HIS A 48 4.45 2.95 0.78
C HIS A 48 5.02 2.21 1.97
N ILE A 49 4.74 0.92 2.06
CA ILE A 49 5.24 0.09 3.17
C ILE A 49 6.73 -0.16 3.03
N GLU A 50 7.33 -0.69 4.09
CA GLU A 50 8.76 -0.98 4.10
C GLU A 50 9.06 -2.17 3.19
N ASP A 51 8.74 -3.37 3.68
CA ASP A 51 8.99 -4.58 2.92
C ASP A 51 7.72 -5.04 2.20
N LYS A 52 7.89 -5.66 1.04
CA LYS A 52 6.77 -6.15 0.26
C LYS A 52 5.89 -7.08 1.09
N THR A 53 6.48 -8.18 1.57
CA THR A 53 5.76 -9.15 2.37
C THR A 53 4.90 -8.46 3.43
N ALA A 54 5.40 -7.36 3.97
CA ALA A 54 4.68 -6.59 4.98
C ALA A 54 3.34 -6.11 4.45
N ALA A 55 3.32 -5.71 3.18
CA ALA A 55 2.10 -5.23 2.55
C ALA A 55 1.01 -6.29 2.57
N GLU A 56 1.24 -7.38 1.85
CA GLU A 56 0.27 -8.48 1.77
C GLU A 56 -0.38 -8.70 3.14
N ASP A 57 0.44 -8.85 4.17
CA ASP A 57 -0.06 -9.07 5.52
C ASP A 57 -1.18 -8.10 5.85
N ALA A 58 -0.92 -6.81 5.67
CA ALA A 58 -1.90 -5.77 5.95
C ALA A 58 -3.01 -5.77 4.89
N ILE A 59 -2.62 -5.54 3.65
CA ILE A 59 -3.58 -5.51 2.54
C ILE A 59 -4.71 -6.51 2.77
N ARG A 60 -4.35 -7.78 2.90
CA ARG A 60 -5.33 -8.84 3.12
C ARG A 60 -6.40 -8.39 4.11
N ASN A 61 -5.95 -7.86 5.25
CA ASN A 61 -6.88 -7.40 6.28
C ASN A 61 -7.48 -6.06 5.90
N LEU A 62 -6.67 -5.00 5.95
CA LEU A 62 -7.14 -3.66 5.61
C LEU A 62 -8.20 -3.72 4.52
N HIS A 63 -7.90 -4.44 3.44
CA HIS A 63 -8.84 -4.57 2.33
C HIS A 63 -10.27 -4.75 2.84
N HIS A 64 -11.13 -3.79 2.53
CA HIS A 64 -12.52 -3.84 2.95
C HIS A 64 -12.63 -3.69 4.46
N TYR A 65 -11.69 -2.94 5.04
CA TYR A 65 -11.69 -2.72 6.49
C TYR A 65 -12.68 -1.64 6.88
N LYS A 66 -13.73 -2.03 7.60
CA LYS A 66 -14.76 -1.09 8.04
C LYS A 66 -14.14 0.09 8.78
N LEU A 67 -13.97 1.21 8.08
CA LEU A 67 -13.40 2.40 8.68
C LEU A 67 -14.40 3.55 8.68
N HIS A 68 -15.15 3.67 9.77
CA HIS A 68 -16.14 4.73 9.90
C HIS A 68 -17.35 4.45 9.01
N GLY A 69 -17.93 3.26 9.16
CA GLY A 69 -19.09 2.90 8.36
C GLY A 69 -18.79 2.94 6.87
N VAL A 70 -17.55 2.67 6.50
CA VAL A 70 -17.14 2.68 5.10
C VAL A 70 -16.47 1.37 4.72
N ASN A 71 -16.19 1.21 3.43
CA ASN A 71 -15.55 -0.01 2.93
C ASN A 71 -14.37 0.34 2.02
N ILE A 72 -13.24 0.67 2.64
CA ILE A 72 -12.03 1.02 1.89
C ILE A 72 -11.56 -0.15 1.04
N ASN A 73 -11.01 0.17 -0.13
CA ASN A 73 -10.52 -0.86 -1.04
C ASN A 73 -8.99 -0.78 -1.18
N VAL A 74 -8.31 -1.79 -0.67
CA VAL A 74 -6.85 -1.84 -0.73
C VAL A 74 -6.38 -2.75 -1.86
N GLU A 75 -5.38 -2.29 -2.61
CA GLU A 75 -4.85 -3.07 -3.72
C GLU A 75 -3.44 -2.59 -4.08
N ALA A 76 -2.58 -3.53 -4.47
CA ALA A 76 -1.21 -3.21 -4.85
C ALA A 76 -1.17 -2.30 -6.06
N SER A 77 -0.81 -1.04 -5.84
CA SER A 77 -0.74 -0.06 -6.92
C SER A 77 0.04 -0.63 -8.11
N LYS A 78 -0.29 -0.14 -9.30
CA LYS A 78 0.36 -0.59 -10.52
C LYS A 78 1.67 0.15 -10.74
N ASN A 79 2.76 -0.59 -10.85
CA ASN A 79 4.08 0.00 -11.06
C ASN A 79 5.10 -1.07 -11.41
N LYS A 80 6.14 -0.66 -12.15
CA LYS A 80 7.19 -1.58 -12.56
C LYS A 80 8.57 -0.96 -12.38
N SER A 81 9.50 -1.71 -11.81
CA SER A 81 10.85 -1.22 -11.58
C SER A 81 11.65 -1.22 -12.88
N LYS A 82 11.91 -0.02 -13.40
CA LYS A 82 12.67 0.13 -14.64
C LYS A 82 14.17 0.15 -14.36
N ALA A 83 14.95 -0.28 -15.34
CA ALA A 83 16.41 -0.30 -15.20
C ALA A 83 17.08 0.32 -16.42
N SER A 84 17.75 1.44 -16.21
CA SER A 84 18.44 2.14 -17.29
C SER A 84 19.61 1.32 -17.81
N SER A 85 19.38 0.61 -18.90
CA SER A 85 20.42 -0.22 -19.51
C SER A 85 21.13 0.51 -20.64
N GLY A 86 22.38 0.14 -20.89
CA GLY A 86 23.14 0.77 -21.94
C GLY A 86 24.24 1.67 -21.41
N PRO A 87 25.36 1.06 -20.97
CA PRO A 87 26.50 1.79 -20.42
C PRO A 87 27.34 2.44 -21.52
N SER A 88 27.21 3.76 -21.65
CA SER A 88 27.96 4.50 -22.66
C SER A 88 28.04 5.98 -22.29
N SER A 89 29.21 6.41 -21.85
CA SER A 89 29.42 7.80 -21.45
C SER A 89 28.80 8.75 -22.48
N GLY A 90 27.68 9.36 -22.12
CA GLY A 90 27.01 10.29 -23.02
C GLY A 90 26.06 11.21 -22.31
N GLY A 1 28.01 1.21 3.41
CA GLY A 1 26.59 1.38 3.63
C GLY A 1 25.76 0.27 3.02
N SER A 2 24.51 0.57 2.71
CA SER A 2 23.61 -0.41 2.12
C SER A 2 23.30 -0.06 0.66
N SER A 3 22.82 1.16 0.45
CA SER A 3 22.49 1.62 -0.90
C SER A 3 21.51 0.66 -1.57
N GLY A 4 20.47 0.26 -0.84
CA GLY A 4 19.48 -0.65 -1.38
C GLY A 4 18.36 0.07 -2.09
N SER A 5 18.32 -0.03 -3.41
CA SER A 5 17.29 0.62 -4.20
C SER A 5 16.07 -0.29 -4.36
N SER A 6 14.91 0.32 -4.59
CA SER A 6 13.67 -0.43 -4.75
C SER A 6 13.42 -1.35 -3.55
N GLY A 7 13.58 -0.79 -2.36
CA GLY A 7 13.37 -1.57 -1.14
C GLY A 7 12.07 -1.22 -0.45
N MET A 8 10.98 -1.20 -1.22
CA MET A 8 9.67 -0.89 -0.67
C MET A 8 8.56 -1.34 -1.62
N VAL A 9 7.32 -1.05 -1.26
CA VAL A 9 6.17 -1.42 -2.07
C VAL A 9 5.04 -0.41 -1.93
N LYS A 10 4.55 0.09 -3.06
CA LYS A 10 3.45 1.06 -3.06
C LYS A 10 2.11 0.36 -2.93
N LEU A 11 1.13 1.06 -2.35
CA LEU A 11 -0.20 0.52 -2.18
C LEU A 11 -1.27 1.55 -2.53
N PHE A 12 -2.31 1.10 -3.23
CA PHE A 12 -3.40 1.98 -3.64
C PHE A 12 -4.62 1.77 -2.75
N ILE A 13 -5.22 2.88 -2.32
CA ILE A 13 -6.40 2.82 -1.46
C ILE A 13 -7.50 3.74 -1.98
N GLY A 14 -8.59 3.14 -2.46
CA GLY A 14 -9.69 3.92 -2.98
C GLY A 14 -10.91 3.87 -2.08
N ASN A 15 -11.89 4.72 -2.36
CA ASN A 15 -13.11 4.77 -1.56
C ASN A 15 -12.83 5.25 -0.15
N LEU A 16 -12.12 6.37 -0.04
CA LEU A 16 -11.77 6.94 1.25
C LEU A 16 -12.85 7.91 1.73
N PRO A 17 -13.12 7.89 3.04
CA PRO A 17 -14.13 8.78 3.64
C PRO A 17 -13.60 10.19 3.87
N ARG A 18 -14.39 11.03 4.52
CA ARG A 18 -14.01 12.40 4.81
C ARG A 18 -13.30 12.50 6.15
N GLU A 19 -13.59 11.55 7.04
CA GLU A 19 -12.98 11.55 8.37
C GLU A 19 -11.56 11.00 8.30
N ALA A 20 -11.32 10.09 7.36
CA ALA A 20 -10.00 9.49 7.20
C ALA A 20 -8.90 10.54 7.26
N THR A 21 -7.82 10.23 7.97
CA THR A 21 -6.71 11.16 8.10
C THR A 21 -5.39 10.47 7.80
N GLU A 22 -4.50 11.17 7.09
CA GLU A 22 -3.20 10.63 6.74
C GLU A 22 -2.66 9.73 7.85
N GLN A 23 -2.88 10.13 9.09
CA GLN A 23 -2.42 9.36 10.23
C GLN A 23 -3.16 8.03 10.34
N GLU A 24 -4.46 8.11 10.61
CA GLU A 24 -5.29 6.91 10.73
C GLU A 24 -4.88 5.87 9.70
N ILE A 25 -4.79 6.28 8.44
CA ILE A 25 -4.41 5.39 7.36
C ILE A 25 -3.02 4.82 7.57
N ARG A 26 -2.04 5.71 7.72
CA ARG A 26 -0.66 5.29 7.93
C ARG A 26 -0.58 4.25 9.05
N SER A 27 -1.20 4.55 10.18
CA SER A 27 -1.19 3.65 11.33
C SER A 27 -1.64 2.25 10.92
N LEU A 28 -2.80 2.18 10.26
CA LEU A 28 -3.34 0.90 9.81
C LEU A 28 -2.25 0.02 9.22
N PHE A 29 -1.36 0.63 8.44
CA PHE A 29 -0.27 -0.10 7.80
C PHE A 29 0.90 -0.27 8.77
N GLU A 30 1.08 0.71 9.65
CA GLU A 30 2.16 0.66 10.64
C GLU A 30 2.05 -0.59 11.50
N GLN A 31 0.86 -1.17 11.54
CA GLN A 31 0.63 -2.37 12.34
C GLN A 31 1.18 -3.61 11.65
N TYR A 32 1.40 -3.49 10.33
CA TYR A 32 1.93 -4.60 9.55
C TYR A 32 3.23 -4.21 8.86
N GLY A 33 3.79 -3.08 9.28
CA GLY A 33 5.04 -2.60 8.69
C GLY A 33 5.12 -1.10 8.65
N LYS A 34 6.31 -0.56 8.95
CA LYS A 34 6.52 0.88 8.95
C LYS A 34 6.16 1.48 7.60
N VAL A 35 5.47 2.60 7.62
CA VAL A 35 5.07 3.29 6.40
C VAL A 35 6.07 4.36 6.00
N LEU A 36 6.32 4.49 4.71
CA LEU A 36 7.26 5.49 4.21
C LEU A 36 6.53 6.71 3.66
N GLU A 37 5.59 6.48 2.75
CA GLU A 37 4.82 7.57 2.15
C GLU A 37 3.32 7.35 2.37
N CYS A 38 2.64 8.43 2.74
CA CYS A 38 1.20 8.36 3.00
C CYS A 38 0.50 9.63 2.51
N ASP A 39 -0.20 9.52 1.39
CA ASP A 39 -0.90 10.66 0.81
C ASP A 39 -2.39 10.36 0.67
N ILE A 40 -3.19 11.40 0.45
CA ILE A 40 -4.63 11.24 0.29
C ILE A 40 -5.20 12.33 -0.60
N ILE A 41 -5.53 11.96 -1.84
CA ILE A 41 -6.10 12.91 -2.79
C ILE A 41 -7.08 12.22 -3.74
N LYS A 42 -7.98 13.00 -4.32
CA LYS A 42 -8.97 12.47 -5.24
C LYS A 42 -9.69 11.26 -4.64
N ASN A 43 -9.87 11.29 -3.32
CA ASN A 43 -10.54 10.20 -2.63
C ASN A 43 -9.71 8.93 -2.67
N TYR A 44 -8.41 9.08 -2.82
CA TYR A 44 -7.49 7.94 -2.89
C TYR A 44 -6.26 8.18 -2.03
N GLY A 45 -5.72 7.11 -1.46
CA GLY A 45 -4.54 7.22 -0.63
C GLY A 45 -3.42 6.30 -1.07
N PHE A 46 -2.19 6.79 -0.99
CA PHE A 46 -1.03 6.00 -1.39
C PHE A 46 -0.15 5.67 -0.19
N VAL A 47 0.02 4.38 0.07
CA VAL A 47 0.83 3.92 1.20
C VAL A 47 1.97 3.04 0.72
N HIS A 48 3.19 3.39 1.11
CA HIS A 48 4.38 2.63 0.71
C HIS A 48 5.02 1.96 1.94
N ILE A 49 4.86 0.65 2.04
CA ILE A 49 5.41 -0.10 3.16
C ILE A 49 6.91 -0.28 3.00
N GLU A 50 7.58 -0.65 4.10
CA GLU A 50 9.02 -0.85 4.07
C GLU A 50 9.37 -2.22 3.50
N ASP A 51 8.67 -3.24 3.95
CA ASP A 51 8.91 -4.60 3.47
C ASP A 51 7.77 -5.08 2.58
N LYS A 52 8.12 -5.76 1.50
CA LYS A 52 7.11 -6.26 0.57
C LYS A 52 6.16 -7.24 1.25
N THR A 53 6.67 -8.41 1.60
CA THR A 53 5.86 -9.43 2.27
C THR A 53 5.00 -8.81 3.37
N ALA A 54 5.43 -7.65 3.87
CA ALA A 54 4.70 -6.96 4.92
C ALA A 54 3.39 -6.37 4.38
N ALA A 55 3.46 -5.78 3.20
CA ALA A 55 2.28 -5.19 2.57
C ALA A 55 1.15 -6.20 2.45
N GLU A 56 1.51 -7.45 2.13
CA GLU A 56 0.51 -8.51 1.97
C GLU A 56 -0.37 -8.61 3.21
N ASP A 57 0.25 -8.94 4.34
CA ASP A 57 -0.47 -9.07 5.60
C ASP A 57 -1.54 -7.99 5.73
N ALA A 58 -1.14 -6.74 5.51
CA ALA A 58 -2.06 -5.61 5.60
C ALA A 58 -3.16 -5.71 4.54
N ILE A 59 -2.76 -5.68 3.27
CA ILE A 59 -3.70 -5.77 2.18
C ILE A 59 -4.83 -6.74 2.49
N ARG A 60 -4.45 -7.98 2.80
CA ARG A 60 -5.43 -9.01 3.12
C ARG A 60 -6.44 -8.50 4.14
N ASN A 61 -5.93 -7.92 5.23
CA ASN A 61 -6.79 -7.39 6.29
C ASN A 61 -7.38 -6.05 5.89
N LEU A 62 -6.53 -5.02 5.86
CA LEU A 62 -6.96 -3.67 5.50
C LEU A 62 -8.04 -3.73 4.43
N HIS A 63 -7.74 -4.36 3.30
CA HIS A 63 -8.69 -4.48 2.21
C HIS A 63 -10.10 -4.75 2.73
N HIS A 64 -11.05 -3.90 2.36
CA HIS A 64 -12.43 -4.05 2.79
C HIS A 64 -12.54 -3.91 4.31
N TYR A 65 -11.72 -3.03 4.88
CA TYR A 65 -11.73 -2.80 6.32
C TYR A 65 -12.74 -1.74 6.70
N LYS A 66 -13.46 -1.98 7.80
CA LYS A 66 -14.46 -1.03 8.28
C LYS A 66 -13.80 0.19 8.91
N LEU A 67 -13.77 1.29 8.16
CA LEU A 67 -13.17 2.54 8.65
C LEU A 67 -14.19 3.66 8.69
N HIS A 68 -14.83 3.84 9.83
CA HIS A 68 -15.83 4.89 10.01
C HIS A 68 -17.11 4.54 9.24
N GLY A 69 -17.54 3.29 9.38
CA GLY A 69 -18.76 2.86 8.71
C GLY A 69 -18.59 2.83 7.20
N VAL A 70 -17.39 2.53 6.74
CA VAL A 70 -17.11 2.47 5.31
C VAL A 70 -16.20 1.29 4.97
N ASN A 71 -16.41 0.72 3.79
CA ASN A 71 -15.60 -0.42 3.34
C ASN A 71 -14.60 0.02 2.28
N ILE A 72 -13.46 0.54 2.74
CA ILE A 72 -12.42 1.00 1.82
C ILE A 72 -11.93 -0.15 0.93
N ASN A 73 -11.00 0.16 0.04
CA ASN A 73 -10.46 -0.83 -0.87
C ASN A 73 -8.94 -0.70 -1.00
N VAL A 74 -8.23 -1.77 -0.68
CA VAL A 74 -6.78 -1.78 -0.75
C VAL A 74 -6.28 -2.78 -1.79
N GLU A 75 -5.24 -2.40 -2.53
CA GLU A 75 -4.67 -3.26 -3.56
C GLU A 75 -3.25 -2.82 -3.92
N ALA A 76 -2.41 -3.79 -4.27
CA ALA A 76 -1.03 -3.49 -4.64
C ALA A 76 -0.95 -2.83 -6.01
N SER A 77 -0.43 -1.62 -6.05
CA SER A 77 -0.31 -0.87 -7.29
C SER A 77 0.75 -1.50 -8.19
N LYS A 78 1.93 -1.75 -7.63
CA LYS A 78 3.02 -2.35 -8.39
C LYS A 78 2.50 -3.45 -9.30
N ASN A 79 3.31 -3.80 -10.31
CA ASN A 79 2.93 -4.84 -11.26
C ASN A 79 3.60 -6.17 -10.89
N LYS A 80 2.77 -7.14 -10.52
CA LYS A 80 3.28 -8.46 -10.15
C LYS A 80 4.41 -8.90 -11.08
N SER A 81 4.23 -8.65 -12.37
CA SER A 81 5.24 -9.02 -13.36
C SER A 81 6.63 -8.65 -12.88
N LYS A 82 6.76 -7.45 -12.34
CA LYS A 82 8.05 -6.97 -11.84
C LYS A 82 8.65 -7.97 -10.86
N ALA A 83 9.51 -8.85 -11.37
CA ALA A 83 10.16 -9.85 -10.54
C ALA A 83 11.47 -9.32 -9.96
N SER A 84 11.40 -8.79 -8.75
CA SER A 84 12.58 -8.24 -8.09
C SER A 84 12.45 -8.30 -6.58
N SER A 85 13.34 -9.05 -5.93
CA SER A 85 13.31 -9.20 -4.48
C SER A 85 14.41 -8.36 -3.83
N GLY A 86 14.01 -7.36 -3.05
CA GLY A 86 14.97 -6.50 -2.38
C GLY A 86 16.12 -6.11 -3.29
N PRO A 87 17.32 -5.96 -2.70
CA PRO A 87 18.53 -5.58 -3.45
C PRO A 87 19.11 -6.74 -4.24
N SER A 88 20.13 -6.46 -5.04
CA SER A 88 20.77 -7.48 -5.86
C SER A 88 22.22 -7.68 -5.44
N SER A 89 22.86 -8.71 -6.00
CA SER A 89 24.24 -9.02 -5.66
C SER A 89 25.08 -7.74 -5.58
N GLY A 90 25.03 -6.94 -6.64
CA GLY A 90 25.78 -5.70 -6.67
C GLY A 90 26.94 -5.74 -7.65
N GLY A 1 13.18 -18.91 -10.83
CA GLY A 1 14.16 -18.09 -10.13
C GLY A 1 13.53 -17.12 -9.16
N SER A 2 14.34 -16.48 -8.33
CA SER A 2 13.85 -15.54 -7.35
C SER A 2 14.98 -14.66 -6.83
N SER A 3 14.65 -13.43 -6.44
CA SER A 3 15.64 -12.49 -5.92
C SER A 3 15.08 -11.72 -4.74
N GLY A 4 15.96 -11.29 -3.84
CA GLY A 4 15.54 -10.54 -2.67
C GLY A 4 16.23 -9.20 -2.57
N SER A 5 15.63 -8.17 -3.16
CA SER A 5 16.18 -6.83 -3.14
C SER A 5 15.23 -5.85 -2.47
N SER A 6 15.78 -4.98 -1.62
CA SER A 6 14.97 -3.99 -0.92
C SER A 6 14.12 -3.18 -1.90
N GLY A 7 13.23 -2.36 -1.36
CA GLY A 7 12.38 -1.54 -2.19
C GLY A 7 10.99 -1.37 -1.62
N MET A 8 10.57 -0.13 -1.42
CA MET A 8 9.25 0.16 -0.88
C MET A 8 8.15 -0.25 -1.85
N VAL A 9 6.98 -0.56 -1.32
CA VAL A 9 5.84 -0.96 -2.16
C VAL A 9 4.64 -0.07 -1.93
N LYS A 10 4.27 0.69 -2.95
CA LYS A 10 3.13 1.60 -2.86
C LYS A 10 1.82 0.82 -2.71
N LEU A 11 0.90 1.37 -1.94
CA LEU A 11 -0.40 0.72 -1.72
C LEU A 11 -1.54 1.66 -2.12
N PHE A 12 -2.36 1.21 -3.07
CA PHE A 12 -3.49 1.99 -3.53
C PHE A 12 -4.71 1.81 -2.63
N ILE A 13 -5.31 2.92 -2.21
CA ILE A 13 -6.47 2.88 -1.34
C ILE A 13 -7.59 3.74 -1.89
N GLY A 14 -8.70 3.10 -2.28
CA GLY A 14 -9.83 3.83 -2.81
C GLY A 14 -11.02 3.80 -1.89
N ASN A 15 -12.09 4.51 -2.26
CA ASN A 15 -13.30 4.57 -1.46
C ASN A 15 -12.99 5.09 -0.06
N LEU A 16 -12.20 6.15 0.02
CA LEU A 16 -11.83 6.74 1.30
C LEU A 16 -12.83 7.82 1.71
N PRO A 17 -13.18 7.84 3.01
CA PRO A 17 -14.12 8.82 3.55
C PRO A 17 -13.49 10.19 3.76
N ARG A 18 -14.30 11.15 4.20
CA ARG A 18 -13.82 12.51 4.44
C ARG A 18 -13.11 12.61 5.79
N GLU A 19 -13.47 11.70 6.70
CA GLU A 19 -12.87 11.69 8.03
C GLU A 19 -11.45 11.13 7.99
N ALA A 20 -11.23 10.18 7.09
CA ALA A 20 -9.91 9.56 6.95
C ALA A 20 -8.80 10.61 7.02
N THR A 21 -7.70 10.26 7.67
CA THR A 21 -6.57 11.17 7.81
C THR A 21 -5.26 10.46 7.54
N GLU A 22 -4.36 11.14 6.84
CA GLU A 22 -3.06 10.57 6.50
C GLU A 22 -2.55 9.66 7.62
N GLN A 23 -2.57 10.18 8.85
CA GLN A 23 -2.12 9.43 10.01
C GLN A 23 -2.90 8.12 10.14
N GLU A 24 -4.19 8.24 10.46
CA GLU A 24 -5.05 7.08 10.63
C GLU A 24 -4.65 5.96 9.65
N ILE A 25 -4.60 6.30 8.37
CA ILE A 25 -4.24 5.33 7.34
C ILE A 25 -2.84 4.77 7.58
N ARG A 26 -1.90 5.65 7.89
CA ARG A 26 -0.52 5.25 8.15
C ARG A 26 -0.46 4.21 9.27
N SER A 27 -0.92 4.60 10.46
CA SER A 27 -0.92 3.71 11.61
C SER A 27 -1.41 2.32 11.23
N LEU A 28 -2.60 2.27 10.63
CA LEU A 28 -3.19 1.00 10.21
C LEU A 28 -2.13 0.07 9.63
N PHE A 29 -1.25 0.63 8.81
CA PHE A 29 -0.18 -0.14 8.19
C PHE A 29 0.99 -0.35 9.16
N GLU A 30 1.21 0.64 10.02
CA GLU A 30 2.28 0.57 11.00
C GLU A 30 2.16 -0.70 11.85
N GLN A 31 1.00 -1.34 11.80
CA GLN A 31 0.76 -2.56 12.56
C GLN A 31 1.33 -3.77 11.84
N TYR A 32 1.34 -3.71 10.51
CA TYR A 32 1.87 -4.81 9.70
C TYR A 32 3.15 -4.41 8.99
N GLY A 33 3.65 -3.22 9.32
CA GLY A 33 4.88 -2.74 8.71
C GLY A 33 4.98 -1.21 8.74
N LYS A 34 6.21 -0.72 8.85
CA LYS A 34 6.44 0.72 8.89
C LYS A 34 6.07 1.38 7.56
N VAL A 35 5.52 2.59 7.63
CA VAL A 35 5.13 3.32 6.44
C VAL A 35 6.13 4.42 6.11
N LEU A 36 6.52 4.49 4.84
CA LEU A 36 7.48 5.49 4.39
C LEU A 36 6.77 6.79 4.02
N GLU A 37 5.70 6.68 3.24
CA GLU A 37 4.94 7.84 2.81
C GLU A 37 3.44 7.56 2.86
N CYS A 38 2.64 8.61 2.93
CA CYS A 38 1.19 8.48 2.99
C CYS A 38 0.50 9.75 2.50
N ASP A 39 -0.16 9.66 1.35
CA ASP A 39 -0.86 10.81 0.77
C ASP A 39 -2.34 10.50 0.60
N ILE A 40 -3.13 11.56 0.42
CA ILE A 40 -4.58 11.40 0.24
C ILE A 40 -5.11 12.41 -0.77
N ILE A 41 -5.42 11.95 -1.97
CA ILE A 41 -5.95 12.82 -3.01
C ILE A 41 -6.96 12.08 -3.88
N LYS A 42 -7.87 12.83 -4.50
CA LYS A 42 -8.89 12.25 -5.35
C LYS A 42 -9.59 11.10 -4.65
N ASN A 43 -10.05 11.34 -3.43
CA ASN A 43 -10.74 10.32 -2.65
C ASN A 43 -9.93 9.02 -2.61
N TYR A 44 -8.61 9.14 -2.78
CA TYR A 44 -7.73 7.98 -2.78
C TYR A 44 -6.47 8.27 -1.98
N GLY A 45 -5.89 7.22 -1.39
CA GLY A 45 -4.68 7.38 -0.61
C GLY A 45 -3.62 6.37 -0.98
N PHE A 46 -2.36 6.80 -0.93
CA PHE A 46 -1.25 5.92 -1.27
C PHE A 46 -0.36 5.67 -0.04
N VAL A 47 -0.19 4.40 0.31
CA VAL A 47 0.63 4.04 1.46
C VAL A 47 1.82 3.17 1.04
N HIS A 48 3.02 3.72 1.18
CA HIS A 48 4.23 3.01 0.82
C HIS A 48 4.80 2.24 2.01
N ILE A 49 4.61 0.92 2.00
CA ILE A 49 5.11 0.08 3.08
C ILE A 49 6.61 -0.14 2.96
N GLU A 50 7.21 -0.68 4.03
CA GLU A 50 8.64 -0.95 4.04
C GLU A 50 8.99 -2.10 3.09
N ASP A 51 8.68 -3.32 3.51
CA ASP A 51 8.96 -4.50 2.70
C ASP A 51 7.68 -5.02 2.04
N LYS A 52 7.85 -5.73 0.93
CA LYS A 52 6.71 -6.28 0.21
C LYS A 52 5.90 -7.23 1.09
N THR A 53 6.58 -8.25 1.61
CA THR A 53 5.93 -9.24 2.47
C THR A 53 5.00 -8.55 3.48
N ALA A 54 5.44 -7.41 4.00
CA ALA A 54 4.65 -6.66 4.96
C ALA A 54 3.30 -6.26 4.39
N ALA A 55 3.30 -5.83 3.13
CA ALA A 55 2.07 -5.43 2.46
C ALA A 55 1.04 -6.55 2.47
N GLU A 56 1.37 -7.65 1.80
CA GLU A 56 0.47 -8.79 1.74
C GLU A 56 -0.24 -9.01 3.07
N ASP A 57 0.53 -8.97 4.16
CA ASP A 57 -0.02 -9.17 5.49
C ASP A 57 -1.12 -8.14 5.78
N ALA A 58 -0.78 -6.86 5.66
CA ALA A 58 -1.74 -5.79 5.89
C ALA A 58 -2.81 -5.76 4.81
N ILE A 59 -2.39 -5.50 3.58
CA ILE A 59 -3.32 -5.45 2.45
C ILE A 59 -4.46 -6.44 2.64
N ARG A 60 -4.13 -7.72 2.69
CA ARG A 60 -5.12 -8.77 2.86
C ARG A 60 -6.22 -8.32 3.83
N ASN A 61 -5.85 -8.06 5.07
CA ASN A 61 -6.79 -7.63 6.09
C ASN A 61 -7.42 -6.28 5.70
N LEU A 62 -6.62 -5.22 5.79
CA LEU A 62 -7.09 -3.88 5.45
C LEU A 62 -8.12 -3.93 4.33
N HIS A 63 -7.93 -4.86 3.39
CA HIS A 63 -8.84 -5.01 2.27
C HIS A 63 -10.29 -5.07 2.76
N HIS A 64 -11.10 -4.10 2.31
CA HIS A 64 -12.50 -4.05 2.70
C HIS A 64 -12.64 -3.89 4.22
N TYR A 65 -11.73 -3.15 4.82
CA TYR A 65 -11.74 -2.92 6.25
C TYR A 65 -12.78 -1.87 6.63
N LYS A 66 -13.62 -2.20 7.61
CA LYS A 66 -14.66 -1.29 8.06
C LYS A 66 -14.06 -0.09 8.79
N LEU A 67 -14.03 1.06 8.13
CA LEU A 67 -13.48 2.27 8.72
C LEU A 67 -14.52 3.40 8.73
N HIS A 68 -14.71 4.00 9.89
CA HIS A 68 -15.68 5.09 10.03
C HIS A 68 -17.02 4.71 9.42
N GLY A 69 -17.37 3.42 9.53
CA GLY A 69 -18.62 2.96 8.98
C GLY A 69 -18.65 2.96 7.47
N VAL A 70 -17.49 2.69 6.85
CA VAL A 70 -17.39 2.67 5.40
C VAL A 70 -16.52 1.52 4.94
N ASN A 71 -16.55 1.24 3.63
CA ASN A 71 -15.75 0.17 3.06
C ASN A 71 -14.64 0.73 2.17
N ILE A 72 -13.41 0.28 2.44
CA ILE A 72 -12.25 0.73 1.67
C ILE A 72 -11.69 -0.40 0.81
N ASN A 73 -11.08 -0.04 -0.31
CA ASN A 73 -10.48 -1.01 -1.21
C ASN A 73 -8.96 -0.90 -1.22
N VAL A 74 -8.29 -2.00 -0.91
CA VAL A 74 -6.83 -2.02 -0.89
C VAL A 74 -6.28 -2.95 -1.98
N GLU A 75 -5.36 -2.43 -2.78
CA GLU A 75 -4.75 -3.21 -3.85
C GLU A 75 -3.30 -2.79 -4.07
N ALA A 76 -2.43 -3.79 -4.19
CA ALA A 76 -1.01 -3.53 -4.40
C ALA A 76 -0.76 -2.94 -5.78
N SER A 77 -0.13 -1.77 -5.81
CA SER A 77 0.16 -1.09 -7.07
C SER A 77 0.88 -2.03 -8.03
N LYS A 78 0.81 -1.71 -9.32
CA LYS A 78 1.45 -2.52 -10.35
C LYS A 78 2.59 -1.76 -11.01
N ASN A 79 3.81 -2.08 -10.61
CA ASN A 79 4.99 -1.42 -11.18
C ASN A 79 5.68 -2.32 -12.21
N LYS A 80 5.87 -1.78 -13.41
CA LYS A 80 6.51 -2.52 -14.48
C LYS A 80 7.78 -1.81 -14.97
N SER A 81 8.16 -0.76 -14.26
CA SER A 81 9.35 0.02 -14.60
C SER A 81 10.58 -0.55 -13.91
N LYS A 82 11.15 -1.61 -14.48
CA LYS A 82 12.34 -2.24 -13.92
C LYS A 82 13.52 -2.12 -14.86
N ALA A 83 14.54 -1.38 -14.44
CA ALA A 83 15.74 -1.18 -15.25
C ALA A 83 16.77 -2.25 -14.97
N SER A 84 17.53 -2.61 -16.00
CA SER A 84 18.56 -3.64 -15.87
C SER A 84 19.90 -3.15 -16.43
N SER A 85 19.86 -2.65 -17.66
CA SER A 85 21.07 -2.14 -18.31
C SER A 85 22.26 -3.03 -17.98
N GLY A 86 22.07 -4.35 -18.07
CA GLY A 86 23.15 -5.28 -17.78
C GLY A 86 22.82 -6.69 -18.20
N PRO A 87 23.84 -7.43 -18.65
CA PRO A 87 23.68 -8.82 -19.09
C PRO A 87 23.58 -9.80 -17.92
N SER A 88 22.86 -10.90 -18.14
CA SER A 88 22.70 -11.91 -17.10
C SER A 88 23.34 -13.23 -17.52
N SER A 89 24.57 -13.44 -17.09
CA SER A 89 25.30 -14.67 -17.43
C SER A 89 24.35 -15.86 -17.47
N GLY A 90 23.59 -16.06 -16.40
CA GLY A 90 22.66 -17.16 -16.34
C GLY A 90 23.29 -18.43 -15.79
N GLY A 1 15.62 -11.92 -1.73
CA GLY A 1 15.83 -12.42 -3.08
C GLY A 1 17.17 -11.96 -3.65
N SER A 2 17.46 -12.39 -4.87
CA SER A 2 18.72 -12.03 -5.52
C SER A 2 18.49 -10.94 -6.58
N SER A 3 17.56 -11.21 -7.48
CA SER A 3 17.24 -10.25 -8.55
C SER A 3 16.14 -9.29 -8.11
N GLY A 4 16.00 -8.19 -8.84
CA GLY A 4 14.98 -7.22 -8.52
C GLY A 4 15.50 -6.12 -7.61
N SER A 5 16.07 -6.51 -6.47
CA SER A 5 16.60 -5.56 -5.51
C SER A 5 15.56 -4.49 -5.18
N SER A 6 14.33 -4.91 -4.98
CA SER A 6 13.24 -3.99 -4.67
C SER A 6 13.38 -3.47 -3.23
N GLY A 7 13.11 -2.18 -3.06
CA GLY A 7 13.21 -1.58 -1.74
C GLY A 7 11.85 -1.43 -1.08
N MET A 8 11.19 -0.31 -1.37
CA MET A 8 9.87 -0.05 -0.78
C MET A 8 8.76 -0.52 -1.72
N VAL A 9 7.53 -0.48 -1.23
CA VAL A 9 6.38 -0.91 -2.02
C VAL A 9 5.19 0.03 -1.81
N LYS A 10 4.63 0.51 -2.92
CA LYS A 10 3.49 1.42 -2.87
C LYS A 10 2.18 0.64 -2.74
N LEU A 11 1.15 1.30 -2.24
CA LEU A 11 -0.16 0.67 -2.07
C LEU A 11 -1.27 1.61 -2.52
N PHE A 12 -2.26 1.04 -3.21
CA PHE A 12 -3.39 1.83 -3.70
C PHE A 12 -4.62 1.61 -2.84
N ILE A 13 -5.14 2.69 -2.27
CA ILE A 13 -6.32 2.62 -1.41
C ILE A 13 -7.42 3.56 -1.91
N GLY A 14 -8.54 2.98 -2.30
CA GLY A 14 -9.66 3.78 -2.79
C GLY A 14 -10.87 3.71 -1.88
N ASN A 15 -11.93 4.43 -2.24
CA ASN A 15 -13.15 4.45 -1.45
C ASN A 15 -12.86 4.92 -0.03
N LEU A 16 -12.20 6.07 0.08
CA LEU A 16 -11.86 6.64 1.39
C LEU A 16 -12.91 7.65 1.83
N PRO A 17 -13.21 7.67 3.13
CA PRO A 17 -14.20 8.59 3.71
C PRO A 17 -13.64 10.00 3.89
N ARG A 18 -14.36 10.83 4.63
CA ARG A 18 -13.95 12.20 4.87
C ARG A 18 -13.15 12.31 6.17
N GLU A 19 -13.36 11.34 7.06
CA GLU A 19 -12.67 11.33 8.35
C GLU A 19 -11.28 10.71 8.20
N ALA A 20 -11.10 9.90 7.17
CA ALA A 20 -9.82 9.25 6.92
C ALA A 20 -8.69 10.28 6.78
N THR A 21 -7.68 10.18 7.63
CA THR A 21 -6.55 11.09 7.59
C THR A 21 -5.25 10.36 7.33
N GLU A 22 -4.29 11.05 6.72
CA GLU A 22 -2.99 10.45 6.41
C GLU A 22 -2.52 9.56 7.56
N GLN A 23 -2.47 10.12 8.76
CA GLN A 23 -2.03 9.38 9.94
C GLN A 23 -2.85 8.10 10.11
N GLU A 24 -4.13 8.27 10.44
CA GLU A 24 -5.02 7.14 10.65
C GLU A 24 -4.68 6.00 9.69
N ILE A 25 -4.57 6.33 8.40
CA ILE A 25 -4.25 5.33 7.38
C ILE A 25 -2.85 4.75 7.61
N ARG A 26 -1.86 5.62 7.74
CA ARG A 26 -0.48 5.20 7.97
C ARG A 26 -0.41 4.18 9.10
N SER A 27 -1.02 4.52 10.23
CA SER A 27 -1.03 3.64 11.40
C SER A 27 -1.52 2.25 11.03
N LEU A 28 -2.68 2.20 10.38
CA LEU A 28 -3.27 0.93 9.97
C LEU A 28 -2.22 0.02 9.33
N PHE A 29 -1.23 0.63 8.69
CA PHE A 29 -0.16 -0.13 8.05
C PHE A 29 1.01 -0.33 9.00
N GLU A 30 1.25 0.67 9.85
CA GLU A 30 2.34 0.60 10.81
C GLU A 30 2.24 -0.64 11.69
N GLN A 31 1.06 -1.26 11.67
CA GLN A 31 0.83 -2.47 12.46
C GLN A 31 1.34 -3.71 11.74
N TYR A 32 1.43 -3.61 10.42
CA TYR A 32 1.91 -4.73 9.61
C TYR A 32 3.18 -4.35 8.85
N GLY A 33 3.77 -3.22 9.23
CA GLY A 33 4.99 -2.76 8.58
C GLY A 33 5.13 -1.26 8.63
N LYS A 34 6.36 -0.78 8.86
CA LYS A 34 6.64 0.64 8.92
C LYS A 34 6.29 1.32 7.60
N VAL A 35 5.60 2.46 7.69
CA VAL A 35 5.20 3.20 6.51
C VAL A 35 6.21 4.31 6.20
N LEU A 36 6.53 4.46 4.92
CA LEU A 36 7.47 5.49 4.48
C LEU A 36 6.76 6.80 4.16
N GLU A 37 5.76 6.72 3.30
CA GLU A 37 4.99 7.91 2.91
C GLU A 37 3.50 7.59 2.85
N CYS A 38 2.67 8.62 3.03
CA CYS A 38 1.22 8.45 2.99
C CYS A 38 0.55 9.73 2.52
N ASP A 39 -0.17 9.64 1.40
CA ASP A 39 -0.86 10.79 0.84
C ASP A 39 -2.29 10.43 0.45
N ILE A 40 -3.25 11.25 0.86
CA ILE A 40 -4.65 11.01 0.55
C ILE A 40 -5.22 12.13 -0.32
N ILE A 41 -5.55 11.79 -1.56
CA ILE A 41 -6.11 12.77 -2.49
C ILE A 41 -7.07 12.10 -3.47
N LYS A 42 -7.87 12.92 -4.14
CA LYS A 42 -8.85 12.42 -5.10
C LYS A 42 -9.55 11.17 -4.58
N ASN A 43 -10.07 11.26 -3.36
CA ASN A 43 -10.77 10.15 -2.73
C ASN A 43 -9.93 8.88 -2.80
N TYR A 44 -8.62 9.03 -2.62
CA TYR A 44 -7.70 7.90 -2.66
C TYR A 44 -6.50 8.15 -1.76
N GLY A 45 -5.84 7.08 -1.34
CA GLY A 45 -4.67 7.19 -0.48
C GLY A 45 -3.56 6.25 -0.88
N PHE A 46 -2.34 6.77 -0.96
CA PHE A 46 -1.18 5.96 -1.34
C PHE A 46 -0.30 5.68 -0.12
N VAL A 47 -0.03 4.40 0.12
CA VAL A 47 0.80 4.00 1.25
C VAL A 47 2.03 3.22 0.78
N HIS A 48 3.21 3.72 1.10
CA HIS A 48 4.45 3.07 0.71
C HIS A 48 5.06 2.31 1.89
N ILE A 49 4.71 1.03 2.00
CA ILE A 49 5.22 0.18 3.07
C ILE A 49 6.71 -0.08 2.92
N GLU A 50 7.33 -0.57 3.97
CA GLU A 50 8.76 -0.87 3.94
C GLU A 50 9.06 -2.05 3.02
N ASP A 51 8.73 -3.26 3.48
CA ASP A 51 8.96 -4.47 2.70
C ASP A 51 7.66 -4.92 2.02
N LYS A 52 7.81 -5.66 0.92
CA LYS A 52 6.65 -6.16 0.19
C LYS A 52 5.83 -7.11 1.04
N THR A 53 6.48 -8.12 1.59
CA THR A 53 5.81 -9.11 2.44
C THR A 53 4.98 -8.42 3.52
N ALA A 54 5.40 -7.22 3.91
CA ALA A 54 4.70 -6.46 4.93
C ALA A 54 3.34 -5.98 4.42
N ALA A 55 3.27 -5.69 3.13
CA ALA A 55 2.03 -5.22 2.52
C ALA A 55 0.96 -6.32 2.53
N GLU A 56 1.26 -7.43 1.86
CA GLU A 56 0.34 -8.55 1.79
C GLU A 56 -0.30 -8.82 3.15
N ASP A 57 0.52 -8.76 4.20
CA ASP A 57 0.04 -8.99 5.56
C ASP A 57 -1.09 -8.04 5.91
N ALA A 58 -0.86 -6.75 5.67
CA ALA A 58 -1.86 -5.72 5.96
C ALA A 58 -3.00 -5.78 4.95
N ILE A 59 -2.67 -5.60 3.67
CA ILE A 59 -3.67 -5.63 2.61
C ILE A 59 -4.78 -6.62 2.93
N ARG A 60 -4.42 -7.90 3.03
CA ARG A 60 -5.40 -8.93 3.33
C ARG A 60 -6.42 -8.45 4.34
N ASN A 61 -5.95 -7.94 5.47
CA ASN A 61 -6.83 -7.45 6.52
C ASN A 61 -7.50 -6.14 6.09
N LEU A 62 -6.71 -5.07 6.06
CA LEU A 62 -7.22 -3.76 5.66
C LEU A 62 -8.29 -3.89 4.57
N HIS A 63 -7.90 -4.48 3.45
CA HIS A 63 -8.83 -4.68 2.34
C HIS A 63 -10.24 -4.95 2.84
N HIS A 64 -11.17 -4.05 2.53
CA HIS A 64 -12.56 -4.20 2.95
C HIS A 64 -12.70 -3.97 4.45
N TYR A 65 -11.88 -3.07 4.98
CA TYR A 65 -11.90 -2.77 6.41
C TYR A 65 -12.91 -1.66 6.70
N LYS A 66 -13.73 -1.87 7.72
CA LYS A 66 -14.75 -0.90 8.11
C LYS A 66 -14.10 0.33 8.74
N LEU A 67 -14.06 1.42 8.00
CA LEU A 67 -13.46 2.67 8.49
C LEU A 67 -14.48 3.80 8.46
N HIS A 68 -15.20 3.97 9.57
CA HIS A 68 -16.21 5.02 9.67
C HIS A 68 -17.43 4.70 8.82
N GLY A 69 -17.96 3.49 9.00
CA GLY A 69 -19.12 3.07 8.24
C GLY A 69 -18.85 3.03 6.75
N VAL A 70 -17.60 2.77 6.38
CA VAL A 70 -17.21 2.71 4.97
C VAL A 70 -16.48 1.41 4.66
N ASN A 71 -16.20 1.18 3.39
CA ASN A 71 -15.50 -0.03 2.96
C ASN A 71 -14.32 0.32 2.05
N ILE A 72 -13.19 0.65 2.67
CA ILE A 72 -11.99 1.00 1.91
C ILE A 72 -11.57 -0.14 0.98
N ASN A 73 -10.93 0.22 -0.12
CA ASN A 73 -10.47 -0.77 -1.09
C ASN A 73 -8.95 -0.76 -1.21
N VAL A 74 -8.32 -1.84 -0.76
CA VAL A 74 -6.87 -1.96 -0.82
C VAL A 74 -6.44 -2.88 -1.95
N GLU A 75 -5.35 -2.50 -2.63
CA GLU A 75 -4.84 -3.31 -3.74
C GLU A 75 -3.47 -2.80 -4.17
N ALA A 76 -2.56 -3.74 -4.44
CA ALA A 76 -1.21 -3.40 -4.87
C ALA A 76 -1.23 -2.63 -6.19
N SER A 77 -0.79 -1.38 -6.14
CA SER A 77 -0.75 -0.54 -7.33
C SER A 77 0.09 -1.18 -8.43
N LYS A 78 -0.35 -1.02 -9.67
CA LYS A 78 0.36 -1.58 -10.82
C LYS A 78 1.24 -0.54 -11.47
N ASN A 79 2.55 -0.66 -11.24
CA ASN A 79 3.52 0.28 -11.80
C ASN A 79 4.65 -0.46 -12.49
N LYS A 80 5.05 0.02 -13.67
CA LYS A 80 6.13 -0.59 -14.42
C LYS A 80 6.83 0.44 -15.30
N SER A 81 8.16 0.40 -15.31
CA SER A 81 8.95 1.33 -16.10
C SER A 81 10.40 0.86 -16.20
N LYS A 82 10.94 0.88 -17.41
CA LYS A 82 12.33 0.46 -17.63
C LYS A 82 13.25 1.02 -16.56
N ALA A 83 14.40 0.39 -16.38
CA ALA A 83 15.37 0.82 -15.39
C ALA A 83 16.70 1.19 -16.03
N SER A 84 17.20 0.33 -16.90
CA SER A 84 18.46 0.58 -17.58
C SER A 84 18.59 -0.30 -18.84
N SER A 85 19.45 0.10 -19.75
CA SER A 85 19.67 -0.63 -20.98
C SER A 85 21.09 -1.15 -21.08
N GLY A 86 21.35 -2.30 -20.47
CA GLY A 86 22.68 -2.88 -20.50
C GLY A 86 23.73 -1.94 -19.94
N PRO A 87 24.04 -2.08 -18.65
CA PRO A 87 25.04 -1.25 -17.98
C PRO A 87 26.31 -1.08 -18.79
N SER A 88 26.67 0.16 -19.08
CA SER A 88 27.87 0.45 -19.87
C SER A 88 29.12 0.21 -19.04
N SER A 89 29.21 0.87 -17.88
CA SER A 89 30.36 0.73 -17.00
C SER A 89 30.04 -0.21 -15.85
N GLY A 90 30.94 -1.16 -15.60
CA GLY A 90 30.75 -2.10 -14.52
C GLY A 90 31.30 -3.48 -14.83
N GLY A 1 24.82 -10.89 -2.84
CA GLY A 1 23.40 -10.64 -2.68
C GLY A 1 22.74 -10.22 -3.97
N SER A 2 21.92 -11.12 -4.53
CA SER A 2 21.23 -10.84 -5.78
C SER A 2 19.87 -10.20 -5.52
N SER A 3 19.84 -9.26 -4.58
CA SER A 3 18.60 -8.57 -4.23
C SER A 3 18.88 -7.15 -3.75
N GLY A 4 17.87 -6.29 -3.85
CA GLY A 4 18.03 -4.91 -3.42
C GLY A 4 17.94 -4.76 -1.92
N SER A 5 18.93 -4.10 -1.33
CA SER A 5 18.97 -3.89 0.11
C SER A 5 17.79 -3.04 0.57
N SER A 6 17.65 -1.87 -0.05
CA SER A 6 16.56 -0.95 0.29
C SER A 6 15.47 -0.99 -0.77
N GLY A 7 14.23 -0.77 -0.34
CA GLY A 7 13.11 -0.78 -1.26
C GLY A 7 11.78 -0.53 -0.57
N MET A 8 10.78 -0.15 -1.35
CA MET A 8 9.45 0.12 -0.80
C MET A 8 8.36 -0.38 -1.75
N VAL A 9 7.12 -0.36 -1.27
CA VAL A 9 5.99 -0.81 -2.08
C VAL A 9 4.77 0.09 -1.88
N LYS A 10 4.31 0.71 -2.96
CA LYS A 10 3.16 1.59 -2.91
C LYS A 10 1.85 0.79 -2.87
N LEU A 11 0.84 1.35 -2.22
CA LEU A 11 -0.45 0.70 -2.12
C LEU A 11 -1.58 1.67 -2.42
N PHE A 12 -2.45 1.28 -3.35
CA PHE A 12 -3.59 2.13 -3.74
C PHE A 12 -4.77 1.90 -2.80
N ILE A 13 -5.33 3.00 -2.30
CA ILE A 13 -6.48 2.93 -1.40
C ILE A 13 -7.64 3.78 -1.91
N GLY A 14 -8.65 3.13 -2.45
CA GLY A 14 -9.81 3.84 -2.97
C GLY A 14 -11.00 3.77 -2.03
N ASN A 15 -12.02 4.57 -2.31
CA ASN A 15 -13.22 4.60 -1.48
C ASN A 15 -12.90 5.07 -0.07
N LEU A 16 -12.15 6.16 0.02
CA LEU A 16 -11.78 6.73 1.32
C LEU A 16 -12.83 7.71 1.81
N PRO A 17 -13.07 7.71 3.14
CA PRO A 17 -14.04 8.60 3.77
C PRO A 17 -13.53 10.01 3.94
N ARG A 18 -14.37 10.90 4.45
CA ARG A 18 -14.00 12.29 4.65
C ARG A 18 -13.25 12.47 5.98
N GLU A 19 -13.60 11.64 6.95
CA GLU A 19 -12.95 11.70 8.26
C GLU A 19 -11.54 11.14 8.21
N ALA A 20 -11.33 10.16 7.33
CA ALA A 20 -10.02 9.55 7.17
C ALA A 20 -8.90 10.57 7.35
N THR A 21 -7.80 10.15 7.97
CA THR A 21 -6.67 11.02 8.21
C THR A 21 -5.36 10.36 7.80
N GLU A 22 -4.52 11.10 7.07
CA GLU A 22 -3.24 10.57 6.62
C GLU A 22 -2.64 9.63 7.66
N GLN A 23 -2.81 9.98 8.93
CA GLN A 23 -2.28 9.17 10.03
C GLN A 23 -3.09 7.89 10.20
N GLU A 24 -4.37 8.05 10.51
CA GLU A 24 -5.26 6.91 10.71
C GLU A 24 -4.92 5.79 9.73
N ILE A 25 -4.64 6.15 8.49
CA ILE A 25 -4.28 5.18 7.46
C ILE A 25 -2.88 4.61 7.68
N ARG A 26 -1.94 5.50 7.99
CA ARG A 26 -0.56 5.09 8.22
C ARG A 26 -0.49 4.03 9.31
N SER A 27 -1.01 4.35 10.49
CA SER A 27 -1.01 3.43 11.62
C SER A 27 -1.50 2.05 11.19
N LEU A 28 -2.64 2.02 10.51
CA LEU A 28 -3.22 0.78 10.04
C LEU A 28 -2.16 -0.11 9.39
N PHE A 29 -1.21 0.50 8.70
CA PHE A 29 -0.14 -0.22 8.05
C PHE A 29 1.02 -0.48 9.00
N GLU A 30 1.21 0.45 9.93
CA GLU A 30 2.29 0.34 10.91
C GLU A 30 2.27 -1.04 11.58
N GLN A 31 1.10 -1.45 12.05
CA GLN A 31 0.94 -2.74 12.70
C GLN A 31 1.33 -3.88 11.77
N TYR A 32 1.44 -3.56 10.48
CA TYR A 32 1.79 -4.56 9.48
C TYR A 32 2.97 -4.10 8.64
N GLY A 33 3.83 -3.26 9.22
CA GLY A 33 4.98 -2.76 8.52
C GLY A 33 5.12 -1.25 8.64
N LYS A 34 6.37 -0.78 8.74
CA LYS A 34 6.63 0.65 8.86
C LYS A 34 6.27 1.38 7.57
N VAL A 35 5.45 2.42 7.71
CA VAL A 35 5.03 3.21 6.55
C VAL A 35 6.03 4.30 6.24
N LEU A 36 6.41 4.41 4.97
CA LEU A 36 7.36 5.42 4.53
C LEU A 36 6.65 6.68 4.07
N GLU A 37 5.70 6.53 3.16
CA GLU A 37 4.94 7.67 2.65
C GLU A 37 3.44 7.39 2.71
N CYS A 38 2.66 8.46 2.86
CA CYS A 38 1.21 8.34 2.93
C CYS A 38 0.53 9.63 2.49
N ASP A 39 -0.20 9.55 1.38
CA ASP A 39 -0.90 10.72 0.84
C ASP A 39 -2.36 10.39 0.57
N ILE A 40 -3.18 11.44 0.47
CA ILE A 40 -4.61 11.26 0.23
C ILE A 40 -5.13 12.32 -0.74
N ILE A 41 -5.37 11.91 -1.98
CA ILE A 41 -5.87 12.82 -3.01
C ILE A 41 -6.84 12.11 -3.95
N LYS A 42 -7.84 12.83 -4.42
CA LYS A 42 -8.83 12.28 -5.33
C LYS A 42 -9.51 11.05 -4.71
N ASN A 43 -10.07 11.22 -3.52
CA ASN A 43 -10.75 10.14 -2.83
C ASN A 43 -9.90 8.87 -2.84
N TYR A 44 -8.59 9.04 -2.97
CA TYR A 44 -7.67 7.92 -3.00
C TYR A 44 -6.39 8.24 -2.22
N GLY A 45 -5.79 7.21 -1.64
CA GLY A 45 -4.56 7.41 -0.88
C GLY A 45 -3.50 6.38 -1.22
N PHE A 46 -2.24 6.81 -1.18
CA PHE A 46 -1.13 5.92 -1.49
C PHE A 46 -0.29 5.62 -0.25
N VAL A 47 0.01 4.34 -0.04
CA VAL A 47 0.78 3.93 1.11
C VAL A 47 2.03 3.16 0.69
N HIS A 48 3.20 3.70 1.03
CA HIS A 48 4.46 3.07 0.68
C HIS A 48 5.05 2.31 1.86
N ILE A 49 4.76 1.01 1.93
CA ILE A 49 5.26 0.17 3.01
C ILE A 49 6.75 -0.11 2.86
N GLU A 50 7.38 -0.58 3.94
CA GLU A 50 8.80 -0.89 3.92
C GLU A 50 9.08 -2.08 2.99
N ASP A 51 8.75 -3.27 3.46
CA ASP A 51 8.97 -4.49 2.67
C ASP A 51 7.65 -4.98 2.05
N LYS A 52 7.76 -5.57 0.87
CA LYS A 52 6.58 -6.09 0.17
C LYS A 52 5.80 -7.04 1.07
N THR A 53 6.48 -8.06 1.60
CA THR A 53 5.84 -9.03 2.46
C THR A 53 4.92 -8.36 3.47
N ALA A 54 5.40 -7.26 4.06
CA ALA A 54 4.62 -6.51 5.04
C ALA A 54 3.27 -6.09 4.46
N ALA A 55 3.28 -5.67 3.20
CA ALA A 55 2.06 -5.23 2.53
C ALA A 55 0.97 -6.29 2.62
N GLU A 56 1.31 -7.53 2.25
CA GLU A 56 0.36 -8.63 2.29
C GLU A 56 -0.30 -8.72 3.66
N ASP A 57 0.51 -8.62 4.71
CA ASP A 57 0.00 -8.69 6.08
C ASP A 57 -1.14 -7.69 6.29
N ALA A 58 -0.97 -6.50 5.72
CA ALA A 58 -1.98 -5.45 5.85
C ALA A 58 -3.09 -5.62 4.82
N ILE A 59 -2.74 -5.49 3.54
CA ILE A 59 -3.70 -5.64 2.46
C ILE A 59 -4.76 -6.68 2.81
N ARG A 60 -4.32 -7.92 3.01
CA ARG A 60 -5.24 -9.00 3.36
C ARG A 60 -6.33 -8.52 4.30
N ASN A 61 -5.93 -7.92 5.42
CA ASN A 61 -6.88 -7.42 6.41
C ASN A 61 -7.47 -6.08 5.95
N LEU A 62 -6.64 -5.05 5.94
CA LEU A 62 -7.09 -3.72 5.53
C LEU A 62 -8.12 -3.81 4.40
N HIS A 63 -7.71 -4.43 3.30
CA HIS A 63 -8.60 -4.59 2.15
C HIS A 63 -10.03 -4.85 2.60
N HIS A 64 -10.93 -3.94 2.23
CA HIS A 64 -12.34 -4.07 2.60
C HIS A 64 -12.52 -3.95 4.11
N TYR A 65 -11.70 -3.11 4.72
CA TYR A 65 -11.77 -2.89 6.17
C TYR A 65 -12.80 -1.82 6.51
N LYS A 66 -13.42 -1.96 7.67
CA LYS A 66 -14.43 -1.00 8.12
C LYS A 66 -13.77 0.18 8.82
N LEU A 67 -13.74 1.32 8.13
CA LEU A 67 -13.14 2.53 8.68
C LEU A 67 -14.13 3.68 8.67
N HIS A 68 -14.83 3.88 9.78
CA HIS A 68 -15.80 4.95 9.90
C HIS A 68 -17.05 4.63 9.09
N GLY A 69 -17.52 3.39 9.20
CA GLY A 69 -18.71 2.98 8.46
C GLY A 69 -18.49 2.98 6.97
N VAL A 70 -17.29 2.61 6.54
CA VAL A 70 -16.96 2.57 5.12
C VAL A 70 -16.12 1.35 4.78
N ASN A 71 -16.26 0.86 3.55
CA ASN A 71 -15.50 -0.31 3.11
C ASN A 71 -14.39 0.09 2.15
N ILE A 72 -13.32 0.65 2.70
CA ILE A 72 -12.18 1.07 1.89
C ILE A 72 -11.68 -0.06 1.01
N ASN A 73 -11.10 0.30 -0.13
CA ASN A 73 -10.58 -0.69 -1.07
C ASN A 73 -9.06 -0.57 -1.19
N VAL A 74 -8.36 -1.67 -0.87
CA VAL A 74 -6.90 -1.69 -0.95
C VAL A 74 -6.43 -2.61 -2.06
N GLU A 75 -5.50 -2.12 -2.87
CA GLU A 75 -4.96 -2.90 -3.97
C GLU A 75 -3.44 -2.76 -4.05
N ALA A 76 -2.75 -3.90 -4.10
CA ALA A 76 -1.29 -3.90 -4.17
C ALA A 76 -0.80 -3.24 -5.45
N SER A 77 -0.66 -1.92 -5.41
CA SER A 77 -0.20 -1.16 -6.57
C SER A 77 1.02 -1.82 -7.20
N LYS A 78 1.47 -1.27 -8.33
CA LYS A 78 2.63 -1.79 -9.02
C LYS A 78 3.36 -0.68 -9.79
N ASN A 79 4.69 -0.72 -9.73
CA ASN A 79 5.50 0.29 -10.42
C ASN A 79 6.59 -0.37 -11.26
N LYS A 80 7.28 -1.35 -10.66
CA LYS A 80 8.35 -2.06 -11.35
C LYS A 80 8.06 -3.56 -11.39
N SER A 81 8.23 -4.16 -12.56
CA SER A 81 8.00 -5.59 -12.73
C SER A 81 9.12 -6.41 -12.11
N LYS A 82 10.36 -6.08 -12.49
CA LYS A 82 11.52 -6.78 -11.97
C LYS A 82 12.59 -5.80 -11.52
N ALA A 83 13.62 -6.32 -10.84
CA ALA A 83 14.71 -5.48 -10.36
C ALA A 83 15.42 -4.78 -11.51
N SER A 84 15.65 -5.52 -12.59
CA SER A 84 16.33 -4.96 -13.75
C SER A 84 15.34 -4.73 -14.90
N SER A 85 14.90 -3.48 -15.05
CA SER A 85 13.95 -3.13 -16.10
C SER A 85 14.68 -2.82 -17.40
N GLY A 86 15.52 -3.75 -17.84
CA GLY A 86 16.26 -3.56 -19.07
C GLY A 86 15.86 -4.53 -20.15
N PRO A 87 14.95 -4.09 -21.04
CA PRO A 87 14.46 -4.93 -22.14
C PRO A 87 15.48 -5.08 -23.26
N SER A 88 16.23 -6.17 -23.23
CA SER A 88 17.25 -6.43 -24.24
C SER A 88 18.21 -5.24 -24.36
N SER A 89 18.59 -4.69 -23.21
CA SER A 89 19.50 -3.55 -23.19
C SER A 89 20.92 -3.99 -23.53
N GLY A 90 21.42 -4.97 -22.80
CA GLY A 90 22.77 -5.46 -23.04
C GLY A 90 23.13 -6.62 -22.14
#